data_2PL1
# 
_entry.id   2PL1 
# 
_audit_conform.dict_name       mmcif_pdbx.dic 
_audit_conform.dict_version    5.399 
_audit_conform.dict_location   http://mmcif.pdb.org/dictionaries/ascii/mmcif_pdbx.dic 
# 
loop_
_database_2.database_id 
_database_2.database_code 
_database_2.pdbx_database_accession 
_database_2.pdbx_DOI 
PDB   2PL1         pdb_00002pl1 10.2210/pdb2pl1/pdb 
RCSB  RCSB042494   ?            ?                   
WWPDB D_1000042494 ?            ?                   
# 
loop_
_pdbx_audit_revision_history.ordinal 
_pdbx_audit_revision_history.data_content_type 
_pdbx_audit_revision_history.major_revision 
_pdbx_audit_revision_history.minor_revision 
_pdbx_audit_revision_history.revision_date 
1 'Structure model' 1 0 2007-05-22 
2 'Structure model' 1 1 2008-05-01 
3 'Structure model' 1 2 2011-07-13 
4 'Structure model' 1 3 2020-04-15 
5 'Structure model' 1 4 2021-10-20 
6 'Structure model' 1 5 2024-11-20 
# 
_pdbx_audit_revision_details.ordinal             1 
_pdbx_audit_revision_details.revision_ordinal    1 
_pdbx_audit_revision_details.data_content_type   'Structure model' 
_pdbx_audit_revision_details.provider            repository 
_pdbx_audit_revision_details.type                'Initial release' 
_pdbx_audit_revision_details.description         ? 
_pdbx_audit_revision_details.details             ? 
# 
loop_
_pdbx_audit_revision_group.ordinal 
_pdbx_audit_revision_group.revision_ordinal 
_pdbx_audit_revision_group.data_content_type 
_pdbx_audit_revision_group.group 
1 2 'Structure model' 'Version format compliance' 
2 3 'Structure model' 'Version format compliance' 
3 4 'Structure model' 'Data collection'           
4 4 'Structure model' 'Database references'       
5 4 'Structure model' 'Derived calculations'      
6 5 'Structure model' 'Database references'       
7 5 'Structure model' 'Derived calculations'      
8 6 'Structure model' 'Data collection'           
9 6 'Structure model' 'Structure summary'         
# 
loop_
_pdbx_audit_revision_category.ordinal 
_pdbx_audit_revision_category.revision_ordinal 
_pdbx_audit_revision_category.data_content_type 
_pdbx_audit_revision_category.category 
1  4 'Structure model' reflns                    
2  4 'Structure model' struct_conn               
3  4 'Structure model' struct_ref_seq_dif        
4  5 'Structure model' database_2                
5  5 'Structure model' pdbx_struct_conn_angle    
6  5 'Structure model' struct_conn               
7  5 'Structure model' struct_conn_type          
8  5 'Structure model' struct_ref_seq_dif        
9  5 'Structure model' struct_site               
10 6 'Structure model' chem_comp_atom            
11 6 'Structure model' chem_comp_bond            
12 6 'Structure model' pdbx_entry_details        
13 6 'Structure model' pdbx_modification_feature 
# 
loop_
_pdbx_audit_revision_item.ordinal 
_pdbx_audit_revision_item.revision_ordinal 
_pdbx_audit_revision_item.data_content_type 
_pdbx_audit_revision_item.item 
1  4 'Structure model' '_reflns.pdbx_Rmerge_I_obs'                   
2  4 'Structure model' '_struct_conn.pdbx_leaving_atom_flag'         
3  4 'Structure model' '_struct_ref_seq_dif.details'                 
4  5 'Structure model' '_database_2.pdbx_DOI'                        
5  5 'Structure model' '_database_2.pdbx_database_accession'         
6  5 'Structure model' '_pdbx_struct_conn_angle.ptnr1_auth_comp_id'  
7  5 'Structure model' '_pdbx_struct_conn_angle.ptnr1_auth_seq_id'   
8  5 'Structure model' '_pdbx_struct_conn_angle.ptnr1_label_asym_id' 
9  5 'Structure model' '_pdbx_struct_conn_angle.ptnr1_label_atom_id' 
10 5 'Structure model' '_pdbx_struct_conn_angle.ptnr1_label_comp_id' 
11 5 'Structure model' '_pdbx_struct_conn_angle.ptnr1_label_seq_id'  
12 5 'Structure model' '_pdbx_struct_conn_angle.ptnr3_auth_comp_id'  
13 5 'Structure model' '_pdbx_struct_conn_angle.ptnr3_auth_seq_id'   
14 5 'Structure model' '_pdbx_struct_conn_angle.ptnr3_label_asym_id' 
15 5 'Structure model' '_pdbx_struct_conn_angle.ptnr3_label_atom_id' 
16 5 'Structure model' '_pdbx_struct_conn_angle.ptnr3_label_comp_id' 
17 5 'Structure model' '_pdbx_struct_conn_angle.ptnr3_label_seq_id'  
18 5 'Structure model' '_pdbx_struct_conn_angle.value'               
19 5 'Structure model' '_struct_conn.conn_type_id'                   
20 5 'Structure model' '_struct_conn.id'                             
21 5 'Structure model' '_struct_conn.pdbx_dist_value'                
22 5 'Structure model' '_struct_conn.pdbx_leaving_atom_flag'         
23 5 'Structure model' '_struct_conn.ptnr1_auth_comp_id'             
24 5 'Structure model' '_struct_conn.ptnr1_auth_seq_id'              
25 5 'Structure model' '_struct_conn.ptnr1_label_asym_id'            
26 5 'Structure model' '_struct_conn.ptnr1_label_atom_id'            
27 5 'Structure model' '_struct_conn.ptnr1_label_comp_id'            
28 5 'Structure model' '_struct_conn.ptnr1_label_seq_id'             
29 5 'Structure model' '_struct_conn.ptnr2_auth_comp_id'             
30 5 'Structure model' '_struct_conn.ptnr2_auth_seq_id'              
31 5 'Structure model' '_struct_conn.ptnr2_label_asym_id'            
32 5 'Structure model' '_struct_conn.ptnr2_label_atom_id'            
33 5 'Structure model' '_struct_conn.ptnr2_label_comp_id'            
34 5 'Structure model' '_struct_conn.ptnr2_label_seq_id'             
35 5 'Structure model' '_struct_conn_type.id'                        
36 5 'Structure model' '_struct_ref_seq_dif.details'                 
37 5 'Structure model' '_struct_site.pdbx_auth_asym_id'              
38 5 'Structure model' '_struct_site.pdbx_auth_comp_id'              
39 5 'Structure model' '_struct_site.pdbx_auth_seq_id'               
# 
_pdbx_database_PDB_obs_spr.id               SPRSDE 
_pdbx_database_PDB_obs_spr.date             2007-05-22 
_pdbx_database_PDB_obs_spr.pdb_id           2PL1 
_pdbx_database_PDB_obs_spr.replace_pdb_id   2EUB 
_pdbx_database_PDB_obs_spr.details          ? 
# 
_pdbx_database_status.status_code                     REL 
_pdbx_database_status.entry_id                        2PL1 
_pdbx_database_status.recvd_initial_deposition_date   2007-04-18 
_pdbx_database_status.deposit_site                    RCSB 
_pdbx_database_status.process_site                    RCSB 
_pdbx_database_status.status_code_sf                  REL 
_pdbx_database_status.status_code_mr                  ? 
_pdbx_database_status.SG_entry                        ? 
_pdbx_database_status.pdb_format_compatible           Y 
_pdbx_database_status.status_code_cs                  ? 
_pdbx_database_status.methods_development_category    ? 
_pdbx_database_status.status_code_nmr_data            ? 
# 
_pdbx_database_related.db_name        PDB 
_pdbx_database_related.db_id          2PKX 
_pdbx_database_related.details        'Unactivated E.coli PhoP receiver domain' 
_pdbx_database_related.content_type   unspecified 
# 
_audit_author.name           'Bachhawat, P.' 
_audit_author.pdbx_ordinal   1 
# 
_citation.id                        primary 
_citation.title                     
;Crystal Structures of the Receiver Domain of the Response Regulator PhoP from Escherichia coli in the Absence and Presence of the Phosphoryl Analog Beryllofluoride.
;
_citation.journal_abbrev            J.Bacteriol. 
_citation.journal_volume            189 
_citation.page_first                5987 
_citation.page_last                 5995 
_citation.year                      2007 
_citation.journal_id_ASTM           JOBAAY 
_citation.country                   US 
_citation.journal_id_ISSN           0021-9193 
_citation.journal_id_CSD            0767 
_citation.book_publisher            ? 
_citation.pdbx_database_id_PubMed   17545283 
_citation.pdbx_database_id_DOI      10.1128/JB.00049-07 
# 
loop_
_citation_author.citation_id 
_citation_author.name 
_citation_author.ordinal 
_citation_author.identifier_ORCID 
primary 'Bachhawat, P.' 1 ? 
primary 'Stock, A.M.'   2 ? 
# 
loop_
_entity.id 
_entity.type 
_entity.src_method 
_entity.pdbx_description 
_entity.formula_weight 
_entity.pdbx_number_of_molecules 
_entity.pdbx_ec 
_entity.pdbx_mutation 
_entity.pdbx_fragment 
_entity.details 
1 polymer     man 'Transcriptional regulatory protein phoP' 14049.205 1   ? G121Q 'N-terminal regulatory domain (residues 1-121)' 
? 
2 non-polymer syn 'PLATINUM (II) ION'                       195.078   3   ? ?     ?                                               
? 
3 non-polymer syn 'MAGNESIUM ION'                           24.305    1   ? ?     ?                                               
? 
4 non-polymer syn 'BERYLLIUM TRIFLUORIDE ION'               66.007    1   ? ?     ?                                               
? 
5 water       nat water                                     18.015    109 ? ?     ?                                               
? 
# 
_entity_poly.entity_id                      1 
_entity_poly.type                           'polypeptide(L)' 
_entity_poly.nstd_linkage                   no 
_entity_poly.nstd_monomer                   yes 
_entity_poly.pdbx_seq_one_letter_code       
;(MSE)RVLVVEDNALLRHHLKVQIQDAGHQVDDAEDAKEADYYLNEHIPDIAIVDLGLPDEDGLSLIRRWRSNDVSLPIL
VLTARESWQDKVEVLSAGADDYVTKPFHIEEV(MSE)AR(MSE)QAL(MSE)RRNSQ
;
_entity_poly.pdbx_seq_one_letter_code_can   
;MRVLVVEDNALLRHHLKVQIQDAGHQVDDAEDAKEADYYLNEHIPDIAIVDLGLPDEDGLSLIRRWRSNDVSLPILVLTA
RESWQDKVEVLSAGADDYVTKPFHIEEVMARMQALMRRNSQ
;
_entity_poly.pdbx_strand_id                 A 
_entity_poly.pdbx_target_identifier         ? 
# 
loop_
_pdbx_entity_nonpoly.entity_id 
_pdbx_entity_nonpoly.name 
_pdbx_entity_nonpoly.comp_id 
2 'PLATINUM (II) ION'         PT  
3 'MAGNESIUM ION'             MG  
4 'BERYLLIUM TRIFLUORIDE ION' BEF 
5 water                       HOH 
# 
loop_
_entity_poly_seq.entity_id 
_entity_poly_seq.num 
_entity_poly_seq.mon_id 
_entity_poly_seq.hetero 
1 1   MSE n 
1 2   ARG n 
1 3   VAL n 
1 4   LEU n 
1 5   VAL n 
1 6   VAL n 
1 7   GLU n 
1 8   ASP n 
1 9   ASN n 
1 10  ALA n 
1 11  LEU n 
1 12  LEU n 
1 13  ARG n 
1 14  HIS n 
1 15  HIS n 
1 16  LEU n 
1 17  LYS n 
1 18  VAL n 
1 19  GLN n 
1 20  ILE n 
1 21  GLN n 
1 22  ASP n 
1 23  ALA n 
1 24  GLY n 
1 25  HIS n 
1 26  GLN n 
1 27  VAL n 
1 28  ASP n 
1 29  ASP n 
1 30  ALA n 
1 31  GLU n 
1 32  ASP n 
1 33  ALA n 
1 34  LYS n 
1 35  GLU n 
1 36  ALA n 
1 37  ASP n 
1 38  TYR n 
1 39  TYR n 
1 40  LEU n 
1 41  ASN n 
1 42  GLU n 
1 43  HIS n 
1 44  ILE n 
1 45  PRO n 
1 46  ASP n 
1 47  ILE n 
1 48  ALA n 
1 49  ILE n 
1 50  VAL n 
1 51  ASP n 
1 52  LEU n 
1 53  GLY n 
1 54  LEU n 
1 55  PRO n 
1 56  ASP n 
1 57  GLU n 
1 58  ASP n 
1 59  GLY n 
1 60  LEU n 
1 61  SER n 
1 62  LEU n 
1 63  ILE n 
1 64  ARG n 
1 65  ARG n 
1 66  TRP n 
1 67  ARG n 
1 68  SER n 
1 69  ASN n 
1 70  ASP n 
1 71  VAL n 
1 72  SER n 
1 73  LEU n 
1 74  PRO n 
1 75  ILE n 
1 76  LEU n 
1 77  VAL n 
1 78  LEU n 
1 79  THR n 
1 80  ALA n 
1 81  ARG n 
1 82  GLU n 
1 83  SER n 
1 84  TRP n 
1 85  GLN n 
1 86  ASP n 
1 87  LYS n 
1 88  VAL n 
1 89  GLU n 
1 90  VAL n 
1 91  LEU n 
1 92  SER n 
1 93  ALA n 
1 94  GLY n 
1 95  ALA n 
1 96  ASP n 
1 97  ASP n 
1 98  TYR n 
1 99  VAL n 
1 100 THR n 
1 101 LYS n 
1 102 PRO n 
1 103 PHE n 
1 104 HIS n 
1 105 ILE n 
1 106 GLU n 
1 107 GLU n 
1 108 VAL n 
1 109 MSE n 
1 110 ALA n 
1 111 ARG n 
1 112 MSE n 
1 113 GLN n 
1 114 ALA n 
1 115 LEU n 
1 116 MSE n 
1 117 ARG n 
1 118 ARG n 
1 119 ASN n 
1 120 SER n 
1 121 GLN n 
# 
_entity_src_gen.entity_id                          1 
_entity_src_gen.pdbx_src_id                        1 
_entity_src_gen.pdbx_alt_source_flag               sample 
_entity_src_gen.pdbx_seq_type                      ? 
_entity_src_gen.pdbx_beg_seq_num                   ? 
_entity_src_gen.pdbx_end_seq_num                   ? 
_entity_src_gen.gene_src_common_name               ? 
_entity_src_gen.gene_src_genus                     Escherichia 
_entity_src_gen.pdbx_gene_src_gene                 phoP 
_entity_src_gen.gene_src_species                   ? 
_entity_src_gen.gene_src_strain                    ? 
_entity_src_gen.gene_src_tissue                    ? 
_entity_src_gen.gene_src_tissue_fraction           ? 
_entity_src_gen.gene_src_details                   ? 
_entity_src_gen.pdbx_gene_src_fragment             ? 
_entity_src_gen.pdbx_gene_src_scientific_name      'Escherichia coli' 
_entity_src_gen.pdbx_gene_src_ncbi_taxonomy_id     562 
_entity_src_gen.pdbx_gene_src_variant              ? 
_entity_src_gen.pdbx_gene_src_cell_line            ? 
_entity_src_gen.pdbx_gene_src_atcc                 ? 
_entity_src_gen.pdbx_gene_src_organ                ? 
_entity_src_gen.pdbx_gene_src_organelle            ? 
_entity_src_gen.pdbx_gene_src_cell                 ? 
_entity_src_gen.pdbx_gene_src_cellular_location    ? 
_entity_src_gen.host_org_common_name               ? 
_entity_src_gen.pdbx_host_org_scientific_name      'Escherichia coli BL21' 
_entity_src_gen.pdbx_host_org_ncbi_taxonomy_id     511693 
_entity_src_gen.host_org_genus                     Escherichia 
_entity_src_gen.pdbx_host_org_gene                 ? 
_entity_src_gen.pdbx_host_org_organ                ? 
_entity_src_gen.host_org_species                   'Escherichia coli' 
_entity_src_gen.pdbx_host_org_tissue               ? 
_entity_src_gen.pdbx_host_org_tissue_fraction      ? 
_entity_src_gen.pdbx_host_org_strain               Bl21 
_entity_src_gen.pdbx_host_org_variant              ? 
_entity_src_gen.pdbx_host_org_cell_line            ? 
_entity_src_gen.pdbx_host_org_atcc                 ? 
_entity_src_gen.pdbx_host_org_culture_collection   ? 
_entity_src_gen.pdbx_host_org_cell                 ? 
_entity_src_gen.pdbx_host_org_organelle            ? 
_entity_src_gen.pdbx_host_org_cellular_location    ? 
_entity_src_gen.pdbx_host_org_vector_type          pJES307 
_entity_src_gen.pdbx_host_org_vector               ? 
_entity_src_gen.host_org_details                   ? 
_entity_src_gen.expression_system_id               ? 
_entity_src_gen.plasmid_name                       pEF31 
_entity_src_gen.plasmid_details                    ? 
_entity_src_gen.pdbx_description                   ? 
# 
loop_
_chem_comp.id 
_chem_comp.type 
_chem_comp.mon_nstd_flag 
_chem_comp.name 
_chem_comp.pdbx_synonyms 
_chem_comp.formula 
_chem_comp.formula_weight 
ALA 'L-peptide linking' y ALANINE                     ? 'C3 H7 N O2'     89.093  
ARG 'L-peptide linking' y ARGININE                    ? 'C6 H15 N4 O2 1' 175.209 
ASN 'L-peptide linking' y ASPARAGINE                  ? 'C4 H8 N2 O3'    132.118 
ASP 'L-peptide linking' y 'ASPARTIC ACID'             ? 'C4 H7 N O4'     133.103 
BEF non-polymer         . 'BERYLLIUM TRIFLUORIDE ION' ? 'Be F3 -1'       66.007  
GLN 'L-peptide linking' y GLUTAMINE                   ? 'C5 H10 N2 O3'   146.144 
GLU 'L-peptide linking' y 'GLUTAMIC ACID'             ? 'C5 H9 N O4'     147.129 
GLY 'peptide linking'   y GLYCINE                     ? 'C2 H5 N O2'     75.067  
HIS 'L-peptide linking' y HISTIDINE                   ? 'C6 H10 N3 O2 1' 156.162 
HOH non-polymer         . WATER                       ? 'H2 O'           18.015  
ILE 'L-peptide linking' y ISOLEUCINE                  ? 'C6 H13 N O2'    131.173 
LEU 'L-peptide linking' y LEUCINE                     ? 'C6 H13 N O2'    131.173 
LYS 'L-peptide linking' y LYSINE                      ? 'C6 H15 N2 O2 1' 147.195 
MET 'L-peptide linking' y METHIONINE                  ? 'C5 H11 N O2 S'  149.211 
MG  non-polymer         . 'MAGNESIUM ION'             ? 'Mg 2'           24.305  
MSE 'L-peptide linking' n SELENOMETHIONINE            ? 'C5 H11 N O2 Se' 196.106 
PHE 'L-peptide linking' y PHENYLALANINE               ? 'C9 H11 N O2'    165.189 
PRO 'L-peptide linking' y PROLINE                     ? 'C5 H9 N O2'     115.130 
PT  non-polymer         . 'PLATINUM (II) ION'         ? 'Pt 2'           195.078 
SER 'L-peptide linking' y SERINE                      ? 'C3 H7 N O3'     105.093 
THR 'L-peptide linking' y THREONINE                   ? 'C4 H9 N O3'     119.119 
TRP 'L-peptide linking' y TRYPTOPHAN                  ? 'C11 H12 N2 O2'  204.225 
TYR 'L-peptide linking' y TYROSINE                    ? 'C9 H11 N O3'    181.189 
VAL 'L-peptide linking' y VALINE                      ? 'C5 H11 N O2'    117.146 
# 
loop_
_pdbx_poly_seq_scheme.asym_id 
_pdbx_poly_seq_scheme.entity_id 
_pdbx_poly_seq_scheme.seq_id 
_pdbx_poly_seq_scheme.mon_id 
_pdbx_poly_seq_scheme.ndb_seq_num 
_pdbx_poly_seq_scheme.pdb_seq_num 
_pdbx_poly_seq_scheme.auth_seq_num 
_pdbx_poly_seq_scheme.pdb_mon_id 
_pdbx_poly_seq_scheme.auth_mon_id 
_pdbx_poly_seq_scheme.pdb_strand_id 
_pdbx_poly_seq_scheme.pdb_ins_code 
_pdbx_poly_seq_scheme.hetero 
A 1 1   MSE 1   1   1   MSE MSE A . n 
A 1 2   ARG 2   2   2   ARG ARG A . n 
A 1 3   VAL 3   3   3   VAL VAL A . n 
A 1 4   LEU 4   4   4   LEU LEU A . n 
A 1 5   VAL 5   5   5   VAL VAL A . n 
A 1 6   VAL 6   6   6   VAL VAL A . n 
A 1 7   GLU 7   7   7   GLU GLU A . n 
A 1 8   ASP 8   8   8   ASP ASP A . n 
A 1 9   ASN 9   9   9   ASN ASN A . n 
A 1 10  ALA 10  10  10  ALA ALA A . n 
A 1 11  LEU 11  11  11  LEU LEU A . n 
A 1 12  LEU 12  12  12  LEU LEU A . n 
A 1 13  ARG 13  13  13  ARG ARG A . n 
A 1 14  HIS 14  14  14  HIS HIS A . n 
A 1 15  HIS 15  15  15  HIS HIS A . n 
A 1 16  LEU 16  16  16  LEU LEU A . n 
A 1 17  LYS 17  17  17  LYS LYS A . n 
A 1 18  VAL 18  18  18  VAL VAL A . n 
A 1 19  GLN 19  19  19  GLN GLN A . n 
A 1 20  ILE 20  20  20  ILE ILE A . n 
A 1 21  GLN 21  21  21  GLN GLN A . n 
A 1 22  ASP 22  22  22  ASP ASP A . n 
A 1 23  ALA 23  23  23  ALA ALA A . n 
A 1 24  GLY 24  24  24  GLY GLY A . n 
A 1 25  HIS 25  25  25  HIS HIS A . n 
A 1 26  GLN 26  26  26  GLN GLN A . n 
A 1 27  VAL 27  27  27  VAL VAL A . n 
A 1 28  ASP 28  28  28  ASP ASP A . n 
A 1 29  ASP 29  29  29  ASP ASP A . n 
A 1 30  ALA 30  30  30  ALA ALA A . n 
A 1 31  GLU 31  31  31  GLU GLU A . n 
A 1 32  ASP 32  32  32  ASP ASP A . n 
A 1 33  ALA 33  33  33  ALA ALA A . n 
A 1 34  LYS 34  34  34  LYS LYS A . n 
A 1 35  GLU 35  35  35  GLU GLU A . n 
A 1 36  ALA 36  36  36  ALA ALA A . n 
A 1 37  ASP 37  37  37  ASP ASP A . n 
A 1 38  TYR 38  38  38  TYR TYR A . n 
A 1 39  TYR 39  39  39  TYR TYR A . n 
A 1 40  LEU 40  40  40  LEU LEU A . n 
A 1 41  ASN 41  41  41  ASN ASN A . n 
A 1 42  GLU 42  42  42  GLU GLU A . n 
A 1 43  HIS 43  43  43  HIS HIS A . n 
A 1 44  ILE 44  44  44  ILE ILE A . n 
A 1 45  PRO 45  45  45  PRO PRO A . n 
A 1 46  ASP 46  46  46  ASP ASP A . n 
A 1 47  ILE 47  47  47  ILE ILE A . n 
A 1 48  ALA 48  48  48  ALA ALA A . n 
A 1 49  ILE 49  49  49  ILE ILE A . n 
A 1 50  VAL 50  50  50  VAL VAL A . n 
A 1 51  ASP 51  51  51  ASP ASP A . n 
A 1 52  LEU 52  52  52  LEU LEU A . n 
A 1 53  GLY 53  53  53  GLY GLY A . n 
A 1 54  LEU 54  54  54  LEU LEU A . n 
A 1 55  PRO 55  55  55  PRO PRO A . n 
A 1 56  ASP 56  56  56  ASP ASP A . n 
A 1 57  GLU 57  57  57  GLU GLU A . n 
A 1 58  ASP 58  58  58  ASP ASP A . n 
A 1 59  GLY 59  59  59  GLY GLY A . n 
A 1 60  LEU 60  60  60  LEU LEU A . n 
A 1 61  SER 61  61  61  SER SER A . n 
A 1 62  LEU 62  62  62  LEU LEU A . n 
A 1 63  ILE 63  63  63  ILE ILE A . n 
A 1 64  ARG 64  64  64  ARG ARG A . n 
A 1 65  ARG 65  65  65  ARG ARG A . n 
A 1 66  TRP 66  66  66  TRP TRP A . n 
A 1 67  ARG 67  67  67  ARG ARG A . n 
A 1 68  SER 68  68  68  SER SER A . n 
A 1 69  ASN 69  69  69  ASN ASN A . n 
A 1 70  ASP 70  70  70  ASP ASP A . n 
A 1 71  VAL 71  71  71  VAL VAL A . n 
A 1 72  SER 72  72  72  SER SER A . n 
A 1 73  LEU 73  73  73  LEU LEU A . n 
A 1 74  PRO 74  74  74  PRO PRO A . n 
A 1 75  ILE 75  75  75  ILE ILE A . n 
A 1 76  LEU 76  76  76  LEU LEU A . n 
A 1 77  VAL 77  77  77  VAL VAL A . n 
A 1 78  LEU 78  78  78  LEU LEU A . n 
A 1 79  THR 79  79  79  THR THR A . n 
A 1 80  ALA 80  80  80  ALA ALA A . n 
A 1 81  ARG 81  81  81  ARG ARG A . n 
A 1 82  GLU 82  82  82  GLU GLU A . n 
A 1 83  SER 83  83  83  SER SER A . n 
A 1 84  TRP 84  84  84  TRP TRP A . n 
A 1 85  GLN 85  85  85  GLN GLN A . n 
A 1 86  ASP 86  86  86  ASP ASP A . n 
A 1 87  LYS 87  87  87  LYS LYS A . n 
A 1 88  VAL 88  88  88  VAL VAL A . n 
A 1 89  GLU 89  89  89  GLU GLU A . n 
A 1 90  VAL 90  90  90  VAL VAL A . n 
A 1 91  LEU 91  91  91  LEU LEU A . n 
A 1 92  SER 92  92  92  SER SER A . n 
A 1 93  ALA 93  93  93  ALA ALA A . n 
A 1 94  GLY 94  94  94  GLY GLY A . n 
A 1 95  ALA 95  95  95  ALA ALA A . n 
A 1 96  ASP 96  96  96  ASP ASP A . n 
A 1 97  ASP 97  97  97  ASP ASP A . n 
A 1 98  TYR 98  98  98  TYR TYR A . n 
A 1 99  VAL 99  99  99  VAL VAL A . n 
A 1 100 THR 100 100 100 THR THR A . n 
A 1 101 LYS 101 101 101 LYS LYS A . n 
A 1 102 PRO 102 102 102 PRO PRO A . n 
A 1 103 PHE 103 103 103 PHE PHE A . n 
A 1 104 HIS 104 104 104 HIS HIS A . n 
A 1 105 ILE 105 105 105 ILE ILE A . n 
A 1 106 GLU 106 106 106 GLU GLU A . n 
A 1 107 GLU 107 107 107 GLU GLU A . n 
A 1 108 VAL 108 108 108 VAL VAL A . n 
A 1 109 MSE 109 109 109 MSE MSE A . n 
A 1 110 ALA 110 110 110 ALA ALA A . n 
A 1 111 ARG 111 111 111 ARG ARG A . n 
A 1 112 MSE 112 112 112 MSE MSE A . n 
A 1 113 GLN 113 113 113 GLN GLN A . n 
A 1 114 ALA 114 114 114 ALA ALA A . n 
A 1 115 LEU 115 115 115 LEU LEU A . n 
A 1 116 MSE 116 116 116 MSE MSE A . n 
A 1 117 ARG 117 117 117 ARG ARG A . n 
A 1 118 ARG 118 118 118 ARG ARG A . n 
A 1 119 ASN 119 119 119 ASN ASN A . n 
A 1 120 SER 120 120 120 SER SER A . n 
A 1 121 GLN 121 121 121 GLN GLN A . n 
# 
loop_
_pdbx_nonpoly_scheme.asym_id 
_pdbx_nonpoly_scheme.entity_id 
_pdbx_nonpoly_scheme.mon_id 
_pdbx_nonpoly_scheme.ndb_seq_num 
_pdbx_nonpoly_scheme.pdb_seq_num 
_pdbx_nonpoly_scheme.auth_seq_num 
_pdbx_nonpoly_scheme.pdb_mon_id 
_pdbx_nonpoly_scheme.auth_mon_id 
_pdbx_nonpoly_scheme.pdb_strand_id 
_pdbx_nonpoly_scheme.pdb_ins_code 
B 2 PT  1   201 201 PT  PT  A . 
C 2 PT  1   202 202 PT  PT  A . 
D 2 PT  1   203 203 PT  PT  A . 
E 3 MG  1   204 204 MG  MG  A . 
F 4 BEF 1   205 205 BEF BEF A . 
G 5 HOH 1   206 1   HOH HOH A . 
G 5 HOH 2   207 2   HOH HOH A . 
G 5 HOH 3   208 3   HOH HOH A . 
G 5 HOH 4   209 4   HOH HOH A . 
G 5 HOH 5   210 5   HOH HOH A . 
G 5 HOH 6   211 6   HOH HOH A . 
G 5 HOH 7   212 7   HOH HOH A . 
G 5 HOH 8   213 8   HOH HOH A . 
G 5 HOH 9   214 9   HOH HOH A . 
G 5 HOH 10  215 10  HOH HOH A . 
G 5 HOH 11  216 11  HOH HOH A . 
G 5 HOH 12  217 12  HOH HOH A . 
G 5 HOH 13  218 13  HOH HOH A . 
G 5 HOH 14  219 14  HOH HOH A . 
G 5 HOH 15  220 15  HOH HOH A . 
G 5 HOH 16  221 16  HOH HOH A . 
G 5 HOH 17  222 17  HOH HOH A . 
G 5 HOH 18  223 18  HOH HOH A . 
G 5 HOH 19  224 19  HOH HOH A . 
G 5 HOH 20  225 20  HOH HOH A . 
G 5 HOH 21  226 21  HOH HOH A . 
G 5 HOH 22  227 22  HOH HOH A . 
G 5 HOH 23  228 23  HOH HOH A . 
G 5 HOH 24  229 24  HOH HOH A . 
G 5 HOH 25  230 25  HOH HOH A . 
G 5 HOH 26  231 26  HOH HOH A . 
G 5 HOH 27  232 27  HOH HOH A . 
G 5 HOH 28  233 28  HOH HOH A . 
G 5 HOH 29  234 29  HOH HOH A . 
G 5 HOH 30  235 30  HOH HOH A . 
G 5 HOH 31  236 31  HOH HOH A . 
G 5 HOH 32  237 32  HOH HOH A . 
G 5 HOH 33  238 33  HOH HOH A . 
G 5 HOH 34  239 34  HOH HOH A . 
G 5 HOH 35  240 35  HOH HOH A . 
G 5 HOH 36  241 36  HOH HOH A . 
G 5 HOH 37  242 37  HOH HOH A . 
G 5 HOH 38  243 38  HOH HOH A . 
G 5 HOH 39  244 39  HOH HOH A . 
G 5 HOH 40  245 40  HOH HOH A . 
G 5 HOH 41  246 41  HOH HOH A . 
G 5 HOH 42  247 42  HOH HOH A . 
G 5 HOH 43  248 43  HOH HOH A . 
G 5 HOH 44  249 44  HOH HOH A . 
G 5 HOH 45  250 45  HOH HOH A . 
G 5 HOH 46  251 46  HOH HOH A . 
G 5 HOH 47  252 47  HOH HOH A . 
G 5 HOH 48  253 48  HOH HOH A . 
G 5 HOH 49  254 49  HOH HOH A . 
G 5 HOH 50  255 50  HOH HOH A . 
G 5 HOH 51  256 51  HOH HOH A . 
G 5 HOH 52  257 52  HOH HOH A . 
G 5 HOH 53  258 53  HOH HOH A . 
G 5 HOH 54  259 54  HOH HOH A . 
G 5 HOH 55  260 55  HOH HOH A . 
G 5 HOH 56  261 56  HOH HOH A . 
G 5 HOH 57  262 57  HOH HOH A . 
G 5 HOH 58  263 58  HOH HOH A . 
G 5 HOH 59  264 59  HOH HOH A . 
G 5 HOH 60  265 60  HOH HOH A . 
G 5 HOH 61  266 61  HOH HOH A . 
G 5 HOH 62  267 62  HOH HOH A . 
G 5 HOH 63  268 63  HOH HOH A . 
G 5 HOH 64  269 64  HOH HOH A . 
G 5 HOH 65  270 65  HOH HOH A . 
G 5 HOH 66  271 66  HOH HOH A . 
G 5 HOH 67  272 67  HOH HOH A . 
G 5 HOH 68  273 68  HOH HOH A . 
G 5 HOH 69  274 69  HOH HOH A . 
G 5 HOH 70  275 70  HOH HOH A . 
G 5 HOH 71  276 71  HOH HOH A . 
G 5 HOH 72  277 72  HOH HOH A . 
G 5 HOH 73  278 73  HOH HOH A . 
G 5 HOH 74  279 74  HOH HOH A . 
G 5 HOH 75  280 75  HOH HOH A . 
G 5 HOH 76  281 76  HOH HOH A . 
G 5 HOH 77  282 77  HOH HOH A . 
G 5 HOH 78  283 78  HOH HOH A . 
G 5 HOH 79  284 79  HOH HOH A . 
G 5 HOH 80  285 80  HOH HOH A . 
G 5 HOH 81  286 81  HOH HOH A . 
G 5 HOH 82  287 82  HOH HOH A . 
G 5 HOH 83  288 83  HOH HOH A . 
G 5 HOH 84  289 84  HOH HOH A . 
G 5 HOH 85  290 85  HOH HOH A . 
G 5 HOH 86  291 86  HOH HOH A . 
G 5 HOH 87  292 87  HOH HOH A . 
G 5 HOH 88  293 88  HOH HOH A . 
G 5 HOH 89  294 89  HOH HOH A . 
G 5 HOH 90  295 90  HOH HOH A . 
G 5 HOH 91  296 91  HOH HOH A . 
G 5 HOH 92  297 92  HOH HOH A . 
G 5 HOH 93  298 93  HOH HOH A . 
G 5 HOH 94  299 94  HOH HOH A . 
G 5 HOH 95  300 95  HOH HOH A . 
G 5 HOH 96  301 96  HOH HOH A . 
G 5 HOH 97  302 97  HOH HOH A . 
G 5 HOH 98  303 98  HOH HOH A . 
G 5 HOH 99  304 99  HOH HOH A . 
G 5 HOH 100 305 100 HOH HOH A . 
G 5 HOH 101 306 101 HOH HOH A . 
G 5 HOH 102 307 102 HOH HOH A . 
G 5 HOH 103 308 103 HOH HOH A . 
G 5 HOH 104 309 104 HOH HOH A . 
G 5 HOH 105 310 105 HOH HOH A . 
G 5 HOH 106 311 106 HOH HOH A . 
G 5 HOH 107 312 107 HOH HOH A . 
G 5 HOH 108 313 108 HOH HOH A . 
G 5 HOH 109 314 109 HOH HOH A . 
# 
loop_
_pdbx_unobs_or_zero_occ_atoms.id 
_pdbx_unobs_or_zero_occ_atoms.PDB_model_num 
_pdbx_unobs_or_zero_occ_atoms.polymer_flag 
_pdbx_unobs_or_zero_occ_atoms.occupancy_flag 
_pdbx_unobs_or_zero_occ_atoms.auth_asym_id 
_pdbx_unobs_or_zero_occ_atoms.auth_comp_id 
_pdbx_unobs_or_zero_occ_atoms.auth_seq_id 
_pdbx_unobs_or_zero_occ_atoms.PDB_ins_code 
_pdbx_unobs_or_zero_occ_atoms.auth_atom_id 
_pdbx_unobs_or_zero_occ_atoms.label_alt_id 
_pdbx_unobs_or_zero_occ_atoms.label_asym_id 
_pdbx_unobs_or_zero_occ_atoms.label_comp_id 
_pdbx_unobs_or_zero_occ_atoms.label_seq_id 
_pdbx_unobs_or_zero_occ_atoms.label_atom_id 
1 1 Y 1 A GLN 26 ? CG  ? A GLN 26 CG  
2 1 Y 1 A GLN 26 ? CD  ? A GLN 26 CD  
3 1 Y 1 A GLN 26 ? OE1 ? A GLN 26 OE1 
4 1 Y 1 A GLN 26 ? NE2 ? A GLN 26 NE2 
# 
loop_
_software.name 
_software.classification 
_software.version 
_software.citation_id 
_software.pdbx_ordinal 
ADSC      'data collection' Quantum ? 1 
CNS       refinement        .       ? 2 
DENZO     'data reduction'  .       ? 3 
SCALEPACK 'data scaling'    .       ? 4 
CNS       phasing           .       ? 5 
# 
_cell.entry_id           2PL1 
_cell.length_a           103.125 
_cell.length_b           103.125 
_cell.length_c           31.014 
_cell.angle_alpha        90.00 
_cell.angle_beta         90.00 
_cell.angle_gamma        120.00 
_cell.Z_PDB              6 
_cell.pdbx_unique_axis   ? 
_cell.length_a_esd       ? 
_cell.length_b_esd       ? 
_cell.length_c_esd       ? 
_cell.angle_alpha_esd    ? 
_cell.angle_beta_esd     ? 
_cell.angle_gamma_esd    ? 
# 
_symmetry.entry_id                         2PL1 
_symmetry.space_group_name_H-M             'P 64' 
_symmetry.pdbx_full_space_group_name_H-M   ? 
_symmetry.cell_setting                     ? 
_symmetry.Int_Tables_number                172 
_symmetry.space_group_name_Hall            ? 
# 
_exptl.entry_id          2PL1 
_exptl.method            'X-RAY DIFFRACTION' 
_exptl.crystals_number   1 
# 
_exptl_crystal.id                    1 
_exptl_crystal.density_meas          ? 
_exptl_crystal.density_Matthews      3.39 
_exptl_crystal.density_percent_sol   63.69 
_exptl_crystal.description           ? 
_exptl_crystal.F_000                 ? 
_exptl_crystal.preparation           ? 
# 
_exptl_crystal_grow.crystal_id      1 
_exptl_crystal_grow.method          'VAPOR DIFFUSION, HANGING DROP' 
_exptl_crystal_grow.temp            298 
_exptl_crystal_grow.temp_details    ? 
_exptl_crystal_grow.pH              6.9 
_exptl_crystal_grow.pdbx_details    'precipitant solution: NaSCN, Peg3350, pH 6.9, VAPOR DIFFUSION, HANGING DROP, temperature 298K' 
_exptl_crystal_grow.pdbx_pH_range   . 
# 
_diffrn.id                     1 
_diffrn.ambient_temp           100 
_diffrn.ambient_temp_details   ? 
_diffrn.crystal_id             1 
# 
_diffrn_detector.diffrn_id              1 
_diffrn_detector.detector               CCD 
_diffrn_detector.type                   'ADSC QUANTUM 4' 
_diffrn_detector.pdbx_collection_date   2003-10-30 
_diffrn_detector.details                'spherical mirrors' 
# 
_diffrn_radiation.diffrn_id                        1 
_diffrn_radiation.wavelength_id                    1 
_diffrn_radiation.pdbx_monochromatic_or_laue_m_l   M 
_diffrn_radiation.monochromator                    
'KOHZU double crystal monochromator with a sagittally focused second crystal. Crystal type Si(III)' 
_diffrn_radiation.pdbx_diffrn_protocol             'SINGLE WAVELENGTH' 
_diffrn_radiation.pdbx_scattering_type             x-ray 
# 
_diffrn_radiation_wavelength.id           1 
_diffrn_radiation_wavelength.wavelength   1.0714 
_diffrn_radiation_wavelength.wt           1.0 
# 
_diffrn_source.diffrn_id                   1 
_diffrn_source.source                      SYNCHROTRON 
_diffrn_source.type                        'NSLS BEAMLINE X4A' 
_diffrn_source.pdbx_synchrotron_site       NSLS 
_diffrn_source.pdbx_synchrotron_beamline   X4A 
_diffrn_source.pdbx_wavelength             ? 
_diffrn_source.pdbx_wavelength_list        1.0714 
# 
_reflns.entry_id                     2PL1 
_reflns.observed_criterion_sigma_F   0 
_reflns.observed_criterion_sigma_I   -3 
_reflns.d_resolution_high            1.76 
_reflns.d_resolution_low             30 
_reflns.number_all                   36715 
_reflns.number_obs                   34549 
_reflns.percent_possible_obs         94.1 
_reflns.pdbx_Rmerge_I_obs            ? 
_reflns.pdbx_Rsym_value              0.119 
_reflns.pdbx_netI_over_sigmaI        10.35 
_reflns.B_iso_Wilson_estimate        28.1 
_reflns.pdbx_redundancy              3.7 
_reflns.R_free_details               ? 
_reflns.limit_h_max                  ? 
_reflns.limit_h_min                  ? 
_reflns.limit_k_max                  ? 
_reflns.limit_k_min                  ? 
_reflns.limit_l_max                  ? 
_reflns.limit_l_min                  ? 
_reflns.observed_criterion_F_max     ? 
_reflns.observed_criterion_F_min     ? 
_reflns.pdbx_chi_squared             ? 
_reflns.pdbx_scaling_rejects         ? 
_reflns.pdbx_diffrn_id               1 
_reflns.pdbx_ordinal                 1 
_reflns.pdbx_CC_half                 ? 
_reflns.pdbx_CC_star                 ? 
_reflns.pdbx_Rpim_I_all              ? 
_reflns.pdbx_Rrim_I_all              ? 
# 
_reflns_shell.d_res_high             1.76 
_reflns_shell.d_res_low              1.82 
_reflns_shell.percent_possible_all   67.8 
_reflns_shell.Rmerge_I_obs           ? 
_reflns_shell.pdbx_Rsym_value        0.68 
_reflns_shell.meanI_over_sigI_obs    1 
_reflns_shell.pdbx_redundancy        1.9 
_reflns_shell.percent_possible_obs   ? 
_reflns_shell.number_unique_all      ? 
_reflns_shell.number_measured_all    ? 
_reflns_shell.number_measured_obs    ? 
_reflns_shell.number_unique_obs      ? 
_reflns_shell.pdbx_chi_squared       ? 
_reflns_shell.pdbx_diffrn_id         ? 
_reflns_shell.pdbx_ordinal           1 
_reflns_shell.pdbx_CC_half           ? 
_reflns_shell.pdbx_CC_star           ? 
_reflns_shell.pdbx_Rpim_I_all        ? 
_reflns_shell.pdbx_Rrim_I_all        ? 
# 
_refine.entry_id                                 2PL1 
_refine.ls_d_res_high                            1.9 
_refine.ls_d_res_low                             30 
_refine.pdbx_ls_sigma_F                          0 
_refine.pdbx_ls_sigma_I                          -3 
_refine.ls_number_reflns_all                     29082 
_refine.ls_number_reflns_obs                     27281 
_refine.ls_number_reflns_R_free                  2652 
_refine.ls_percent_reflns_obs                    93.8 
_refine.ls_R_factor_all                          ? 
_refine.ls_R_factor_obs                          0.195 
_refine.ls_R_factor_R_work                       0.1915 
_refine.ls_R_factor_R_free                       0.2262 
_refine.ls_redundancy_reflns_obs                 ? 
_refine.pdbx_data_cutoff_high_absF               ? 
_refine.pdbx_data_cutoff_low_absF                ? 
_refine.ls_number_parameters                     ? 
_refine.ls_number_restraints                     ? 
_refine.ls_percent_reflns_R_free                 ? 
_refine.ls_R_factor_R_free_error                 ? 
_refine.ls_R_factor_R_free_error_details         ? 
_refine.pdbx_method_to_determine_struct          SAD 
_refine.pdbx_starting_model                      ? 
_refine.pdbx_ls_cross_valid_method               Throughtout 
_refine.pdbx_R_Free_selection_details            random 
_refine.pdbx_stereochem_target_val_spec_case     ? 
_refine.pdbx_stereochemistry_target_values       ? 
_refine.solvent_model_details                    ? 
_refine.solvent_model_param_bsol                 ? 
_refine.solvent_model_param_ksol                 ? 
_refine.occupancy_max                            ? 
_refine.occupancy_min                            ? 
_refine.pdbx_isotropic_thermal_model             'Maximum Likelihood' 
_refine.B_iso_mean                               ? 
_refine.aniso_B[1][1]                            ? 
_refine.aniso_B[1][2]                            ? 
_refine.aniso_B[1][3]                            ? 
_refine.aniso_B[2][2]                            ? 
_refine.aniso_B[2][3]                            ? 
_refine.aniso_B[3][3]                            ? 
_refine.details                                  ? 
_refine.B_iso_min                                ? 
_refine.B_iso_max                                ? 
_refine.correlation_coeff_Fo_to_Fc               ? 
_refine.correlation_coeff_Fo_to_Fc_free          ? 
_refine.pdbx_solvent_vdw_probe_radii             ? 
_refine.pdbx_solvent_ion_probe_radii             ? 
_refine.pdbx_solvent_shrinkage_radii             ? 
_refine.overall_SU_R_Cruickshank_DPI             ? 
_refine.overall_SU_R_free                        ? 
_refine.overall_SU_ML                            ? 
_refine.overall_SU_B                             ? 
_refine.pdbx_overall_ESU_R_Free                  ? 
_refine.pdbx_data_cutoff_high_rms_absF           ? 
_refine.pdbx_overall_ESU_R                       ? 
_refine.ls_wR_factor_R_free                      ? 
_refine.ls_wR_factor_R_work                      ? 
_refine.overall_FOM_free_R_set                   ? 
_refine.overall_FOM_work_R_set                   ? 
_refine.pdbx_refine_id                           'X-RAY DIFFRACTION' 
_refine.pdbx_diffrn_id                           1 
_refine.pdbx_TLS_residual_ADP_flag               ? 
_refine.pdbx_overall_phase_error                 ? 
_refine.pdbx_overall_SU_R_free_Cruickshank_DPI   ? 
_refine.pdbx_overall_SU_R_Blow_DPI               ? 
_refine.pdbx_overall_SU_R_free_Blow_DPI          ? 
# 
_refine_hist.pdbx_refine_id                   'X-RAY DIFFRACTION' 
_refine_hist.cycle_id                         LAST 
_refine_hist.pdbx_number_atoms_protein        969 
_refine_hist.pdbx_number_atoms_nucleic_acid   0 
_refine_hist.pdbx_number_atoms_ligand         8 
_refine_hist.number_atoms_solvent             109 
_refine_hist.number_atoms_total               1086 
_refine_hist.d_res_high                       1.9 
_refine_hist.d_res_low                        30 
# 
loop_
_refine_ls_restr.type 
_refine_ls_restr.dev_ideal 
_refine_ls_restr.dev_ideal_target 
_refine_ls_restr.weight 
_refine_ls_restr.number 
_refine_ls_restr.pdbx_refine_id 
_refine_ls_restr.pdbx_restraint_function 
c_angle_d    1.28  ? ? ? 'X-RAY DIFFRACTION' ? 
c_bond_d     .0044 ? ? ? 'X-RAY DIFFRACTION' ? 
c_mcangle_it 2.09  ? ? ? 'X-RAY DIFFRACTION' ? 
c_mcbond_it  1.336 ? ? ? 'X-RAY DIFFRACTION' ? 
# 
_refine_ls_shell.pdbx_total_number_of_bins_used   ? 
_refine_ls_shell.d_res_high                       1.90 
_refine_ls_shell.d_res_low                        1.98 
_refine_ls_shell.number_reflns_R_work             ? 
_refine_ls_shell.R_factor_R_work                  ? 
_refine_ls_shell.percent_reflns_obs               92.4 
_refine_ls_shell.R_factor_R_free                  ? 
_refine_ls_shell.R_factor_R_free_error            ? 
_refine_ls_shell.percent_reflns_R_free            ? 
_refine_ls_shell.number_reflns_R_free             340 
_refine_ls_shell.number_reflns_all                ? 
_refine_ls_shell.R_factor_all                     ? 
_refine_ls_shell.number_reflns_obs                3398 
_refine_ls_shell.redundancy_reflns_obs            ? 
_refine_ls_shell.pdbx_refine_id                   'X-RAY DIFFRACTION' 
_refine_ls_shell.R_factor_obs                     ? 
# 
_struct.entry_id                  2PL1 
_struct.title                     'Berrylium Fluoride activated receiver domain of E.coli PhoP' 
_struct.pdbx_model_details        ? 
_struct.pdbx_CASP_flag            N 
_struct.pdbx_model_type_details   ? 
# 
_struct_keywords.entry_id        2PL1 
_struct_keywords.pdbx_keywords   'TRANSCRIPTIONAL REGULATOR' 
_struct_keywords.text            
;chey-like fold, response regulator, Beryllium fluoride, transcription factor, phop, activated, virulence, phob family, TRANSCRIPTIONAL REGULATOR
;
# 
loop_
_struct_asym.id 
_struct_asym.pdbx_blank_PDB_chainid_flag 
_struct_asym.pdbx_modified 
_struct_asym.entity_id 
_struct_asym.details 
A N N 1 ? 
B N N 2 ? 
C N N 2 ? 
D N N 2 ? 
E N N 3 ? 
F N N 4 ? 
G N N 5 ? 
# 
_struct_ref.id                         1 
_struct_ref.db_name                    UNP 
_struct_ref.db_code                    PHOP_ECOLI 
_struct_ref.pdbx_db_accession          P23836 
_struct_ref.entity_id                  1 
_struct_ref.pdbx_seq_one_letter_code   
;MRVLVVEDNALLRHHLKVQIQDAGHQVDDAEDAKEADYYLNEHIPDIAIVDLGLPDEDGLSLIRRWRSNDVSLPILVLTA
RESWQDKVEVLSAGADDYVTKPFHIEEVMARMQALMRRNSG
;
_struct_ref.pdbx_align_begin           1 
_struct_ref.pdbx_db_isoform            ? 
# 
_struct_ref_seq.align_id                      1 
_struct_ref_seq.ref_id                        1 
_struct_ref_seq.pdbx_PDB_id_code              2PL1 
_struct_ref_seq.pdbx_strand_id                A 
_struct_ref_seq.seq_align_beg                 1 
_struct_ref_seq.pdbx_seq_align_beg_ins_code   ? 
_struct_ref_seq.seq_align_end                 121 
_struct_ref_seq.pdbx_seq_align_end_ins_code   ? 
_struct_ref_seq.pdbx_db_accession             P23836 
_struct_ref_seq.db_align_beg                  1 
_struct_ref_seq.pdbx_db_align_beg_ins_code    ? 
_struct_ref_seq.db_align_end                  121 
_struct_ref_seq.pdbx_db_align_end_ins_code    ? 
_struct_ref_seq.pdbx_auth_seq_align_beg       1 
_struct_ref_seq.pdbx_auth_seq_align_end       121 
# 
loop_
_struct_ref_seq_dif.align_id 
_struct_ref_seq_dif.pdbx_pdb_id_code 
_struct_ref_seq_dif.mon_id 
_struct_ref_seq_dif.pdbx_pdb_strand_id 
_struct_ref_seq_dif.seq_num 
_struct_ref_seq_dif.pdbx_pdb_ins_code 
_struct_ref_seq_dif.pdbx_seq_db_name 
_struct_ref_seq_dif.pdbx_seq_db_accession_code 
_struct_ref_seq_dif.db_mon_id 
_struct_ref_seq_dif.pdbx_seq_db_seq_num 
_struct_ref_seq_dif.details 
_struct_ref_seq_dif.pdbx_auth_seq_num 
_struct_ref_seq_dif.pdbx_ordinal 
1 2PL1 MSE A 1   ? UNP P23836 MET 1   'modified residue'    1   1 
1 2PL1 MSE A 109 ? UNP P23836 MET 109 'modified residue'    109 2 
1 2PL1 MSE A 112 ? UNP P23836 MET 112 'modified residue'    112 3 
1 2PL1 MSE A 116 ? UNP P23836 MET 116 'modified residue'    116 4 
1 2PL1 GLN A 121 ? UNP P23836 GLY 121 'engineered mutation' 121 5 
# 
_pdbx_struct_assembly.id                   1 
_pdbx_struct_assembly.details              author_defined_assembly 
_pdbx_struct_assembly.method_details       ? 
_pdbx_struct_assembly.oligomeric_details   dimeric 
_pdbx_struct_assembly.oligomeric_count     2 
# 
_pdbx_struct_assembly_gen.assembly_id       1 
_pdbx_struct_assembly_gen.oper_expression   1,2 
_pdbx_struct_assembly_gen.asym_id_list      A,B,C,D,E,F,G 
# 
loop_
_pdbx_struct_oper_list.id 
_pdbx_struct_oper_list.type 
_pdbx_struct_oper_list.name 
_pdbx_struct_oper_list.symmetry_operation 
_pdbx_struct_oper_list.matrix[1][1] 
_pdbx_struct_oper_list.matrix[1][2] 
_pdbx_struct_oper_list.matrix[1][3] 
_pdbx_struct_oper_list.vector[1] 
_pdbx_struct_oper_list.matrix[2][1] 
_pdbx_struct_oper_list.matrix[2][2] 
_pdbx_struct_oper_list.matrix[2][3] 
_pdbx_struct_oper_list.vector[2] 
_pdbx_struct_oper_list.matrix[3][1] 
_pdbx_struct_oper_list.matrix[3][2] 
_pdbx_struct_oper_list.matrix[3][3] 
_pdbx_struct_oper_list.vector[3] 
1 'identity operation'         1_555 x,y,z       1.0000000000 0.0000000000  0.0000000000  0.0000000000   0.0000000000  1.0000000000  0.0000000000 0.0000000000   0.0000000000  0.0000000000 1.0000000000  0.0000000000  
2 'crystal symmetry operation' 4_345 -x-2,-y-1,z 0.3794031736 -0.6363573545 -0.6716416821 -11.2964254316 -0.6363573545 -0.7064305125 0.3098471369 -22.2945125214 -0.6716416821 0.3098471369 -0.6729726611 -2.0770719255 
# 
_struct_biol.id                    1 
_struct_biol.details               'Chain A forms a two-fold symmetric dimer with a symmetry related molecule' 
_struct_biol.pdbx_parent_biol_id   ? 
# 
loop_
_struct_conf.conf_type_id 
_struct_conf.id 
_struct_conf.pdbx_PDB_helix_id 
_struct_conf.beg_label_comp_id 
_struct_conf.beg_label_asym_id 
_struct_conf.beg_label_seq_id 
_struct_conf.pdbx_beg_PDB_ins_code 
_struct_conf.end_label_comp_id 
_struct_conf.end_label_asym_id 
_struct_conf.end_label_seq_id 
_struct_conf.pdbx_end_PDB_ins_code 
_struct_conf.beg_auth_comp_id 
_struct_conf.beg_auth_asym_id 
_struct_conf.beg_auth_seq_id 
_struct_conf.end_auth_comp_id 
_struct_conf.end_auth_asym_id 
_struct_conf.end_auth_seq_id 
_struct_conf.pdbx_PDB_helix_class 
_struct_conf.details 
_struct_conf.pdbx_PDB_helix_length 
HELX_P HELX_P1 1 ASN A 9   ? ALA A 23  ? ASN A 9   ALA A 23  1 ? 15 
HELX_P HELX_P2 2 ASP A 32  ? HIS A 43  ? ASP A 32  HIS A 43  1 ? 12 
HELX_P HELX_P3 3 ASP A 58  ? ASN A 69  ? ASP A 58  ASN A 69  1 ? 12 
HELX_P HELX_P4 4 SER A 83  ? ALA A 93  ? SER A 83  ALA A 93  1 ? 11 
HELX_P HELX_P5 5 HIS A 104 ? SER A 120 ? HIS A 104 SER A 120 1 ? 17 
# 
_struct_conf_type.id          HELX_P 
_struct_conf_type.criteria    ? 
_struct_conf_type.reference   ? 
# 
loop_
_struct_conn.id 
_struct_conn.conn_type_id 
_struct_conn.pdbx_leaving_atom_flag 
_struct_conn.pdbx_PDB_id 
_struct_conn.ptnr1_label_asym_id 
_struct_conn.ptnr1_label_comp_id 
_struct_conn.ptnr1_label_seq_id 
_struct_conn.ptnr1_label_atom_id 
_struct_conn.pdbx_ptnr1_label_alt_id 
_struct_conn.pdbx_ptnr1_PDB_ins_code 
_struct_conn.pdbx_ptnr1_standard_comp_id 
_struct_conn.ptnr1_symmetry 
_struct_conn.ptnr2_label_asym_id 
_struct_conn.ptnr2_label_comp_id 
_struct_conn.ptnr2_label_seq_id 
_struct_conn.ptnr2_label_atom_id 
_struct_conn.pdbx_ptnr2_label_alt_id 
_struct_conn.pdbx_ptnr2_PDB_ins_code 
_struct_conn.ptnr1_auth_asym_id 
_struct_conn.ptnr1_auth_comp_id 
_struct_conn.ptnr1_auth_seq_id 
_struct_conn.ptnr2_auth_asym_id 
_struct_conn.ptnr2_auth_comp_id 
_struct_conn.ptnr2_auth_seq_id 
_struct_conn.ptnr2_symmetry 
_struct_conn.pdbx_ptnr3_label_atom_id 
_struct_conn.pdbx_ptnr3_label_seq_id 
_struct_conn.pdbx_ptnr3_label_comp_id 
_struct_conn.pdbx_ptnr3_label_asym_id 
_struct_conn.pdbx_ptnr3_label_alt_id 
_struct_conn.pdbx_ptnr3_PDB_ins_code 
_struct_conn.details 
_struct_conn.pdbx_dist_value 
_struct_conn.pdbx_value_order 
_struct_conn.pdbx_role 
covale1  covale both ? A MSE 1   C   ? ? ? 1_555 A ARG 2   N  ? ? A MSE 1   A ARG 2   1_555 ? ? ? ? ? ? ? 1.330 ? ? 
covale2  covale both ? A VAL 108 C   ? ? ? 1_555 A MSE 109 N  ? ? A VAL 108 A MSE 109 1_555 ? ? ? ? ? ? ? 1.326 ? ? 
covale3  covale both ? A MSE 109 C   ? ? ? 1_555 A ALA 110 N  ? ? A MSE 109 A ALA 110 1_555 ? ? ? ? ? ? ? 1.329 ? ? 
covale4  covale both ? A ARG 111 C   ? ? ? 1_555 A MSE 112 N  ? ? A ARG 111 A MSE 112 1_555 ? ? ? ? ? ? ? 1.330 ? ? 
covale5  covale both ? A MSE 112 C   ? ? ? 1_555 A GLN 113 N  ? ? A MSE 112 A GLN 113 1_555 ? ? ? ? ? ? ? 1.329 ? ? 
covale6  covale both ? A LEU 115 C   ? ? ? 1_555 A MSE 116 N  ? ? A LEU 115 A MSE 116 1_555 ? ? ? ? ? ? ? 1.331 ? ? 
covale7  covale both ? A MSE 116 C   ? ? ? 1_555 A ARG 117 N  ? ? A MSE 116 A ARG 117 1_555 ? ? ? ? ? ? ? 1.326 ? ? 
metalc1  metalc ?    ? A ASP 8   OD1 ? ? ? 1_555 E MG  .   MG ? ? A ASP 8   A MG  204 1_555 ? ? ? ? ? ? ? 2.201 ? ? 
metalc2  metalc ?    ? A HIS 15  ND1 ? ? ? 1_555 B PT  .   PT ? ? A HIS 15  A PT  201 1_555 ? ? ? ? ? ? ? 2.293 ? ? 
metalc3  metalc ?    ? A HIS 25  NE2 ? ? ? 1_555 D PT  .   PT ? ? A HIS 25  A PT  203 1_555 ? ? ? ? ? ? ? 2.214 ? ? 
metalc4  metalc ?    ? A ASP 51  OD2 ? ? ? 1_555 E MG  .   MG ? ? A ASP 51  A MG  204 1_555 ? ? ? ? ? ? ? 2.181 ? ? 
metalc5  metalc ?    ? A ASP 51  OD1 ? ? ? 1_555 F BEF .   BE ? ? A ASP 51  A BEF 205 1_555 ? ? ? ? ? ? ? 1.966 ? ? 
metalc6  metalc ?    ? A GLY 53  O   ? ? ? 1_555 E MG  .   MG ? ? A GLY 53  A MG  204 1_555 ? ? ? ? ? ? ? 2.282 ? ? 
metalc7  metalc ?    ? A MSE 109 SE  ? ? ? 1_555 C PT  .   PT ? ? A MSE 109 A PT  202 1_555 ? ? ? ? ? ? ? 2.464 ? ? 
metalc8  metalc ?    ? A MSE 112 SE  ? ? ? 1_555 C PT  .   PT ? ? A MSE 112 A PT  202 1_555 ? ? ? ? ? ? ? 2.453 ? ? 
metalc9  metalc ?    ? A MSE 116 SE  ? ? ? 1_555 D PT  .   PT ? ? A MSE 116 A PT  203 1_555 ? ? ? ? ? ? ? 2.669 ? ? 
metalc10 metalc ?    ? B PT  .   PT  ? ? ? 1_555 G HOH .   O  ? ? A PT  201 A HOH 271 1_555 ? ? ? ? ? ? ? 2.103 ? ? 
metalc11 metalc ?    ? B PT  .   PT  ? ? ? 1_555 G HOH .   O  ? ? A PT  201 A HOH 282 1_555 ? ? ? ? ? ? ? 2.431 ? ? 
metalc12 metalc ?    ? B PT  .   PT  ? ? ? 1_555 G HOH .   O  ? ? A PT  201 A HOH 283 1_555 ? ? ? ? ? ? ? 2.258 ? ? 
metalc13 metalc ?    ? E MG  .   MG  ? ? ? 1_555 F BEF .   F1 ? ? A MG  204 A BEF 205 1_555 ? ? ? ? ? ? ? 2.364 ? ? 
metalc14 metalc ?    ? E MG  .   MG  ? ? ? 1_555 G HOH .   O  ? ? A MG  204 A HOH 291 1_555 ? ? ? ? ? ? ? 2.273 ? ? 
metalc15 metalc ?    ? E MG  .   MG  ? ? ? 1_555 G HOH .   O  ? ? A MG  204 A HOH 292 1_555 ? ? ? ? ? ? ? 2.297 ? ? 
# 
loop_
_struct_conn_type.id 
_struct_conn_type.criteria 
_struct_conn_type.reference 
covale ? ? 
metalc ? ? 
# 
loop_
_pdbx_struct_conn_angle.id 
_pdbx_struct_conn_angle.ptnr1_label_atom_id 
_pdbx_struct_conn_angle.ptnr1_label_alt_id 
_pdbx_struct_conn_angle.ptnr1_label_asym_id 
_pdbx_struct_conn_angle.ptnr1_label_comp_id 
_pdbx_struct_conn_angle.ptnr1_label_seq_id 
_pdbx_struct_conn_angle.ptnr1_auth_atom_id 
_pdbx_struct_conn_angle.ptnr1_auth_asym_id 
_pdbx_struct_conn_angle.ptnr1_auth_comp_id 
_pdbx_struct_conn_angle.ptnr1_auth_seq_id 
_pdbx_struct_conn_angle.ptnr1_PDB_ins_code 
_pdbx_struct_conn_angle.ptnr1_symmetry 
_pdbx_struct_conn_angle.ptnr2_label_atom_id 
_pdbx_struct_conn_angle.ptnr2_label_alt_id 
_pdbx_struct_conn_angle.ptnr2_label_asym_id 
_pdbx_struct_conn_angle.ptnr2_label_comp_id 
_pdbx_struct_conn_angle.ptnr2_label_seq_id 
_pdbx_struct_conn_angle.ptnr2_auth_atom_id 
_pdbx_struct_conn_angle.ptnr2_auth_asym_id 
_pdbx_struct_conn_angle.ptnr2_auth_comp_id 
_pdbx_struct_conn_angle.ptnr2_auth_seq_id 
_pdbx_struct_conn_angle.ptnr2_PDB_ins_code 
_pdbx_struct_conn_angle.ptnr2_symmetry 
_pdbx_struct_conn_angle.ptnr3_label_atom_id 
_pdbx_struct_conn_angle.ptnr3_label_alt_id 
_pdbx_struct_conn_angle.ptnr3_label_asym_id 
_pdbx_struct_conn_angle.ptnr3_label_comp_id 
_pdbx_struct_conn_angle.ptnr3_label_seq_id 
_pdbx_struct_conn_angle.ptnr3_auth_atom_id 
_pdbx_struct_conn_angle.ptnr3_auth_asym_id 
_pdbx_struct_conn_angle.ptnr3_auth_comp_id 
_pdbx_struct_conn_angle.ptnr3_auth_seq_id 
_pdbx_struct_conn_angle.ptnr3_PDB_ins_code 
_pdbx_struct_conn_angle.ptnr3_symmetry 
_pdbx_struct_conn_angle.value 
_pdbx_struct_conn_angle.value_esd 
1  OD1 ? A ASP 8   ? A ASP 8   ? 1_555 MG ? E MG  . ? A MG  204 ? 1_555 OD2 ? A ASP 51  ? A ASP 51  ? 1_555 89.0  ? 
2  OD1 ? A ASP 8   ? A ASP 8   ? 1_555 MG ? E MG  . ? A MG  204 ? 1_555 O   ? A GLY 53  ? A GLY 53  ? 1_555 92.1  ? 
3  OD2 ? A ASP 51  ? A ASP 51  ? 1_555 MG ? E MG  . ? A MG  204 ? 1_555 O   ? A GLY 53  ? A GLY 53  ? 1_555 86.7  ? 
4  OD1 ? A ASP 8   ? A ASP 8   ? 1_555 MG ? E MG  . ? A MG  204 ? 1_555 F1  ? F BEF .   ? A BEF 205 ? 1_555 177.5 ? 
5  OD2 ? A ASP 51  ? A ASP 51  ? 1_555 MG ? E MG  . ? A MG  204 ? 1_555 F1  ? F BEF .   ? A BEF 205 ? 1_555 91.2  ? 
6  O   ? A GLY 53  ? A GLY 53  ? 1_555 MG ? E MG  . ? A MG  204 ? 1_555 F1  ? F BEF .   ? A BEF 205 ? 1_555 90.4  ? 
7  OD1 ? A ASP 8   ? A ASP 8   ? 1_555 MG ? E MG  . ? A MG  204 ? 1_555 O   ? G HOH .   ? A HOH 291 ? 1_555 97.4  ? 
8  OD2 ? A ASP 51  ? A ASP 51  ? 1_555 MG ? E MG  . ? A MG  204 ? 1_555 O   ? G HOH .   ? A HOH 291 ? 1_555 170.0 ? 
9  O   ? A GLY 53  ? A GLY 53  ? 1_555 MG ? E MG  . ? A MG  204 ? 1_555 O   ? G HOH .   ? A HOH 291 ? 1_555 85.4  ? 
10 F1  ? F BEF .   ? A BEF 205 ? 1_555 MG ? E MG  . ? A MG  204 ? 1_555 O   ? G HOH .   ? A HOH 291 ? 1_555 82.7  ? 
11 OD1 ? A ASP 8   ? A ASP 8   ? 1_555 MG ? E MG  . ? A MG  204 ? 1_555 O   ? G HOH .   ? A HOH 292 ? 1_555 89.7  ? 
12 OD2 ? A ASP 51  ? A ASP 51  ? 1_555 MG ? E MG  . ? A MG  204 ? 1_555 O   ? G HOH .   ? A HOH 292 ? 1_555 88.4  ? 
13 O   ? A GLY 53  ? A GLY 53  ? 1_555 MG ? E MG  . ? A MG  204 ? 1_555 O   ? G HOH .   ? A HOH 292 ? 1_555 174.8 ? 
14 F1  ? F BEF .   ? A BEF 205 ? 1_555 MG ? E MG  . ? A MG  204 ? 1_555 O   ? G HOH .   ? A HOH 292 ? 1_555 87.8  ? 
15 O   ? G HOH .   ? A HOH 291 ? 1_555 MG ? E MG  . ? A MG  204 ? 1_555 O   ? G HOH .   ? A HOH 292 ? 1_555 99.2  ? 
16 ND1 ? A HIS 15  ? A HIS 15  ? 1_555 PT ? B PT  . ? A PT  201 ? 1_555 O   ? G HOH .   ? A HOH 271 ? 1_555 89.8  ? 
17 ND1 ? A HIS 15  ? A HIS 15  ? 1_555 PT ? B PT  . ? A PT  201 ? 1_555 O   ? G HOH .   ? A HOH 282 ? 1_555 177.2 ? 
18 O   ? G HOH .   ? A HOH 271 ? 1_555 PT ? B PT  . ? A PT  201 ? 1_555 O   ? G HOH .   ? A HOH 282 ? 1_555 91.4  ? 
19 ND1 ? A HIS 15  ? A HIS 15  ? 1_555 PT ? B PT  . ? A PT  201 ? 1_555 O   ? G HOH .   ? A HOH 283 ? 1_555 85.6  ? 
20 O   ? G HOH .   ? A HOH 271 ? 1_555 PT ? B PT  . ? A PT  201 ? 1_555 O   ? G HOH .   ? A HOH 283 ? 1_555 175.3 ? 
21 O   ? G HOH .   ? A HOH 282 ? 1_555 PT ? B PT  . ? A PT  201 ? 1_555 O   ? G HOH .   ? A HOH 283 ? 1_555 93.3  ? 
22 NE2 ? A HIS 25  ? A HIS 25  ? 1_555 PT ? D PT  . ? A PT  203 ? 1_555 SE  ? A MSE 116 ? A MSE 116 ? 1_555 116.7 ? 
23 OD1 ? A ASP 51  ? A ASP 51  ? 1_555 BE ? F BEF . ? A BEF 205 ? 1_555 F1  ? F BEF .   ? A BEF 205 ? 1_555 117.0 ? 
24 OD1 ? A ASP 51  ? A ASP 51  ? 1_555 BE ? F BEF . ? A BEF 205 ? 1_555 F2  ? F BEF .   ? A BEF 205 ? 1_555 103.7 ? 
25 F1  ? F BEF .   ? A BEF 205 ? 1_555 BE ? F BEF . ? A BEF 205 ? 1_555 F2  ? F BEF .   ? A BEF 205 ? 1_555 109.4 ? 
26 OD1 ? A ASP 51  ? A ASP 51  ? 1_555 BE ? F BEF . ? A BEF 205 ? 1_555 F3  ? F BEF .   ? A BEF 205 ? 1_555 105.8 ? 
27 F1  ? F BEF .   ? A BEF 205 ? 1_555 BE ? F BEF . ? A BEF 205 ? 1_555 F3  ? F BEF .   ? A BEF 205 ? 1_555 109.8 ? 
28 F2  ? F BEF .   ? A BEF 205 ? 1_555 BE ? F BEF . ? A BEF 205 ? 1_555 F3  ? F BEF .   ? A BEF 205 ? 1_555 110.8 ? 
29 SE  ? A MSE 109 ? A MSE 109 ? 1_555 PT ? C PT  . ? A PT  202 ? 1_555 SE  ? A MSE 112 ? A MSE 112 ? 1_555 172.0 ? 
# 
loop_
_pdbx_modification_feature.ordinal 
_pdbx_modification_feature.label_comp_id 
_pdbx_modification_feature.label_asym_id 
_pdbx_modification_feature.label_seq_id 
_pdbx_modification_feature.label_alt_id 
_pdbx_modification_feature.modified_residue_label_comp_id 
_pdbx_modification_feature.modified_residue_label_asym_id 
_pdbx_modification_feature.modified_residue_label_seq_id 
_pdbx_modification_feature.modified_residue_label_alt_id 
_pdbx_modification_feature.auth_comp_id 
_pdbx_modification_feature.auth_asym_id 
_pdbx_modification_feature.auth_seq_id 
_pdbx_modification_feature.PDB_ins_code 
_pdbx_modification_feature.symmetry 
_pdbx_modification_feature.modified_residue_auth_comp_id 
_pdbx_modification_feature.modified_residue_auth_asym_id 
_pdbx_modification_feature.modified_residue_auth_seq_id 
_pdbx_modification_feature.modified_residue_PDB_ins_code 
_pdbx_modification_feature.modified_residue_symmetry 
_pdbx_modification_feature.comp_id_linking_atom 
_pdbx_modification_feature.modified_residue_id_linking_atom 
_pdbx_modification_feature.modified_residue_id 
_pdbx_modification_feature.ref_pcm_id 
_pdbx_modification_feature.ref_comp_id 
_pdbx_modification_feature.type 
_pdbx_modification_feature.category 
1 MSE A 1   ? . . . . MSE A 1   ? 1_555 . . . . . . . MET 1 MSE Selenomethionine 'Named protein modification' 
2 MSE A 109 ? . . . . MSE A 109 ? 1_555 . . . . . . . MET 1 MSE Selenomethionine 'Named protein modification' 
3 MSE A 112 ? . . . . MSE A 112 ? 1_555 . . . . . . . MET 1 MSE Selenomethionine 'Named protein modification' 
4 MSE A 116 ? . . . . MSE A 116 ? 1_555 . . . . . . . MET 1 MSE Selenomethionine 'Named protein modification' 
# 
_struct_mon_prot_cis.pdbx_id                1 
_struct_mon_prot_cis.label_comp_id          LYS 
_struct_mon_prot_cis.label_seq_id           101 
_struct_mon_prot_cis.label_asym_id          A 
_struct_mon_prot_cis.label_alt_id           . 
_struct_mon_prot_cis.pdbx_PDB_ins_code      ? 
_struct_mon_prot_cis.auth_comp_id           LYS 
_struct_mon_prot_cis.auth_seq_id            101 
_struct_mon_prot_cis.auth_asym_id           A 
_struct_mon_prot_cis.pdbx_label_comp_id_2   PRO 
_struct_mon_prot_cis.pdbx_label_seq_id_2    102 
_struct_mon_prot_cis.pdbx_label_asym_id_2   A 
_struct_mon_prot_cis.pdbx_PDB_ins_code_2    ? 
_struct_mon_prot_cis.pdbx_auth_comp_id_2    PRO 
_struct_mon_prot_cis.pdbx_auth_seq_id_2     102 
_struct_mon_prot_cis.pdbx_auth_asym_id_2    A 
_struct_mon_prot_cis.pdbx_PDB_model_num     1 
_struct_mon_prot_cis.pdbx_omega_angle       -0.21 
# 
_struct_sheet.id               A 
_struct_sheet.type             ? 
_struct_sheet.number_strands   5 
_struct_sheet.details          ? 
# 
loop_
_struct_sheet_order.sheet_id 
_struct_sheet_order.range_id_1 
_struct_sheet_order.range_id_2 
_struct_sheet_order.offset 
_struct_sheet_order.sense 
A 1 2 ? parallel 
A 2 3 ? parallel 
A 3 4 ? parallel 
A 4 5 ? parallel 
# 
loop_
_struct_sheet_range.sheet_id 
_struct_sheet_range.id 
_struct_sheet_range.beg_label_comp_id 
_struct_sheet_range.beg_label_asym_id 
_struct_sheet_range.beg_label_seq_id 
_struct_sheet_range.pdbx_beg_PDB_ins_code 
_struct_sheet_range.end_label_comp_id 
_struct_sheet_range.end_label_asym_id 
_struct_sheet_range.end_label_seq_id 
_struct_sheet_range.pdbx_end_PDB_ins_code 
_struct_sheet_range.beg_auth_comp_id 
_struct_sheet_range.beg_auth_asym_id 
_struct_sheet_range.beg_auth_seq_id 
_struct_sheet_range.end_auth_comp_id 
_struct_sheet_range.end_auth_asym_id 
_struct_sheet_range.end_auth_seq_id 
A 1 GLN A 26 ? ALA A 30  ? GLN A 26 ALA A 30  
A 2 ARG A 2  ? VAL A 6   ? ARG A 2  VAL A 6   
A 3 ILE A 47 ? VAL A 50  ? ILE A 47 VAL A 50  
A 4 ILE A 75 ? THR A 79  ? ILE A 75 THR A 79  
A 5 ASP A 97 ? THR A 100 ? ASP A 97 THR A 100 
# 
loop_
_pdbx_struct_sheet_hbond.sheet_id 
_pdbx_struct_sheet_hbond.range_id_1 
_pdbx_struct_sheet_hbond.range_id_2 
_pdbx_struct_sheet_hbond.range_1_label_atom_id 
_pdbx_struct_sheet_hbond.range_1_label_comp_id 
_pdbx_struct_sheet_hbond.range_1_label_asym_id 
_pdbx_struct_sheet_hbond.range_1_label_seq_id 
_pdbx_struct_sheet_hbond.range_1_PDB_ins_code 
_pdbx_struct_sheet_hbond.range_1_auth_atom_id 
_pdbx_struct_sheet_hbond.range_1_auth_comp_id 
_pdbx_struct_sheet_hbond.range_1_auth_asym_id 
_pdbx_struct_sheet_hbond.range_1_auth_seq_id 
_pdbx_struct_sheet_hbond.range_2_label_atom_id 
_pdbx_struct_sheet_hbond.range_2_label_comp_id 
_pdbx_struct_sheet_hbond.range_2_label_asym_id 
_pdbx_struct_sheet_hbond.range_2_label_seq_id 
_pdbx_struct_sheet_hbond.range_2_PDB_ins_code 
_pdbx_struct_sheet_hbond.range_2_auth_atom_id 
_pdbx_struct_sheet_hbond.range_2_auth_comp_id 
_pdbx_struct_sheet_hbond.range_2_auth_asym_id 
_pdbx_struct_sheet_hbond.range_2_auth_seq_id 
A 1 2 O ALA A 30 ? O ALA A 30 N VAL A 5  ? N VAL A 5  
A 2 3 N LEU A 4  ? N LEU A 4  O ILE A 49 ? O ILE A 49 
A 3 4 N ALA A 48 ? N ALA A 48 O LEU A 76 ? O LEU A 76 
A 4 5 N VAL A 77 ? N VAL A 77 O VAL A 99 ? O VAL A 99 
# 
loop_
_struct_site.id 
_struct_site.pdbx_evidence_code 
_struct_site.pdbx_auth_asym_id 
_struct_site.pdbx_auth_comp_id 
_struct_site.pdbx_auth_seq_id 
_struct_site.pdbx_auth_ins_code 
_struct_site.pdbx_num_residues 
_struct_site.details 
AC1 Software A PT  201 ? 4  'BINDING SITE FOR RESIDUE PT A 201'  
AC2 Software A PT  202 ? 2  'BINDING SITE FOR RESIDUE PT A 202'  
AC3 Software A PT  203 ? 2  'BINDING SITE FOR RESIDUE PT A 203'  
AC4 Software A MG  204 ? 6  'BINDING SITE FOR RESIDUE MG A 204'  
AC5 Software A BEF 205 ? 11 'BINDING SITE FOR RESIDUE BEF A 205' 
# 
loop_
_struct_site_gen.id 
_struct_site_gen.site_id 
_struct_site_gen.pdbx_num_res 
_struct_site_gen.label_comp_id 
_struct_site_gen.label_asym_id 
_struct_site_gen.label_seq_id 
_struct_site_gen.pdbx_auth_ins_code 
_struct_site_gen.auth_comp_id 
_struct_site_gen.auth_asym_id 
_struct_site_gen.auth_seq_id 
_struct_site_gen.label_atom_id 
_struct_site_gen.label_alt_id 
_struct_site_gen.symmetry 
_struct_site_gen.details 
1  AC1 4  HIS A 15  ? HIS A 15  . ? 1_555 ? 
2  AC1 4  HOH G .   ? HOH A 271 . ? 1_555 ? 
3  AC1 4  HOH G .   ? HOH A 282 . ? 1_555 ? 
4  AC1 4  HOH G .   ? HOH A 283 . ? 1_555 ? 
5  AC2 2  MSE A 109 ? MSE A 109 . ? 1_555 ? 
6  AC2 2  MSE A 112 ? MSE A 112 . ? 1_555 ? 
7  AC3 2  HIS A 25  ? HIS A 25  . ? 1_555 ? 
8  AC3 2  MSE A 116 ? MSE A 116 . ? 1_555 ? 
9  AC4 6  ASP A 8   ? ASP A 8   . ? 1_555 ? 
10 AC4 6  ASP A 51  ? ASP A 51  . ? 1_555 ? 
11 AC4 6  GLY A 53  ? GLY A 53  . ? 1_555 ? 
12 AC4 6  BEF F .   ? BEF A 205 . ? 1_555 ? 
13 AC4 6  HOH G .   ? HOH A 291 . ? 1_555 ? 
14 AC4 6  HOH G .   ? HOH A 292 . ? 1_555 ? 
15 AC5 11 ASP A 51  ? ASP A 51  . ? 1_555 ? 
16 AC5 11 LEU A 52  ? LEU A 52  . ? 1_555 ? 
17 AC5 11 GLY A 53  ? GLY A 53  . ? 1_555 ? 
18 AC5 11 THR A 79  ? THR A 79  . ? 1_555 ? 
19 AC5 11 ALA A 80  ? ALA A 80  . ? 1_555 ? 
20 AC5 11 LYS A 101 ? LYS A 101 . ? 1_555 ? 
21 AC5 11 MG  E .   ? MG  A 204 . ? 1_555 ? 
22 AC5 11 HOH G .   ? HOH A 247 . ? 1_555 ? 
23 AC5 11 HOH G .   ? HOH A 284 . ? 1_556 ? 
24 AC5 11 HOH G .   ? HOH A 291 . ? 1_555 ? 
25 AC5 11 HOH G .   ? HOH A 294 . ? 1_555 ? 
# 
_pdbx_entry_details.entry_id                   2PL1 
_pdbx_entry_details.compound_details           ? 
_pdbx_entry_details.source_details             ? 
_pdbx_entry_details.nonpolymer_details         ? 
_pdbx_entry_details.sequence_details           ? 
_pdbx_entry_details.has_ligand_of_interest     ? 
_pdbx_entry_details.has_protein_modification   Y 
# 
_pdbx_validate_torsion.id              1 
_pdbx_validate_torsion.PDB_model_num   1 
_pdbx_validate_torsion.auth_comp_id    ASP 
_pdbx_validate_torsion.auth_asym_id    A 
_pdbx_validate_torsion.auth_seq_id     56 
_pdbx_validate_torsion.PDB_ins_code    ? 
_pdbx_validate_torsion.label_alt_id    ? 
_pdbx_validate_torsion.phi             -115.85 
_pdbx_validate_torsion.psi             -100.45 
# 
loop_
_pdbx_struct_mod_residue.id 
_pdbx_struct_mod_residue.label_asym_id 
_pdbx_struct_mod_residue.label_comp_id 
_pdbx_struct_mod_residue.label_seq_id 
_pdbx_struct_mod_residue.auth_asym_id 
_pdbx_struct_mod_residue.auth_comp_id 
_pdbx_struct_mod_residue.auth_seq_id 
_pdbx_struct_mod_residue.PDB_ins_code 
_pdbx_struct_mod_residue.parent_comp_id 
_pdbx_struct_mod_residue.details 
1 A MSE 1   A MSE 1   ? MET SELENOMETHIONINE 
2 A MSE 109 A MSE 109 ? MET SELENOMETHIONINE 
3 A MSE 112 A MSE 112 ? MET SELENOMETHIONINE 
4 A MSE 116 A MSE 116 ? MET SELENOMETHIONINE 
# 
_pdbx_struct_special_symmetry.id              1 
_pdbx_struct_special_symmetry.PDB_model_num   1 
_pdbx_struct_special_symmetry.auth_asym_id    A 
_pdbx_struct_special_symmetry.auth_comp_id    HOH 
_pdbx_struct_special_symmetry.auth_seq_id     304 
_pdbx_struct_special_symmetry.PDB_ins_code    ? 
_pdbx_struct_special_symmetry.label_asym_id   G 
_pdbx_struct_special_symmetry.label_comp_id   HOH 
_pdbx_struct_special_symmetry.label_seq_id    . 
# 
loop_
_chem_comp_atom.comp_id 
_chem_comp_atom.atom_id 
_chem_comp_atom.type_symbol 
_chem_comp_atom.pdbx_aromatic_flag 
_chem_comp_atom.pdbx_stereo_config 
_chem_comp_atom.pdbx_ordinal 
ALA N    N  N N 1   
ALA CA   C  N S 2   
ALA C    C  N N 3   
ALA O    O  N N 4   
ALA CB   C  N N 5   
ALA OXT  O  N N 6   
ALA H    H  N N 7   
ALA H2   H  N N 8   
ALA HA   H  N N 9   
ALA HB1  H  N N 10  
ALA HB2  H  N N 11  
ALA HB3  H  N N 12  
ALA HXT  H  N N 13  
ARG N    N  N N 14  
ARG CA   C  N S 15  
ARG C    C  N N 16  
ARG O    O  N N 17  
ARG CB   C  N N 18  
ARG CG   C  N N 19  
ARG CD   C  N N 20  
ARG NE   N  N N 21  
ARG CZ   C  N N 22  
ARG NH1  N  N N 23  
ARG NH2  N  N N 24  
ARG OXT  O  N N 25  
ARG H    H  N N 26  
ARG H2   H  N N 27  
ARG HA   H  N N 28  
ARG HB2  H  N N 29  
ARG HB3  H  N N 30  
ARG HG2  H  N N 31  
ARG HG3  H  N N 32  
ARG HD2  H  N N 33  
ARG HD3  H  N N 34  
ARG HE   H  N N 35  
ARG HH11 H  N N 36  
ARG HH12 H  N N 37  
ARG HH21 H  N N 38  
ARG HH22 H  N N 39  
ARG HXT  H  N N 40  
ASN N    N  N N 41  
ASN CA   C  N S 42  
ASN C    C  N N 43  
ASN O    O  N N 44  
ASN CB   C  N N 45  
ASN CG   C  N N 46  
ASN OD1  O  N N 47  
ASN ND2  N  N N 48  
ASN OXT  O  N N 49  
ASN H    H  N N 50  
ASN H2   H  N N 51  
ASN HA   H  N N 52  
ASN HB2  H  N N 53  
ASN HB3  H  N N 54  
ASN HD21 H  N N 55  
ASN HD22 H  N N 56  
ASN HXT  H  N N 57  
ASP N    N  N N 58  
ASP CA   C  N S 59  
ASP C    C  N N 60  
ASP O    O  N N 61  
ASP CB   C  N N 62  
ASP CG   C  N N 63  
ASP OD1  O  N N 64  
ASP OD2  O  N N 65  
ASP OXT  O  N N 66  
ASP H    H  N N 67  
ASP H2   H  N N 68  
ASP HA   H  N N 69  
ASP HB2  H  N N 70  
ASP HB3  H  N N 71  
ASP HD2  H  N N 72  
ASP HXT  H  N N 73  
BEF BE   BE N N 74  
BEF F1   F  N N 75  
BEF F2   F  N N 76  
BEF F3   F  N N 77  
GLN N    N  N N 78  
GLN CA   C  N S 79  
GLN C    C  N N 80  
GLN O    O  N N 81  
GLN CB   C  N N 82  
GLN CG   C  N N 83  
GLN CD   C  N N 84  
GLN OE1  O  N N 85  
GLN NE2  N  N N 86  
GLN OXT  O  N N 87  
GLN H    H  N N 88  
GLN H2   H  N N 89  
GLN HA   H  N N 90  
GLN HB2  H  N N 91  
GLN HB3  H  N N 92  
GLN HG2  H  N N 93  
GLN HG3  H  N N 94  
GLN HE21 H  N N 95  
GLN HE22 H  N N 96  
GLN HXT  H  N N 97  
GLU N    N  N N 98  
GLU CA   C  N S 99  
GLU C    C  N N 100 
GLU O    O  N N 101 
GLU CB   C  N N 102 
GLU CG   C  N N 103 
GLU CD   C  N N 104 
GLU OE1  O  N N 105 
GLU OE2  O  N N 106 
GLU OXT  O  N N 107 
GLU H    H  N N 108 
GLU H2   H  N N 109 
GLU HA   H  N N 110 
GLU HB2  H  N N 111 
GLU HB3  H  N N 112 
GLU HG2  H  N N 113 
GLU HG3  H  N N 114 
GLU HE2  H  N N 115 
GLU HXT  H  N N 116 
GLY N    N  N N 117 
GLY CA   C  N N 118 
GLY C    C  N N 119 
GLY O    O  N N 120 
GLY OXT  O  N N 121 
GLY H    H  N N 122 
GLY H2   H  N N 123 
GLY HA2  H  N N 124 
GLY HA3  H  N N 125 
GLY HXT  H  N N 126 
HIS N    N  N N 127 
HIS CA   C  N S 128 
HIS C    C  N N 129 
HIS O    O  N N 130 
HIS CB   C  N N 131 
HIS CG   C  Y N 132 
HIS ND1  N  Y N 133 
HIS CD2  C  Y N 134 
HIS CE1  C  Y N 135 
HIS NE2  N  Y N 136 
HIS OXT  O  N N 137 
HIS H    H  N N 138 
HIS H2   H  N N 139 
HIS HA   H  N N 140 
HIS HB2  H  N N 141 
HIS HB3  H  N N 142 
HIS HD1  H  N N 143 
HIS HD2  H  N N 144 
HIS HE1  H  N N 145 
HIS HE2  H  N N 146 
HIS HXT  H  N N 147 
HOH O    O  N N 148 
HOH H1   H  N N 149 
HOH H2   H  N N 150 
ILE N    N  N N 151 
ILE CA   C  N S 152 
ILE C    C  N N 153 
ILE O    O  N N 154 
ILE CB   C  N S 155 
ILE CG1  C  N N 156 
ILE CG2  C  N N 157 
ILE CD1  C  N N 158 
ILE OXT  O  N N 159 
ILE H    H  N N 160 
ILE H2   H  N N 161 
ILE HA   H  N N 162 
ILE HB   H  N N 163 
ILE HG12 H  N N 164 
ILE HG13 H  N N 165 
ILE HG21 H  N N 166 
ILE HG22 H  N N 167 
ILE HG23 H  N N 168 
ILE HD11 H  N N 169 
ILE HD12 H  N N 170 
ILE HD13 H  N N 171 
ILE HXT  H  N N 172 
LEU N    N  N N 173 
LEU CA   C  N S 174 
LEU C    C  N N 175 
LEU O    O  N N 176 
LEU CB   C  N N 177 
LEU CG   C  N N 178 
LEU CD1  C  N N 179 
LEU CD2  C  N N 180 
LEU OXT  O  N N 181 
LEU H    H  N N 182 
LEU H2   H  N N 183 
LEU HA   H  N N 184 
LEU HB2  H  N N 185 
LEU HB3  H  N N 186 
LEU HG   H  N N 187 
LEU HD11 H  N N 188 
LEU HD12 H  N N 189 
LEU HD13 H  N N 190 
LEU HD21 H  N N 191 
LEU HD22 H  N N 192 
LEU HD23 H  N N 193 
LEU HXT  H  N N 194 
LYS N    N  N N 195 
LYS CA   C  N S 196 
LYS C    C  N N 197 
LYS O    O  N N 198 
LYS CB   C  N N 199 
LYS CG   C  N N 200 
LYS CD   C  N N 201 
LYS CE   C  N N 202 
LYS NZ   N  N N 203 
LYS OXT  O  N N 204 
LYS H    H  N N 205 
LYS H2   H  N N 206 
LYS HA   H  N N 207 
LYS HB2  H  N N 208 
LYS HB3  H  N N 209 
LYS HG2  H  N N 210 
LYS HG3  H  N N 211 
LYS HD2  H  N N 212 
LYS HD3  H  N N 213 
LYS HE2  H  N N 214 
LYS HE3  H  N N 215 
LYS HZ1  H  N N 216 
LYS HZ2  H  N N 217 
LYS HZ3  H  N N 218 
LYS HXT  H  N N 219 
MET N    N  N N 220 
MET CA   C  N S 221 
MET C    C  N N 222 
MET O    O  N N 223 
MET CB   C  N N 224 
MET CG   C  N N 225 
MET SD   S  N N 226 
MET CE   C  N N 227 
MET OXT  O  N N 228 
MET H    H  N N 229 
MET H2   H  N N 230 
MET HA   H  N N 231 
MET HB2  H  N N 232 
MET HB3  H  N N 233 
MET HG2  H  N N 234 
MET HG3  H  N N 235 
MET HE1  H  N N 236 
MET HE2  H  N N 237 
MET HE3  H  N N 238 
MET HXT  H  N N 239 
MG  MG   MG N N 240 
MSE N    N  N N 241 
MSE CA   C  N S 242 
MSE C    C  N N 243 
MSE O    O  N N 244 
MSE OXT  O  N N 245 
MSE CB   C  N N 246 
MSE CG   C  N N 247 
MSE SE   SE N N 248 
MSE CE   C  N N 249 
MSE H    H  N N 250 
MSE H2   H  N N 251 
MSE HA   H  N N 252 
MSE HXT  H  N N 253 
MSE HB2  H  N N 254 
MSE HB3  H  N N 255 
MSE HG2  H  N N 256 
MSE HG3  H  N N 257 
MSE HE1  H  N N 258 
MSE HE2  H  N N 259 
MSE HE3  H  N N 260 
PHE N    N  N N 261 
PHE CA   C  N S 262 
PHE C    C  N N 263 
PHE O    O  N N 264 
PHE CB   C  N N 265 
PHE CG   C  Y N 266 
PHE CD1  C  Y N 267 
PHE CD2  C  Y N 268 
PHE CE1  C  Y N 269 
PHE CE2  C  Y N 270 
PHE CZ   C  Y N 271 
PHE OXT  O  N N 272 
PHE H    H  N N 273 
PHE H2   H  N N 274 
PHE HA   H  N N 275 
PHE HB2  H  N N 276 
PHE HB3  H  N N 277 
PHE HD1  H  N N 278 
PHE HD2  H  N N 279 
PHE HE1  H  N N 280 
PHE HE2  H  N N 281 
PHE HZ   H  N N 282 
PHE HXT  H  N N 283 
PRO N    N  N N 284 
PRO CA   C  N S 285 
PRO C    C  N N 286 
PRO O    O  N N 287 
PRO CB   C  N N 288 
PRO CG   C  N N 289 
PRO CD   C  N N 290 
PRO OXT  O  N N 291 
PRO H    H  N N 292 
PRO HA   H  N N 293 
PRO HB2  H  N N 294 
PRO HB3  H  N N 295 
PRO HG2  H  N N 296 
PRO HG3  H  N N 297 
PRO HD2  H  N N 298 
PRO HD3  H  N N 299 
PRO HXT  H  N N 300 
PT  PT   PT N N 301 
SER N    N  N N 302 
SER CA   C  N S 303 
SER C    C  N N 304 
SER O    O  N N 305 
SER CB   C  N N 306 
SER OG   O  N N 307 
SER OXT  O  N N 308 
SER H    H  N N 309 
SER H2   H  N N 310 
SER HA   H  N N 311 
SER HB2  H  N N 312 
SER HB3  H  N N 313 
SER HG   H  N N 314 
SER HXT  H  N N 315 
THR N    N  N N 316 
THR CA   C  N S 317 
THR C    C  N N 318 
THR O    O  N N 319 
THR CB   C  N R 320 
THR OG1  O  N N 321 
THR CG2  C  N N 322 
THR OXT  O  N N 323 
THR H    H  N N 324 
THR H2   H  N N 325 
THR HA   H  N N 326 
THR HB   H  N N 327 
THR HG1  H  N N 328 
THR HG21 H  N N 329 
THR HG22 H  N N 330 
THR HG23 H  N N 331 
THR HXT  H  N N 332 
TRP N    N  N N 333 
TRP CA   C  N S 334 
TRP C    C  N N 335 
TRP O    O  N N 336 
TRP CB   C  N N 337 
TRP CG   C  Y N 338 
TRP CD1  C  Y N 339 
TRP CD2  C  Y N 340 
TRP NE1  N  Y N 341 
TRP CE2  C  Y N 342 
TRP CE3  C  Y N 343 
TRP CZ2  C  Y N 344 
TRP CZ3  C  Y N 345 
TRP CH2  C  Y N 346 
TRP OXT  O  N N 347 
TRP H    H  N N 348 
TRP H2   H  N N 349 
TRP HA   H  N N 350 
TRP HB2  H  N N 351 
TRP HB3  H  N N 352 
TRP HD1  H  N N 353 
TRP HE1  H  N N 354 
TRP HE3  H  N N 355 
TRP HZ2  H  N N 356 
TRP HZ3  H  N N 357 
TRP HH2  H  N N 358 
TRP HXT  H  N N 359 
TYR N    N  N N 360 
TYR CA   C  N S 361 
TYR C    C  N N 362 
TYR O    O  N N 363 
TYR CB   C  N N 364 
TYR CG   C  Y N 365 
TYR CD1  C  Y N 366 
TYR CD2  C  Y N 367 
TYR CE1  C  Y N 368 
TYR CE2  C  Y N 369 
TYR CZ   C  Y N 370 
TYR OH   O  N N 371 
TYR OXT  O  N N 372 
TYR H    H  N N 373 
TYR H2   H  N N 374 
TYR HA   H  N N 375 
TYR HB2  H  N N 376 
TYR HB3  H  N N 377 
TYR HD1  H  N N 378 
TYR HD2  H  N N 379 
TYR HE1  H  N N 380 
TYR HE2  H  N N 381 
TYR HH   H  N N 382 
TYR HXT  H  N N 383 
VAL N    N  N N 384 
VAL CA   C  N S 385 
VAL C    C  N N 386 
VAL O    O  N N 387 
VAL CB   C  N N 388 
VAL CG1  C  N N 389 
VAL CG2  C  N N 390 
VAL OXT  O  N N 391 
VAL H    H  N N 392 
VAL H2   H  N N 393 
VAL HA   H  N N 394 
VAL HB   H  N N 395 
VAL HG11 H  N N 396 
VAL HG12 H  N N 397 
VAL HG13 H  N N 398 
VAL HG21 H  N N 399 
VAL HG22 H  N N 400 
VAL HG23 H  N N 401 
VAL HXT  H  N N 402 
# 
loop_
_chem_comp_bond.comp_id 
_chem_comp_bond.atom_id_1 
_chem_comp_bond.atom_id_2 
_chem_comp_bond.value_order 
_chem_comp_bond.pdbx_aromatic_flag 
_chem_comp_bond.pdbx_stereo_config 
_chem_comp_bond.pdbx_ordinal 
ALA N   CA   sing N N 1   
ALA N   H    sing N N 2   
ALA N   H2   sing N N 3   
ALA CA  C    sing N N 4   
ALA CA  CB   sing N N 5   
ALA CA  HA   sing N N 6   
ALA C   O    doub N N 7   
ALA C   OXT  sing N N 8   
ALA CB  HB1  sing N N 9   
ALA CB  HB2  sing N N 10  
ALA CB  HB3  sing N N 11  
ALA OXT HXT  sing N N 12  
ARG N   CA   sing N N 13  
ARG N   H    sing N N 14  
ARG N   H2   sing N N 15  
ARG CA  C    sing N N 16  
ARG CA  CB   sing N N 17  
ARG CA  HA   sing N N 18  
ARG C   O    doub N N 19  
ARG C   OXT  sing N N 20  
ARG CB  CG   sing N N 21  
ARG CB  HB2  sing N N 22  
ARG CB  HB3  sing N N 23  
ARG CG  CD   sing N N 24  
ARG CG  HG2  sing N N 25  
ARG CG  HG3  sing N N 26  
ARG CD  NE   sing N N 27  
ARG CD  HD2  sing N N 28  
ARG CD  HD3  sing N N 29  
ARG NE  CZ   sing N N 30  
ARG NE  HE   sing N N 31  
ARG CZ  NH1  sing N N 32  
ARG CZ  NH2  doub N N 33  
ARG NH1 HH11 sing N N 34  
ARG NH1 HH12 sing N N 35  
ARG NH2 HH21 sing N N 36  
ARG NH2 HH22 sing N N 37  
ARG OXT HXT  sing N N 38  
ASN N   CA   sing N N 39  
ASN N   H    sing N N 40  
ASN N   H2   sing N N 41  
ASN CA  C    sing N N 42  
ASN CA  CB   sing N N 43  
ASN CA  HA   sing N N 44  
ASN C   O    doub N N 45  
ASN C   OXT  sing N N 46  
ASN CB  CG   sing N N 47  
ASN CB  HB2  sing N N 48  
ASN CB  HB3  sing N N 49  
ASN CG  OD1  doub N N 50  
ASN CG  ND2  sing N N 51  
ASN ND2 HD21 sing N N 52  
ASN ND2 HD22 sing N N 53  
ASN OXT HXT  sing N N 54  
ASP N   CA   sing N N 55  
ASP N   H    sing N N 56  
ASP N   H2   sing N N 57  
ASP CA  C    sing N N 58  
ASP CA  CB   sing N N 59  
ASP CA  HA   sing N N 60  
ASP C   O    doub N N 61  
ASP C   OXT  sing N N 62  
ASP CB  CG   sing N N 63  
ASP CB  HB2  sing N N 64  
ASP CB  HB3  sing N N 65  
ASP CG  OD1  doub N N 66  
ASP CG  OD2  sing N N 67  
ASP OD2 HD2  sing N N 68  
ASP OXT HXT  sing N N 69  
BEF BE  F1   sing N N 70  
BEF BE  F2   sing N N 71  
BEF BE  F3   sing N N 72  
GLN N   CA   sing N N 73  
GLN N   H    sing N N 74  
GLN N   H2   sing N N 75  
GLN CA  C    sing N N 76  
GLN CA  CB   sing N N 77  
GLN CA  HA   sing N N 78  
GLN C   O    doub N N 79  
GLN C   OXT  sing N N 80  
GLN CB  CG   sing N N 81  
GLN CB  HB2  sing N N 82  
GLN CB  HB3  sing N N 83  
GLN CG  CD   sing N N 84  
GLN CG  HG2  sing N N 85  
GLN CG  HG3  sing N N 86  
GLN CD  OE1  doub N N 87  
GLN CD  NE2  sing N N 88  
GLN NE2 HE21 sing N N 89  
GLN NE2 HE22 sing N N 90  
GLN OXT HXT  sing N N 91  
GLU N   CA   sing N N 92  
GLU N   H    sing N N 93  
GLU N   H2   sing N N 94  
GLU CA  C    sing N N 95  
GLU CA  CB   sing N N 96  
GLU CA  HA   sing N N 97  
GLU C   O    doub N N 98  
GLU C   OXT  sing N N 99  
GLU CB  CG   sing N N 100 
GLU CB  HB2  sing N N 101 
GLU CB  HB3  sing N N 102 
GLU CG  CD   sing N N 103 
GLU CG  HG2  sing N N 104 
GLU CG  HG3  sing N N 105 
GLU CD  OE1  doub N N 106 
GLU CD  OE2  sing N N 107 
GLU OE2 HE2  sing N N 108 
GLU OXT HXT  sing N N 109 
GLY N   CA   sing N N 110 
GLY N   H    sing N N 111 
GLY N   H2   sing N N 112 
GLY CA  C    sing N N 113 
GLY CA  HA2  sing N N 114 
GLY CA  HA3  sing N N 115 
GLY C   O    doub N N 116 
GLY C   OXT  sing N N 117 
GLY OXT HXT  sing N N 118 
HIS N   CA   sing N N 119 
HIS N   H    sing N N 120 
HIS N   H2   sing N N 121 
HIS CA  C    sing N N 122 
HIS CA  CB   sing N N 123 
HIS CA  HA   sing N N 124 
HIS C   O    doub N N 125 
HIS C   OXT  sing N N 126 
HIS CB  CG   sing N N 127 
HIS CB  HB2  sing N N 128 
HIS CB  HB3  sing N N 129 
HIS CG  ND1  sing Y N 130 
HIS CG  CD2  doub Y N 131 
HIS ND1 CE1  doub Y N 132 
HIS ND1 HD1  sing N N 133 
HIS CD2 NE2  sing Y N 134 
HIS CD2 HD2  sing N N 135 
HIS CE1 NE2  sing Y N 136 
HIS CE1 HE1  sing N N 137 
HIS NE2 HE2  sing N N 138 
HIS OXT HXT  sing N N 139 
HOH O   H1   sing N N 140 
HOH O   H2   sing N N 141 
ILE N   CA   sing N N 142 
ILE N   H    sing N N 143 
ILE N   H2   sing N N 144 
ILE CA  C    sing N N 145 
ILE CA  CB   sing N N 146 
ILE CA  HA   sing N N 147 
ILE C   O    doub N N 148 
ILE C   OXT  sing N N 149 
ILE CB  CG1  sing N N 150 
ILE CB  CG2  sing N N 151 
ILE CB  HB   sing N N 152 
ILE CG1 CD1  sing N N 153 
ILE CG1 HG12 sing N N 154 
ILE CG1 HG13 sing N N 155 
ILE CG2 HG21 sing N N 156 
ILE CG2 HG22 sing N N 157 
ILE CG2 HG23 sing N N 158 
ILE CD1 HD11 sing N N 159 
ILE CD1 HD12 sing N N 160 
ILE CD1 HD13 sing N N 161 
ILE OXT HXT  sing N N 162 
LEU N   CA   sing N N 163 
LEU N   H    sing N N 164 
LEU N   H2   sing N N 165 
LEU CA  C    sing N N 166 
LEU CA  CB   sing N N 167 
LEU CA  HA   sing N N 168 
LEU C   O    doub N N 169 
LEU C   OXT  sing N N 170 
LEU CB  CG   sing N N 171 
LEU CB  HB2  sing N N 172 
LEU CB  HB3  sing N N 173 
LEU CG  CD1  sing N N 174 
LEU CG  CD2  sing N N 175 
LEU CG  HG   sing N N 176 
LEU CD1 HD11 sing N N 177 
LEU CD1 HD12 sing N N 178 
LEU CD1 HD13 sing N N 179 
LEU CD2 HD21 sing N N 180 
LEU CD2 HD22 sing N N 181 
LEU CD2 HD23 sing N N 182 
LEU OXT HXT  sing N N 183 
LYS N   CA   sing N N 184 
LYS N   H    sing N N 185 
LYS N   H2   sing N N 186 
LYS CA  C    sing N N 187 
LYS CA  CB   sing N N 188 
LYS CA  HA   sing N N 189 
LYS C   O    doub N N 190 
LYS C   OXT  sing N N 191 
LYS CB  CG   sing N N 192 
LYS CB  HB2  sing N N 193 
LYS CB  HB3  sing N N 194 
LYS CG  CD   sing N N 195 
LYS CG  HG2  sing N N 196 
LYS CG  HG3  sing N N 197 
LYS CD  CE   sing N N 198 
LYS CD  HD2  sing N N 199 
LYS CD  HD3  sing N N 200 
LYS CE  NZ   sing N N 201 
LYS CE  HE2  sing N N 202 
LYS CE  HE3  sing N N 203 
LYS NZ  HZ1  sing N N 204 
LYS NZ  HZ2  sing N N 205 
LYS NZ  HZ3  sing N N 206 
LYS OXT HXT  sing N N 207 
MET N   CA   sing N N 208 
MET N   H    sing N N 209 
MET N   H2   sing N N 210 
MET CA  C    sing N N 211 
MET CA  CB   sing N N 212 
MET CA  HA   sing N N 213 
MET C   O    doub N N 214 
MET C   OXT  sing N N 215 
MET CB  CG   sing N N 216 
MET CB  HB2  sing N N 217 
MET CB  HB3  sing N N 218 
MET CG  SD   sing N N 219 
MET CG  HG2  sing N N 220 
MET CG  HG3  sing N N 221 
MET SD  CE   sing N N 222 
MET CE  HE1  sing N N 223 
MET CE  HE2  sing N N 224 
MET CE  HE3  sing N N 225 
MET OXT HXT  sing N N 226 
MSE N   CA   sing N N 227 
MSE N   H    sing N N 228 
MSE N   H2   sing N N 229 
MSE CA  C    sing N N 230 
MSE CA  CB   sing N N 231 
MSE CA  HA   sing N N 232 
MSE C   O    doub N N 233 
MSE C   OXT  sing N N 234 
MSE OXT HXT  sing N N 235 
MSE CB  CG   sing N N 236 
MSE CB  HB2  sing N N 237 
MSE CB  HB3  sing N N 238 
MSE CG  SE   sing N N 239 
MSE CG  HG2  sing N N 240 
MSE CG  HG3  sing N N 241 
MSE SE  CE   sing N N 242 
MSE CE  HE1  sing N N 243 
MSE CE  HE2  sing N N 244 
MSE CE  HE3  sing N N 245 
PHE N   CA   sing N N 246 
PHE N   H    sing N N 247 
PHE N   H2   sing N N 248 
PHE CA  C    sing N N 249 
PHE CA  CB   sing N N 250 
PHE CA  HA   sing N N 251 
PHE C   O    doub N N 252 
PHE C   OXT  sing N N 253 
PHE CB  CG   sing N N 254 
PHE CB  HB2  sing N N 255 
PHE CB  HB3  sing N N 256 
PHE CG  CD1  doub Y N 257 
PHE CG  CD2  sing Y N 258 
PHE CD1 CE1  sing Y N 259 
PHE CD1 HD1  sing N N 260 
PHE CD2 CE2  doub Y N 261 
PHE CD2 HD2  sing N N 262 
PHE CE1 CZ   doub Y N 263 
PHE CE1 HE1  sing N N 264 
PHE CE2 CZ   sing Y N 265 
PHE CE2 HE2  sing N N 266 
PHE CZ  HZ   sing N N 267 
PHE OXT HXT  sing N N 268 
PRO N   CA   sing N N 269 
PRO N   CD   sing N N 270 
PRO N   H    sing N N 271 
PRO CA  C    sing N N 272 
PRO CA  CB   sing N N 273 
PRO CA  HA   sing N N 274 
PRO C   O    doub N N 275 
PRO C   OXT  sing N N 276 
PRO CB  CG   sing N N 277 
PRO CB  HB2  sing N N 278 
PRO CB  HB3  sing N N 279 
PRO CG  CD   sing N N 280 
PRO CG  HG2  sing N N 281 
PRO CG  HG3  sing N N 282 
PRO CD  HD2  sing N N 283 
PRO CD  HD3  sing N N 284 
PRO OXT HXT  sing N N 285 
SER N   CA   sing N N 286 
SER N   H    sing N N 287 
SER N   H2   sing N N 288 
SER CA  C    sing N N 289 
SER CA  CB   sing N N 290 
SER CA  HA   sing N N 291 
SER C   O    doub N N 292 
SER C   OXT  sing N N 293 
SER CB  OG   sing N N 294 
SER CB  HB2  sing N N 295 
SER CB  HB3  sing N N 296 
SER OG  HG   sing N N 297 
SER OXT HXT  sing N N 298 
THR N   CA   sing N N 299 
THR N   H    sing N N 300 
THR N   H2   sing N N 301 
THR CA  C    sing N N 302 
THR CA  CB   sing N N 303 
THR CA  HA   sing N N 304 
THR C   O    doub N N 305 
THR C   OXT  sing N N 306 
THR CB  OG1  sing N N 307 
THR CB  CG2  sing N N 308 
THR CB  HB   sing N N 309 
THR OG1 HG1  sing N N 310 
THR CG2 HG21 sing N N 311 
THR CG2 HG22 sing N N 312 
THR CG2 HG23 sing N N 313 
THR OXT HXT  sing N N 314 
TRP N   CA   sing N N 315 
TRP N   H    sing N N 316 
TRP N   H2   sing N N 317 
TRP CA  C    sing N N 318 
TRP CA  CB   sing N N 319 
TRP CA  HA   sing N N 320 
TRP C   O    doub N N 321 
TRP C   OXT  sing N N 322 
TRP CB  CG   sing N N 323 
TRP CB  HB2  sing N N 324 
TRP CB  HB3  sing N N 325 
TRP CG  CD1  doub Y N 326 
TRP CG  CD2  sing Y N 327 
TRP CD1 NE1  sing Y N 328 
TRP CD1 HD1  sing N N 329 
TRP CD2 CE2  doub Y N 330 
TRP CD2 CE3  sing Y N 331 
TRP NE1 CE2  sing Y N 332 
TRP NE1 HE1  sing N N 333 
TRP CE2 CZ2  sing Y N 334 
TRP CE3 CZ3  doub Y N 335 
TRP CE3 HE3  sing N N 336 
TRP CZ2 CH2  doub Y N 337 
TRP CZ2 HZ2  sing N N 338 
TRP CZ3 CH2  sing Y N 339 
TRP CZ3 HZ3  sing N N 340 
TRP CH2 HH2  sing N N 341 
TRP OXT HXT  sing N N 342 
TYR N   CA   sing N N 343 
TYR N   H    sing N N 344 
TYR N   H2   sing N N 345 
TYR CA  C    sing N N 346 
TYR CA  CB   sing N N 347 
TYR CA  HA   sing N N 348 
TYR C   O    doub N N 349 
TYR C   OXT  sing N N 350 
TYR CB  CG   sing N N 351 
TYR CB  HB2  sing N N 352 
TYR CB  HB3  sing N N 353 
TYR CG  CD1  doub Y N 354 
TYR CG  CD2  sing Y N 355 
TYR CD1 CE1  sing Y N 356 
TYR CD1 HD1  sing N N 357 
TYR CD2 CE2  doub Y N 358 
TYR CD2 HD2  sing N N 359 
TYR CE1 CZ   doub Y N 360 
TYR CE1 HE1  sing N N 361 
TYR CE2 CZ   sing Y N 362 
TYR CE2 HE2  sing N N 363 
TYR CZ  OH   sing N N 364 
TYR OH  HH   sing N N 365 
TYR OXT HXT  sing N N 366 
VAL N   CA   sing N N 367 
VAL N   H    sing N N 368 
VAL N   H2   sing N N 369 
VAL CA  C    sing N N 370 
VAL CA  CB   sing N N 371 
VAL CA  HA   sing N N 372 
VAL C   O    doub N N 373 
VAL C   OXT  sing N N 374 
VAL CB  CG1  sing N N 375 
VAL CB  CG2  sing N N 376 
VAL CB  HB   sing N N 377 
VAL CG1 HG11 sing N N 378 
VAL CG1 HG12 sing N N 379 
VAL CG1 HG13 sing N N 380 
VAL CG2 HG21 sing N N 381 
VAL CG2 HG22 sing N N 382 
VAL CG2 HG23 sing N N 383 
VAL OXT HXT  sing N N 384 
# 
_atom_sites.entry_id                    2PL1 
_atom_sites.fract_transf_matrix[1][1]   0.00569146 
_atom_sites.fract_transf_matrix[1][2]   0.00916166 
_atom_sites.fract_transf_matrix[1][3]   0.00300865 
_atom_sites.fract_transf_matrix[2][1]   0.00063583 
_atom_sites.fract_transf_matrix[2][2]   0.00873773 
_atom_sites.fract_transf_matrix[2][3]   -0.00697285 
_atom_sites.fract_transf_matrix[3][1]   -0.02677809 
_atom_sites.fract_transf_matrix[3][2]   0.01235348 
_atom_sites.fract_transf_matrix[3][3]   0.01303845 
_atom_sites.fract_transf_vector[1]      -0.862624 
_atom_sites.fract_transf_vector[2]      -0.406244 
_atom_sites.fract_transf_vector[3]      -0.037584 
# 
loop_
_atom_type.symbol 
BE 
C  
F  
MG 
N  
O  
PT 
SE 
# 
loop_
_atom_site.group_PDB 
_atom_site.id 
_atom_site.type_symbol 
_atom_site.label_atom_id 
_atom_site.label_alt_id 
_atom_site.label_comp_id 
_atom_site.label_asym_id 
_atom_site.label_entity_id 
_atom_site.label_seq_id 
_atom_site.pdbx_PDB_ins_code 
_atom_site.Cartn_x 
_atom_site.Cartn_y 
_atom_site.Cartn_z 
_atom_site.occupancy 
_atom_site.B_iso_or_equiv 
_atom_site.pdbx_formal_charge 
_atom_site.auth_seq_id 
_atom_site.auth_comp_id 
_atom_site.auth_asym_id 
_atom_site.auth_atom_id 
_atom_site.pdbx_PDB_model_num 
HETATM 1    N  N   . MSE A 1 1   ? 13.046  -7.205  4.863   1.00 49.98 ? 1   MSE A N   1 
HETATM 2    C  CA  . MSE A 1 1   ? 11.619  -6.805  4.721   1.00 48.46 ? 1   MSE A CA  1 
HETATM 3    C  C   . MSE A 1 1   ? 11.459  -5.286  4.779   1.00 44.35 ? 1   MSE A C   1 
HETATM 4    O  O   . MSE A 1 1   ? 11.521  -4.684  5.851   1.00 43.48 ? 1   MSE A O   1 
HETATM 5    C  CB  . MSE A 1 1   ? 10.777  -7.453  5.826   1.00 55.19 ? 1   MSE A CB  1 
HETATM 6    C  CG  . MSE A 1 1   ? 10.678  -8.978  5.750   1.00 62.48 ? 1   MSE A CG  1 
HETATM 7    SE SE  . MSE A 1 1   ? 9.674   -9.628  4.220   1.00 75.72 ? 1   MSE A SE  1 
HETATM 8    C  CE  . MSE A 1 1   ? 11.150  -9.999  3.022   1.00 69.07 ? 1   MSE A CE  1 
ATOM   9    N  N   . ARG A 1 2   ? 11.264  -4.674  3.615   1.00 38.50 ? 2   ARG A N   1 
ATOM   10   C  CA  . ARG A 1 2   ? 11.075  -3.231  3.527   1.00 33.33 ? 2   ARG A CA  1 
ATOM   11   C  C   . ARG A 1 2   ? 9.658   -2.951  3.043   1.00 28.85 ? 2   ARG A C   1 
ATOM   12   O  O   . ARG A 1 2   ? 9.214   -3.487  2.025   1.00 26.13 ? 2   ARG A O   1 
ATOM   13   C  CB  . ARG A 1 2   ? 12.089  -2.605  2.565   1.00 35.09 ? 2   ARG A CB  1 
ATOM   14   C  CG  . ARG A 1 2   ? 11.874  -1.113  2.341   1.00 39.46 ? 2   ARG A CG  1 
ATOM   15   C  CD  . ARG A 1 2   ? 13.002  -0.501  1.521   1.00 43.36 ? 2   ARG A CD  1 
ATOM   16   N  NE  . ARG A 1 2   ? 14.234  -0.372  2.295   1.00 47.10 ? 2   ARG A NE  1 
ATOM   17   C  CZ  . ARG A 1 2   ? 14.409  0.504   3.282   1.00 49.28 ? 2   ARG A CZ  1 
ATOM   18   N  NH1 . ARG A 1 2   ? 13.434  1.337   3.619   1.00 49.50 ? 2   ARG A NH1 1 
ATOM   19   N  NH2 . ARG A 1 2   ? 15.561  0.542   3.939   1.00 50.06 ? 2   ARG A NH2 1 
ATOM   20   N  N   . VAL A 1 3   ? 8.952   -2.105  3.783   1.00 22.92 ? 3   VAL A N   1 
ATOM   21   C  CA  . VAL A 1 3   ? 7.578   -1.766  3.452   1.00 20.51 ? 3   VAL A CA  1 
ATOM   22   C  C   . VAL A 1 3   ? 7.426   -0.280  3.130   1.00 20.25 ? 3   VAL A C   1 
ATOM   23   O  O   . VAL A 1 3   ? 8.089   0.567   3.730   1.00 21.17 ? 3   VAL A O   1 
ATOM   24   C  CB  . VAL A 1 3   ? 6.645   -2.120  4.633   1.00 19.61 ? 3   VAL A CB  1 
ATOM   25   C  CG1 . VAL A 1 3   ? 5.197   -1.826  4.271   1.00 17.75 ? 3   VAL A CG1 1 
ATOM   26   C  CG2 . VAL A 1 3   ? 6.828   -3.588  5.018   1.00 19.90 ? 3   VAL A CG2 1 
ATOM   27   N  N   . LEU A 1 4   ? 6.561   0.028   2.170   1.00 18.19 ? 4   LEU A N   1 
ATOM   28   C  CA  . LEU A 1 4   ? 6.294   1.414   1.793   1.00 17.53 ? 4   LEU A CA  1 
ATOM   29   C  C   . LEU A 1 4   ? 4.825   1.707   2.060   1.00 18.23 ? 4   LEU A C   1 
ATOM   30   O  O   . LEU A 1 4   ? 3.944   0.994   1.573   1.00 17.46 ? 4   LEU A O   1 
ATOM   31   C  CB  . LEU A 1 4   ? 6.599   1.653   0.308   1.00 17.35 ? 4   LEU A CB  1 
ATOM   32   C  CG  . LEU A 1 4   ? 6.138   3.000   -0.267  1.00 19.58 ? 4   LEU A CG  1 
ATOM   33   C  CD1 . LEU A 1 4   ? 6.791   4.150   0.499   1.00 20.05 ? 4   LEU A CD1 1 
ATOM   34   C  CD2 . LEU A 1 4   ? 6.495   3.075   -1.747  1.00 18.52 ? 4   LEU A CD2 1 
ATOM   35   N  N   . VAL A 1 5   ? 4.567   2.745   2.849   1.00 17.94 ? 5   VAL A N   1 
ATOM   36   C  CA  . VAL A 1 5   ? 3.206   3.149   3.174   1.00 17.86 ? 5   VAL A CA  1 
ATOM   37   C  C   . VAL A 1 5   ? 2.909   4.471   2.472   1.00 18.77 ? 5   VAL A C   1 
ATOM   38   O  O   . VAL A 1 5   ? 3.678   5.429   2.575   1.00 17.89 ? 5   VAL A O   1 
ATOM   39   C  CB  . VAL A 1 5   ? 3.021   3.322   4.707   1.00 19.98 ? 5   VAL A CB  1 
ATOM   40   C  CG1 . VAL A 1 5   ? 1.621   3.863   5.020   1.00 17.86 ? 5   VAL A CG1 1 
ATOM   41   C  CG2 . VAL A 1 5   ? 3.227   1.984   5.405   1.00 18.21 ? 5   VAL A CG2 1 
ATOM   42   N  N   . VAL A 1 6   ? 1.804   4.501   1.733   1.00 18.37 ? 6   VAL A N   1 
ATOM   43   C  CA  . VAL A 1 6   ? 1.379   5.690   1.000   1.00 18.08 ? 6   VAL A CA  1 
ATOM   44   C  C   . VAL A 1 6   ? 0.006   6.052   1.558   1.00 18.53 ? 6   VAL A C   1 
ATOM   45   O  O   . VAL A 1 6   ? -0.983  5.367   1.291   1.00 17.04 ? 6   VAL A O   1 
ATOM   46   C  CB  . VAL A 1 6   ? 1.258   5.398   -0.516  1.00 19.46 ? 6   VAL A CB  1 
ATOM   47   C  CG1 . VAL A 1 6   ? 0.991   6.688   -1.277  1.00 17.81 ? 6   VAL A CG1 1 
ATOM   48   C  CG2 . VAL A 1 6   ? 2.529   4.722   -1.026  1.00 17.71 ? 6   VAL A CG2 1 
ATOM   49   N  N   . GLU A 1 7   ? -0.041  7.129   2.335   1.00 17.89 ? 7   GLU A N   1 
ATOM   50   C  CA  . GLU A 1 7   ? -1.268  7.574   2.988   1.00 17.91 ? 7   GLU A CA  1 
ATOM   51   C  C   . GLU A 1 7   ? -1.152  9.071   3.282   1.00 19.45 ? 7   GLU A C   1 
ATOM   52   O  O   . GLU A 1 7   ? -0.157  9.506   3.855   1.00 18.76 ? 7   GLU A O   1 
ATOM   53   C  CB  . GLU A 1 7   ? -1.431  6.787   4.295   1.00 17.00 ? 7   GLU A CB  1 
ATOM   54   C  CG  . GLU A 1 7   ? -2.483  7.309   5.264   1.00 18.58 ? 7   GLU A CG  1 
ATOM   55   C  CD  . GLU A 1 7   ? -3.878  7.279   4.689   1.00 17.51 ? 7   GLU A CD  1 
ATOM   56   O  OE1 . GLU A 1 7   ? -4.320  6.196   4.246   1.00 17.77 ? 7   GLU A OE1 1 
ATOM   57   O  OE2 . GLU A 1 7   ? -4.535  8.336   4.688   1.00 18.52 ? 7   GLU A OE2 1 
ATOM   58   N  N   . ASP A 1 8   ? -2.153  9.865   2.901   1.00 20.95 ? 8   ASP A N   1 
ATOM   59   C  CA  . ASP A 1 8   ? -2.059  11.303  3.154   1.00 22.33 ? 8   ASP A CA  1 
ATOM   60   C  C   . ASP A 1 8   ? -2.539  11.740  4.533   1.00 22.58 ? 8   ASP A C   1 
ATOM   61   O  O   . ASP A 1 8   ? -2.274  12.868  4.944   1.00 23.73 ? 8   ASP A O   1 
ATOM   62   C  CB  . ASP A 1 8   ? -2.772  12.115  2.062   1.00 20.12 ? 8   ASP A CB  1 
ATOM   63   C  CG  . ASP A 1 8   ? -4.230  11.775  1.938   1.00 23.11 ? 8   ASP A CG  1 
ATOM   64   O  OD1 . ASP A 1 8   ? -4.618  10.689  2.404   1.00 21.06 ? 8   ASP A OD1 1 
ATOM   65   O  OD2 . ASP A 1 8   ? -4.983  12.588  1.365   1.00 21.00 ? 8   ASP A OD2 1 
ATOM   66   N  N   . ASN A 1 9   ? -3.241  10.862  5.247   1.00 22.19 ? 9   ASN A N   1 
ATOM   67   C  CA  . ASN A 1 9   ? -3.687  11.183  6.604   1.00 23.11 ? 9   ASN A CA  1 
ATOM   68   C  C   . ASN A 1 9   ? -2.445  10.965  7.472   1.00 22.83 ? 9   ASN A C   1 
ATOM   69   O  O   . ASN A 1 9   ? -2.085  9.826   7.772   1.00 20.36 ? 9   ASN A O   1 
ATOM   70   C  CB  . ASN A 1 9   ? -4.806  10.232  7.039   1.00 26.05 ? 9   ASN A CB  1 
ATOM   71   C  CG  . ASN A 1 9   ? -5.327  10.534  8.436   1.00 29.54 ? 9   ASN A CG  1 
ATOM   72   O  OD1 . ASN A 1 9   ? -4.568  10.581  9.402   1.00 28.30 ? 9   ASN A OD1 1 
ATOM   73   N  ND2 . ASN A 1 9   ? -6.637  10.732  8.546   1.00 34.97 ? 9   ASN A ND2 1 
ATOM   74   N  N   . ALA A 1 10  ? -1.795  12.057  7.866   1.00 21.37 ? 10  ALA A N   1 
ATOM   75   C  CA  . ALA A 1 10  ? -0.566  11.989  8.661   1.00 21.55 ? 10  ALA A CA  1 
ATOM   76   C  C   . ALA A 1 10  ? -0.615  11.117  9.908   1.00 20.89 ? 10  ALA A C   1 
ATOM   77   O  O   . ALA A 1 10  ? 0.291   10.318  10.143  1.00 22.47 ? 10  ALA A O   1 
ATOM   78   C  CB  . ALA A 1 10  ? -0.110  13.404  9.038   1.00 22.52 ? 10  ALA A CB  1 
ATOM   79   N  N   . LEU A 1 11  ? -1.653  11.270  10.720  1.00 21.02 ? 11  LEU A N   1 
ATOM   80   C  CA  . LEU A 1 11  ? -1.749  10.473  11.936  1.00 20.59 ? 11  LEU A CA  1 
ATOM   81   C  C   . LEU A 1 11  ? -1.813  8.986   11.604  1.00 20.61 ? 11  LEU A C   1 
ATOM   82   O  O   . LEU A 1 11  ? -1.079  8.182   12.174  1.00 18.01 ? 11  LEU A O   1 
ATOM   83   C  CB  . LEU A 1 11  ? -2.983  10.872  12.754  1.00 21.43 ? 11  LEU A CB  1 
ATOM   84   C  CG  . LEU A 1 11  ? -3.120  10.123  14.086  1.00 23.04 ? 11  LEU A CG  1 
ATOM   85   C  CD1 . LEU A 1 11  ? -1.874  10.349  14.934  1.00 23.37 ? 11  LEU A CD1 1 
ATOM   86   C  CD2 . LEU A 1 11  ? -4.366  10.603  14.826  1.00 22.98 ? 11  LEU A CD2 1 
ATOM   87   N  N   . LEU A 1 12  ? -2.691  8.626   10.673  1.00 20.08 ? 12  LEU A N   1 
ATOM   88   C  CA  . LEU A 1 12  ? -2.837  7.233   10.277  1.00 19.97 ? 12  LEU A CA  1 
ATOM   89   C  C   . LEU A 1 12  ? -1.524  6.728   9.683   1.00 19.60 ? 12  LEU A C   1 
ATOM   90   O  O   . LEU A 1 12  ? -1.058  5.637   10.018  1.00 18.46 ? 12  LEU A O   1 
ATOM   91   C  CB  . LEU A 1 12  ? -3.951  7.091   9.233   1.00 20.86 ? 12  LEU A CB  1 
ATOM   92   C  CG  . LEU A 1 12  ? -4.670  5.744   9.075   1.00 25.72 ? 12  LEU A CG  1 
ATOM   93   C  CD1 . LEU A 1 12  ? -5.124  5.603   7.628   1.00 21.79 ? 12  LEU A CD1 1 
ATOM   94   C  CD2 . LEU A 1 12  ? -3.774  4.585   9.459   1.00 23.59 ? 12  LEU A CD2 1 
ATOM   95   N  N   . ARG A 1 13  ? -0.931  7.519   8.793   1.00 18.70 ? 13  ARG A N   1 
ATOM   96   C  CA  . ARG A 1 13  ? 0.329   7.130   8.162   1.00 19.23 ? 13  ARG A CA  1 
ATOM   97   C  C   . ARG A 1 13  ? 1.404   6.823   9.202   1.00 19.51 ? 13  ARG A C   1 
ATOM   98   O  O   . ARG A 1 13  ? 2.147   5.851   9.068   1.00 18.94 ? 13  ARG A O   1 
ATOM   99   C  CB  . ARG A 1 13  ? 0.821   8.233   7.210   1.00 20.03 ? 13  ARG A CB  1 
ATOM   100  C  CG  . ARG A 1 13  ? 2.121   7.877   6.487   1.00 18.59 ? 13  ARG A CG  1 
ATOM   101  C  CD  . ARG A 1 13  ? 2.553   8.930   5.476   1.00 19.64 ? 13  ARG A CD  1 
ATOM   102  N  NE  . ARG A 1 13  ? 2.958   10.194  6.092   1.00 20.64 ? 13  ARG A NE  1 
ATOM   103  C  CZ  . ARG A 1 13  ? 2.225   11.303  6.086   1.00 21.00 ? 13  ARG A CZ  1 
ATOM   104  N  NH1 . ARG A 1 13  ? 1.036   11.315  5.495   1.00 16.73 ? 13  ARG A NH1 1 
ATOM   105  N  NH2 . ARG A 1 13  ? 2.687   12.407  6.661   1.00 20.71 ? 13  ARG A NH2 1 
ATOM   106  N  N   . HIS A 1 14  ? 1.485   7.647   10.246  1.00 20.62 ? 14  HIS A N   1 
ATOM   107  C  CA  . HIS A 1 14  ? 2.479   7.432   11.293  1.00 19.37 ? 14  HIS A CA  1 
ATOM   108  C  C   . HIS A 1 14  ? 2.174   6.182   12.122  1.00 19.20 ? 14  HIS A C   1 
ATOM   109  O  O   . HIS A 1 14  ? 3.078   5.420   12.462  1.00 19.27 ? 14  HIS A O   1 
ATOM   110  C  CB  . HIS A 1 14  ? 2.563   8.647   12.225  1.00 20.90 ? 14  HIS A CB  1 
ATOM   111  C  CG  . HIS A 1 14  ? 3.007   9.905   11.546  1.00 21.39 ? 14  HIS A CG  1 
ATOM   112  N  ND1 . HIS A 1 14  ? 3.798   9.907   10.417  1.00 23.83 ? 14  HIS A ND1 1 
ATOM   113  C  CD2 . HIS A 1 14  ? 2.791   11.206  11.854  1.00 20.77 ? 14  HIS A CD2 1 
ATOM   114  C  CE1 . HIS A 1 14  ? 4.049   11.154  10.058  1.00 23.09 ? 14  HIS A CE1 1 
ATOM   115  N  NE2 . HIS A 1 14  ? 3.450   11.961  10.913  1.00 24.59 ? 14  HIS A NE2 1 
ATOM   116  N  N   . HIS A 1 15  ? 0.904   5.975   12.452  1.00 19.35 ? 15  HIS A N   1 
ATOM   117  C  CA  . HIS A 1 15  ? 0.515   4.808   13.238  1.00 20.82 ? 15  HIS A CA  1 
ATOM   118  C  C   . HIS A 1 15  ? 0.820   3.512   12.486  1.00 20.51 ? 15  HIS A C   1 
ATOM   119  O  O   . HIS A 1 15  ? 1.334   2.553   13.063  1.00 18.53 ? 15  HIS A O   1 
ATOM   120  C  CB  . HIS A 1 15  ? -0.973  4.886   13.592  1.00 23.38 ? 15  HIS A CB  1 
ATOM   121  C  CG  . HIS A 1 15  ? -1.290  5.906   14.645  1.00 24.82 ? 15  HIS A CG  1 
ATOM   122  N  ND1 . HIS A 1 15  ? -2.577  6.177   15.057  1.00 26.30 ? 15  HIS A ND1 1 
ATOM   123  C  CD2 . HIS A 1 15  ? -0.486  6.700   15.393  1.00 25.77 ? 15  HIS A CD2 1 
ATOM   124  C  CE1 . HIS A 1 15  ? -2.554  7.089   16.012  1.00 25.16 ? 15  HIS A CE1 1 
ATOM   125  N  NE2 . HIS A 1 15  ? -1.297  7.423   16.236  1.00 26.27 ? 15  HIS A NE2 1 
ATOM   126  N  N   . LEU A 1 16  ? 0.509   3.487   11.195  1.00 20.98 ? 16  LEU A N   1 
ATOM   127  C  CA  . LEU A 1 16  ? 0.765   2.306   10.376  1.00 21.18 ? 16  LEU A CA  1 
ATOM   128  C  C   . LEU A 1 16  ? 2.248   1.960   10.380  1.00 21.69 ? 16  LEU A C   1 
ATOM   129  O  O   . LEU A 1 16  ? 2.629   0.814   10.617  1.00 22.60 ? 16  LEU A O   1 
ATOM   130  C  CB  . LEU A 1 16  ? 0.305   2.545   8.935   1.00 22.24 ? 16  LEU A CB  1 
ATOM   131  C  CG  . LEU A 1 16  ? -1.203  2.552   8.677   1.00 22.86 ? 16  LEU A CG  1 
ATOM   132  C  CD1 . LEU A 1 16  ? -1.482  3.017   7.248   1.00 23.23 ? 16  LEU A CD1 1 
ATOM   133  C  CD2 . LEU A 1 16  ? -1.763  1.148   8.911   1.00 23.40 ? 16  LEU A CD2 1 
ATOM   134  N  N   . LYS A 1 17  ? 3.082   2.958   10.116  1.00 21.18 ? 17  LYS A N   1 
ATOM   135  C  CA  . LYS A 1 17  ? 4.522   2.748   10.088  1.00 20.83 ? 17  LYS A CA  1 
ATOM   136  C  C   . LYS A 1 17  ? 5.029   2.178   11.410  1.00 20.59 ? 17  LYS A C   1 
ATOM   137  O  O   . LYS A 1 17  ? 5.831   1.250   11.409  1.00 22.29 ? 17  LYS A O   1 
ATOM   138  C  CB  . LYS A 1 17  ? 5.239   4.061   9.756   1.00 18.99 ? 17  LYS A CB  1 
ATOM   139  C  CG  . LYS A 1 17  ? 6.759   3.955   9.711   1.00 19.00 ? 17  LYS A CG  1 
ATOM   140  C  CD  . LYS A 1 17  ? 7.365   5.132   8.952   1.00 20.71 ? 17  LYS A CD  1 
ATOM   141  C  CE  . LYS A 1 17  ? 8.880   5.137   9.032   1.00 18.60 ? 17  LYS A CE  1 
ATOM   142  N  NZ  . LYS A 1 17  ? 9.479   6.116   8.086   1.00 21.50 ? 17  LYS A NZ  1 
ATOM   143  N  N   . VAL A 1 18  ? 4.561   2.722   12.532  1.00 20.75 ? 18  VAL A N   1 
ATOM   144  C  CA  . VAL A 1 18  ? 4.983   2.226   13.844  1.00 22.01 ? 18  VAL A CA  1 
ATOM   145  C  C   . VAL A 1 18  ? 4.551   0.772   14.024  1.00 22.38 ? 18  VAL A C   1 
ATOM   146  O  O   . VAL A 1 18  ? 5.323   -0.059  14.507  1.00 21.94 ? 18  VAL A O   1 
ATOM   147  C  CB  . VAL A 1 18  ? 4.383   3.071   14.998  1.00 22.66 ? 18  VAL A CB  1 
ATOM   148  C  CG1 . VAL A 1 18  ? 4.683   2.414   16.344  1.00 23.87 ? 18  VAL A CG1 1 
ATOM   149  C  CG2 . VAL A 1 18  ? 4.962   4.477   14.970  1.00 23.18 ? 18  VAL A CG2 1 
ATOM   150  N  N   . GLN A 1 19  ? 3.317   0.465   13.633  1.00 23.49 ? 19  GLN A N   1 
ATOM   151  C  CA  . GLN A 1 19  ? 2.800   -0.898  13.743  1.00 24.28 ? 19  GLN A CA  1 
ATOM   152  C  C   . GLN A 1 19  ? 3.701   -1.844  12.956  1.00 23.99 ? 19  GLN A C   1 
ATOM   153  O  O   . GLN A 1 19  ? 4.155   -2.865  13.468  1.00 22.78 ? 19  GLN A O   1 
ATOM   154  C  CB  . GLN A 1 19  ? 1.384   -0.984  13.171  1.00 27.80 ? 19  GLN A CB  1 
ATOM   155  C  CG  . GLN A 1 19  ? 0.336   -0.171  13.906  1.00 34.04 ? 19  GLN A CG  1 
ATOM   156  C  CD  . GLN A 1 19  ? -0.090  -0.797  15.220  1.00 37.75 ? 19  GLN A CD  1 
ATOM   157  O  OE1 . GLN A 1 19  ? -1.030  -0.329  15.861  1.00 41.27 ? 19  GLN A OE1 1 
ATOM   158  N  NE2 . GLN A 1 19  ? 0.598   -1.858  15.628  1.00 39.23 ? 19  GLN A NE2 1 
ATOM   159  N  N   . ILE A 1 20  ? 3.962   -1.479  11.705  1.00 22.04 ? 20  ILE A N   1 
ATOM   160  C  CA  . ILE A 1 20  ? 4.790   -2.282  10.817  1.00 22.58 ? 20  ILE A CA  1 
ATOM   161  C  C   . ILE A 1 20  ? 6.245   -2.352  11.283  1.00 22.68 ? 20  ILE A C   1 
ATOM   162  O  O   . ILE A 1 20  ? 6.900   -3.380  11.126  1.00 20.62 ? 20  ILE A O   1 
ATOM   163  C  CB  . ILE A 1 20  ? 4.697   -1.736  9.373   1.00 22.95 ? 20  ILE A CB  1 
ATOM   164  C  CG1 . ILE A 1 20  ? 3.223   -1.726  8.939   1.00 23.43 ? 20  ILE A CG1 1 
ATOM   165  C  CG2 . ILE A 1 20  ? 5.527   -2.594  8.426   1.00 22.54 ? 20  ILE A CG2 1 
ATOM   166  C  CD1 . ILE A 1 20  ? 2.945   -0.971  7.657   1.00 24.84 ? 20  ILE A CD1 1 
ATOM   167  N  N   . GLN A 1 21  ? 6.754   -1.265  11.856  1.00 23.97 ? 21  GLN A N   1 
ATOM   168  C  CA  . GLN A 1 21  ? 8.121   -1.273  12.362  1.00 26.55 ? 21  GLN A CA  1 
ATOM   169  C  C   . GLN A 1 21  ? 8.171   -2.190  13.581  1.00 26.49 ? 21  GLN A C   1 
ATOM   170  O  O   . GLN A 1 21  ? 9.137   -2.927  13.770  1.00 27.88 ? 21  GLN A O   1 
ATOM   171  C  CB  . GLN A 1 21  ? 8.577   0.135   12.765  1.00 26.85 ? 21  GLN A CB  1 
ATOM   172  C  CG  . GLN A 1 21  ? 8.729   1.102   11.608  1.00 28.25 ? 21  GLN A CG  1 
ATOM   173  C  CD  . GLN A 1 21  ? 9.254   2.455   12.050  1.00 30.42 ? 21  GLN A CD  1 
ATOM   174  O  OE1 . GLN A 1 21  ? 8.733   3.064   12.984  1.00 32.96 ? 21  GLN A OE1 1 
ATOM   175  N  NE2 . GLN A 1 21  ? 10.286  2.935   11.372  1.00 29.06 ? 21  GLN A NE2 1 
ATOM   176  N  N   . ASP A 1 22  ? 7.127   -2.139  14.405  1.00 28.20 ? 22  ASP A N   1 
ATOM   177  C  CA  . ASP A 1 22  ? 7.062   -2.982  15.599  1.00 29.26 ? 22  ASP A CA  1 
ATOM   178  C  C   . ASP A 1 22  ? 6.971   -4.453  15.203  1.00 30.34 ? 22  ASP A C   1 
ATOM   179  O  O   . ASP A 1 22  ? 7.392   -5.332  15.954  1.00 30.84 ? 22  ASP A O   1 
ATOM   180  C  CB  . ASP A 1 22  ? 5.849   -2.620  16.467  1.00 29.21 ? 22  ASP A CB  1 
ATOM   181  C  CG  . ASP A 1 22  ? 6.013   -1.294  17.190  1.00 30.22 ? 22  ASP A CG  1 
ATOM   182  O  OD1 . ASP A 1 22  ? 7.156   -0.805  17.308  1.00 31.11 ? 22  ASP A OD1 1 
ATOM   183  O  OD2 . ASP A 1 22  ? 4.995   -0.746  17.658  1.00 32.20 ? 22  ASP A OD2 1 
ATOM   184  N  N   . ALA A 1 23  ? 6.415   -4.715  14.024  1.00 30.99 ? 23  ALA A N   1 
ATOM   185  C  CA  . ALA A 1 23  ? 6.285   -6.084  13.541  1.00 31.16 ? 23  ALA A CA  1 
ATOM   186  C  C   . ALA A 1 23  ? 7.630   -6.586  13.019  1.00 31.20 ? 23  ALA A C   1 
ATOM   187  O  O   . ALA A 1 23  ? 7.773   -7.759  12.677  1.00 30.99 ? 23  ALA A O   1 
ATOM   188  C  CB  . ALA A 1 23  ? 5.223   -6.163  12.450  1.00 31.92 ? 23  ALA A CB  1 
ATOM   189  N  N   . GLY A 1 24  ? 8.611   -5.690  12.944  1.00 30.90 ? 24  GLY A N   1 
ATOM   190  C  CA  . GLY A 1 24  ? 9.936   -6.092  12.503  1.00 31.73 ? 24  GLY A CA  1 
ATOM   191  C  C   . GLY A 1 24  ? 10.447  -5.705  11.124  1.00 32.10 ? 24  GLY A C   1 
ATOM   192  O  O   . GLY A 1 24  ? 11.351  -6.364  10.613  1.00 32.92 ? 24  GLY A O   1 
ATOM   193  N  N   . HIS A 1 25  ? 9.910   -4.656  10.511  1.00 30.45 ? 25  HIS A N   1 
ATOM   194  C  CA  . HIS A 1 25  ? 10.400  -4.271  9.188   1.00 30.04 ? 25  HIS A CA  1 
ATOM   195  C  C   . HIS A 1 25  ? 10.901  -2.838  9.123   1.00 27.62 ? 25  HIS A C   1 
ATOM   196  O  O   . HIS A 1 25  ? 10.659  -2.039  10.027  1.00 26.28 ? 25  HIS A O   1 
ATOM   197  C  CB  . HIS A 1 25  ? 9.312   -4.420  8.122   1.00 32.58 ? 25  HIS A CB  1 
ATOM   198  C  CG  . HIS A 1 25  ? 8.299   -5.473  8.427   1.00 36.59 ? 25  HIS A CG  1 
ATOM   199  N  ND1 . HIS A 1 25  ? 7.292   -5.289  9.350   1.00 39.15 ? 25  HIS A ND1 1 
ATOM   200  C  CD2 . HIS A 1 25  ? 8.131   -6.720  7.930   1.00 36.94 ? 25  HIS A CD2 1 
ATOM   201  C  CE1 . HIS A 1 25  ? 6.547   -6.378  9.407   1.00 38.78 ? 25  HIS A CE1 1 
ATOM   202  N  NE2 . HIS A 1 25  ? 7.035   -7.260  8.555   1.00 38.35 ? 25  HIS A NE2 1 
ATOM   203  N  N   . GLN A 1 26  ? 11.608  -2.535  8.040   1.00 25.17 ? 26  GLN A N   1 
ATOM   204  C  CA  . GLN A 1 26  ? 12.102  -1.191  7.782   1.00 24.99 ? 26  GLN A CA  1 
ATOM   205  C  C   . GLN A 1 26  ? 10.940  -0.582  7.002   1.00 24.80 ? 26  GLN A C   1 
ATOM   206  O  O   . GLN A 1 26  ? 10.401  -1.216  6.088   1.00 22.11 ? 26  GLN A O   1 
ATOM   207  C  CB  . GLN A 1 26  ? 13.351  -1.242  6.917   1.00 26.53 ? 26  GLN A CB  1 
ATOM   208  N  N   . VAL A 1 27  ? 10.547  0.634   7.356   1.00 22.37 ? 27  VAL A N   1 
ATOM   209  C  CA  . VAL A 1 27  ? 9.410   1.253   6.693   1.00 22.14 ? 27  VAL A CA  1 
ATOM   210  C  C   . VAL A 1 27  ? 9.629   2.683   6.224   1.00 21.93 ? 27  VAL A C   1 
ATOM   211  O  O   . VAL A 1 27  ? 10.204  3.500   6.939   1.00 23.36 ? 27  VAL A O   1 
ATOM   212  C  CB  . VAL A 1 27  ? 8.178   1.259   7.631   1.00 20.36 ? 27  VAL A CB  1 
ATOM   213  C  CG1 . VAL A 1 27  ? 6.932   1.681   6.860   1.00 21.24 ? 27  VAL A CG1 1 
ATOM   214  C  CG2 . VAL A 1 27  ? 7.994   -0.105  8.262   1.00 20.58 ? 27  VAL A CG2 1 
ATOM   215  N  N   . ASP A 1 28  ? 9.161   2.970   5.014   1.00 21.26 ? 28  ASP A N   1 
ATOM   216  C  CA  . ASP A 1 28  ? 9.223   4.314   4.446   1.00 20.81 ? 28  ASP A CA  1 
ATOM   217  C  C   . ASP A 1 28  ? 7.772   4.784   4.380   1.00 21.61 ? 28  ASP A C   1 
ATOM   218  O  O   . ASP A 1 28  ? 6.888   4.000   4.028   1.00 21.36 ? 28  ASP A O   1 
ATOM   219  C  CB  . ASP A 1 28  ? 9.796   4.297   3.025   1.00 23.58 ? 28  ASP A CB  1 
ATOM   220  C  CG  . ASP A 1 28  ? 11.253  3.883   2.980   1.00 24.10 ? 28  ASP A CG  1 
ATOM   221  O  OD1 . ASP A 1 28  ? 12.041  4.391   3.802   1.00 24.91 ? 28  ASP A OD1 1 
ATOM   222  O  OD2 . ASP A 1 28  ? 11.610  3.063   2.110   1.00 27.31 ? 28  ASP A OD2 1 
ATOM   223  N  N   . ASP A 1 29  ? 7.508   6.040   4.732   1.00 21.12 ? 29  ASP A N   1 
ATOM   224  C  CA  . ASP A 1 29  ? 6.136   6.538   4.666   1.00 21.53 ? 29  ASP A CA  1 
ATOM   225  C  C   . ASP A 1 29  ? 6.042   7.775   3.781   1.00 22.39 ? 29  ASP A C   1 
ATOM   226  O  O   . ASP A 1 29  ? 6.749   8.760   3.996   1.00 23.14 ? 29  ASP A O   1 
ATOM   227  C  CB  . ASP A 1 29  ? 5.578   6.833   6.070   1.00 20.73 ? 29  ASP A CB  1 
ATOM   228  C  CG  . ASP A 1 29  ? 6.278   7.993   6.770   1.00 23.11 ? 29  ASP A CG  1 
ATOM   229  O  OD1 . ASP A 1 29  ? 7.484   7.885   7.068   1.00 23.88 ? 29  ASP A OD1 1 
ATOM   230  O  OD2 . ASP A 1 29  ? 5.610   9.014   7.035   1.00 25.92 ? 29  ASP A OD2 1 
ATOM   231  N  N   . ALA A 1 30  ? 5.168   7.704   2.779   1.00 19.90 ? 30  ALA A N   1 
ATOM   232  C  CA  . ALA A 1 30  ? 4.966   8.791   1.830   1.00 20.52 ? 30  ALA A CA  1 
ATOM   233  C  C   . ALA A 1 30  ? 3.570   9.391   1.989   1.00 21.20 ? 30  ALA A C   1 
ATOM   234  O  O   . ALA A 1 30  ? 2.602   8.663   2.209   1.00 19.94 ? 30  ALA A O   1 
ATOM   235  C  CB  . ALA A 1 30  ? 5.154   8.269   0.406   1.00 19.61 ? 30  ALA A CB  1 
ATOM   236  N  N   . GLU A 1 31  ? 3.459   10.714  1.862   1.00 21.98 ? 31  GLU A N   1 
ATOM   237  C  CA  . GLU A 1 31  ? 2.161   11.361  2.024   1.00 21.34 ? 31  GLU A CA  1 
ATOM   238  C  C   . GLU A 1 31  ? 1.375   11.634  0.747   1.00 20.39 ? 31  GLU A C   1 
ATOM   239  O  O   . GLU A 1 31  ? 0.230   12.084  0.810   1.00 21.34 ? 31  GLU A O   1 
ATOM   240  C  CB  . GLU A 1 31  ? 2.302   12.650  2.838   1.00 25.13 ? 31  GLU A CB  1 
ATOM   241  C  CG  . GLU A 1 31  ? 3.255   13.684  2.275   1.00 23.90 ? 31  GLU A CG  1 
ATOM   242  C  CD  . GLU A 1 31  ? 3.248   14.950  3.109   1.00 25.94 ? 31  GLU A CD  1 
ATOM   243  O  OE1 . GLU A 1 31  ? 2.262   15.709  3.026   1.00 26.96 ? 31  GLU A OE1 1 
ATOM   244  O  OE2 . GLU A 1 31  ? 4.218   15.175  3.860   1.00 26.39 ? 31  GLU A OE2 1 
ATOM   245  N  N   . ASP A 1 32  ? 1.985   11.384  -0.407  1.00 19.31 ? 32  ASP A N   1 
ATOM   246  C  CA  . ASP A 1 32  ? 1.294   11.550  -1.680  1.00 19.79 ? 32  ASP A CA  1 
ATOM   247  C  C   . ASP A 1 32  ? 1.953   10.670  -2.731  1.00 19.99 ? 32  ASP A C   1 
ATOM   248  O  O   . ASP A 1 32  ? 2.988   10.054  -2.467  1.00 18.65 ? 32  ASP A O   1 
ATOM   249  C  CB  . ASP A 1 32  ? 1.235   13.027  -2.141  1.00 18.65 ? 32  ASP A CB  1 
ATOM   250  C  CG  . ASP A 1 32  ? 2.601   13.670  -2.314  1.00 20.79 ? 32  ASP A CG  1 
ATOM   251  O  OD1 . ASP A 1 32  ? 3.569   12.978  -2.687  1.00 18.38 ? 32  ASP A OD1 1 
ATOM   252  O  OD2 . ASP A 1 32  ? 2.694   14.901  -2.098  1.00 22.35 ? 32  ASP A OD2 1 
ATOM   253  N  N   . ALA A 1 33  ? 1.342   10.599  -3.909  1.00 20.50 ? 33  ALA A N   1 
ATOM   254  C  CA  . ALA A 1 33  ? 1.843   9.762   -4.995  1.00 22.40 ? 33  ALA A CA  1 
ATOM   255  C  C   . ALA A 1 33  ? 3.292   10.036  -5.376  1.00 23.44 ? 33  ALA A C   1 
ATOM   256  O  O   . ALA A 1 33  ? 4.111   9.117   -5.436  1.00 23.74 ? 33  ALA A O   1 
ATOM   257  C  CB  . ALA A 1 33  ? 0.948   9.915   -6.223  1.00 22.36 ? 33  ALA A CB  1 
ATOM   258  N  N   . LYS A 1 34  ? 3.609   11.299  -5.629  1.00 23.24 ? 34  LYS A N   1 
ATOM   259  C  CA  . LYS A 1 34  ? 4.960   11.664  -6.025  1.00 22.47 ? 34  LYS A CA  1 
ATOM   260  C  C   . LYS A 1 34  ? 5.998   11.282  -4.975  1.00 21.50 ? 34  LYS A C   1 
ATOM   261  O  O   . LYS A 1 34  ? 7.092   10.844  -5.319  1.00 20.14 ? 34  LYS A O   1 
ATOM   262  C  CB  . LYS A 1 34  ? 5.037   13.161  -6.334  1.00 25.47 ? 34  LYS A CB  1 
ATOM   263  C  CG  . LYS A 1 34  ? 6.283   13.551  -7.120  1.00 30.44 ? 34  LYS A CG  1 
ATOM   264  C  CD  . LYS A 1 34  ? 6.170   14.952  -7.705  1.00 34.41 ? 34  LYS A CD  1 
ATOM   265  C  CE  . LYS A 1 34  ? 5.018   15.048  -8.696  1.00 36.87 ? 34  LYS A CE  1 
ATOM   266  N  NZ  . LYS A 1 34  ? 5.139   14.052  -9.800  1.00 38.27 ? 34  LYS A NZ  1 
ATOM   267  N  N   . GLU A 1 35  ? 5.669   11.435  -3.696  1.00 20.54 ? 35  GLU A N   1 
ATOM   268  C  CA  . GLU A 1 35  ? 6.631   11.059  -2.665  1.00 18.96 ? 35  GLU A CA  1 
ATOM   269  C  C   . GLU A 1 35  ? 6.770   9.537   -2.628  1.00 18.31 ? 35  GLU A C   1 
ATOM   270  O  O   . GLU A 1 35  ? 7.813   9.010   -2.250  1.00 16.70 ? 35  GLU A O   1 
ATOM   271  C  CB  . GLU A 1 35  ? 6.213   11.583  -1.287  1.00 18.35 ? 35  GLU A CB  1 
ATOM   272  C  CG  . GLU A 1 35  ? 7.230   11.228  -0.209  1.00 19.93 ? 35  GLU A CG  1 
ATOM   273  C  CD  . GLU A 1 35  ? 7.067   12.025  1.067   1.00 18.80 ? 35  GLU A CD  1 
ATOM   274  O  OE1 . GLU A 1 35  ? 5.976   11.981  1.674   1.00 17.08 ? 35  GLU A OE1 1 
ATOM   275  O  OE2 . GLU A 1 35  ? 8.038   12.694  1.469   1.00 18.91 ? 35  GLU A OE2 1 
ATOM   276  N  N   . ALA A 1 36  ? 5.716   8.829   -3.019  1.00 17.87 ? 36  ALA A N   1 
ATOM   277  C  CA  . ALA A 1 36  ? 5.774   7.372   -3.050  1.00 18.04 ? 36  ALA A CA  1 
ATOM   278  C  C   . ALA A 1 36  ? 6.825   6.980   -4.092  1.00 19.67 ? 36  ALA A C   1 
ATOM   279  O  O   . ALA A 1 36  ? 7.638   6.082   -3.867  1.00 21.74 ? 36  ALA A O   1 
ATOM   280  C  CB  . ALA A 1 36  ? 4.409   6.794   -3.420  1.00 14.87 ? 36  ALA A CB  1 
ATOM   281  N  N   . ASP A 1 37  ? 6.802   7.662   -5.233  1.00 20.46 ? 37  ASP A N   1 
ATOM   282  C  CA  . ASP A 1 37  ? 7.771   7.411   -6.295  1.00 22.00 ? 37  ASP A CA  1 
ATOM   283  C  C   . ASP A 1 37  ? 9.195   7.654   -5.793  1.00 21.71 ? 37  ASP A C   1 
ATOM   284  O  O   . ASP A 1 37  ? 10.130  6.949   -6.179  1.00 21.45 ? 37  ASP A O   1 
ATOM   285  C  CB  . ASP A 1 37  ? 7.487   8.326   -7.488  1.00 25.39 ? 37  ASP A CB  1 
ATOM   286  C  CG  . ASP A 1 37  ? 6.503   7.716   -8.469  1.00 28.33 ? 37  ASP A CG  1 
ATOM   287  O  OD1 . ASP A 1 37  ? 5.586   6.996   -8.031  1.00 31.93 ? 37  ASP A OD1 1 
ATOM   288  O  OD2 . ASP A 1 37  ? 6.641   7.961   -9.684  1.00 33.24 ? 37  ASP A OD2 1 
ATOM   289  N  N   . TYR A 1 38  ? 9.359   8.657   -4.938  1.00 19.29 ? 38  TYR A N   1 
ATOM   290  C  CA  . TYR A 1 38  ? 10.677  8.969   -4.400  1.00 21.40 ? 38  TYR A CA  1 
ATOM   291  C  C   . TYR A 1 38  ? 11.254  7.759   -3.672  1.00 23.06 ? 38  TYR A C   1 
ATOM   292  O  O   . TYR A 1 38  ? 12.354  7.299   -3.977  1.00 22.74 ? 38  TYR A O   1 
ATOM   293  C  CB  . TYR A 1 38  ? 10.597  10.144  -3.424  1.00 19.15 ? 38  TYR A CB  1 
ATOM   294  C  CG  . TYR A 1 38  ? 11.876  10.337  -2.645  1.00 20.20 ? 38  TYR A CG  1 
ATOM   295  C  CD1 . TYR A 1 38  ? 12.967  11.005  -3.206  1.00 19.64 ? 38  TYR A CD1 1 
ATOM   296  C  CD2 . TYR A 1 38  ? 12.013  9.814   -1.360  1.00 20.35 ? 38  TYR A CD2 1 
ATOM   297  C  CE1 . TYR A 1 38  ? 14.163  11.146  -2.500  1.00 20.53 ? 38  TYR A CE1 1 
ATOM   298  C  CE2 . TYR A 1 38  ? 13.203  9.947   -0.650  1.00 23.58 ? 38  TYR A CE2 1 
ATOM   299  C  CZ  . TYR A 1 38  ? 14.271  10.615  -1.225  1.00 22.67 ? 38  TYR A CZ  1 
ATOM   300  O  OH  . TYR A 1 38  ? 15.441  10.752  -0.514  1.00 25.93 ? 38  TYR A OH  1 
ATOM   301  N  N   . TYR A 1 39  ? 10.505  7.245   -2.703  1.00 23.36 ? 39  TYR A N   1 
ATOM   302  C  CA  . TYR A 1 39  ? 10.963  6.096   -1.936  1.00 25.60 ? 39  TYR A CA  1 
ATOM   303  C  C   . TYR A 1 39  ? 11.115  4.857   -2.797  1.00 26.14 ? 39  TYR A C   1 
ATOM   304  O  O   . TYR A 1 39  ? 12.053  4.081   -2.614  1.00 26.37 ? 39  TYR A O   1 
ATOM   305  C  CB  . TYR A 1 39  ? 10.009  5.830   -0.774  1.00 23.13 ? 39  TYR A CB  1 
ATOM   306  C  CG  . TYR A 1 39  ? 10.158  6.850   0.327   1.00 24.20 ? 39  TYR A CG  1 
ATOM   307  C  CD1 . TYR A 1 39  ? 11.354  6.960   1.039   1.00 23.12 ? 39  TYR A CD1 1 
ATOM   308  C  CD2 . TYR A 1 39  ? 9.128   7.736   0.629   1.00 23.79 ? 39  TYR A CD2 1 
ATOM   309  C  CE1 . TYR A 1 39  ? 11.519  7.930   2.021   1.00 24.60 ? 39  TYR A CE1 1 
ATOM   310  C  CE2 . TYR A 1 39  ? 9.283   8.711   1.608   1.00 25.04 ? 39  TYR A CE2 1 
ATOM   311  C  CZ  . TYR A 1 39  ? 10.481  8.802   2.299   1.00 25.74 ? 39  TYR A CZ  1 
ATOM   312  O  OH  . TYR A 1 39  ? 10.641  9.775   3.259   1.00 28.84 ? 39  TYR A OH  1 
ATOM   313  N  N   . LEU A 1 40  ? 10.203  4.681   -3.746  1.00 28.35 ? 40  LEU A N   1 
ATOM   314  C  CA  . LEU A 1 40  ? 10.258  3.535   -4.642  1.00 30.97 ? 40  LEU A CA  1 
ATOM   315  C  C   . LEU A 1 40  ? 11.575  3.532   -5.404  1.00 32.26 ? 40  LEU A C   1 
ATOM   316  O  O   . LEU A 1 40  ? 12.221  2.493   -5.545  1.00 32.51 ? 40  LEU A O   1 
ATOM   317  C  CB  . LEU A 1 40  ? 9.098   3.579   -5.639  1.00 31.32 ? 40  LEU A CB  1 
ATOM   318  C  CG  . LEU A 1 40  ? 9.147   2.524   -6.749  1.00 30.71 ? 40  LEU A CG  1 
ATOM   319  C  CD1 . LEU A 1 40  ? 8.991   1.136   -6.146  1.00 30.89 ? 40  LEU A CD1 1 
ATOM   320  C  CD2 . LEU A 1 40  ? 8.045   2.791   -7.756  1.00 31.67 ? 40  LEU A CD2 1 
ATOM   321  N  N   . ASN A 1 41  ? 11.969  4.700   -5.896  1.00 33.78 ? 41  ASN A N   1 
ATOM   322  C  CA  . ASN A 1 41  ? 13.206  4.822   -6.653  1.00 35.27 ? 41  ASN A CA  1 
ATOM   323  C  C   . ASN A 1 41  ? 14.440  4.788   -5.758  1.00 35.75 ? 41  ASN A C   1 
ATOM   324  O  O   . ASN A 1 41  ? 15.526  4.428   -6.207  1.00 33.97 ? 41  ASN A O   1 
ATOM   325  C  CB  . ASN A 1 41  ? 13.205  6.114   -7.471  1.00 37.61 ? 41  ASN A CB  1 
ATOM   326  C  CG  . ASN A 1 41  ? 12.061  6.174   -8.460  1.00 40.45 ? 41  ASN A CG  1 
ATOM   327  O  OD1 . ASN A 1 41  ? 11.782  5.206   -9.165  1.00 41.49 ? 41  ASN A OD1 1 
ATOM   328  N  ND2 . ASN A 1 41  ? 11.396  7.322   -8.527  1.00 43.79 ? 41  ASN A ND2 1 
ATOM   329  N  N   . GLU A 1 42  ? 14.273  5.164   -4.496  1.00 36.87 ? 42  GLU A N   1 
ATOM   330  C  CA  . GLU A 1 42  ? 15.393  5.165   -3.566  1.00 39.01 ? 42  GLU A CA  1 
ATOM   331  C  C   . GLU A 1 42  ? 15.652  3.730   -3.112  1.00 40.82 ? 42  GLU A C   1 
ATOM   332  O  O   . GLU A 1 42  ? 16.797  3.276   -3.071  1.00 40.45 ? 42  GLU A O   1 
ATOM   333  C  CB  . GLU A 1 42  ? 15.077  6.053   -2.359  1.00 40.58 ? 42  GLU A CB  1 
ATOM   334  C  CG  . GLU A 1 42  ? 16.308  6.619   -1.672  1.00 43.81 ? 42  GLU A CG  1 
ATOM   335  C  CD  . GLU A 1 42  ? 16.908  7.801   -2.418  1.00 44.74 ? 42  GLU A CD  1 
ATOM   336  O  OE1 . GLU A 1 42  ? 17.044  7.730   -3.656  1.00 43.29 ? 42  GLU A OE1 1 
ATOM   337  O  OE2 . GLU A 1 42  ? 17.251  8.803   -1.759  1.00 47.94 ? 42  GLU A OE2 1 
ATOM   338  N  N   . HIS A 1 43  ? 14.576  3.020   -2.782  1.00 40.68 ? 43  HIS A N   1 
ATOM   339  C  CA  . HIS A 1 43  ? 14.653  1.627   -2.341  1.00 41.62 ? 43  HIS A CA  1 
ATOM   340  C  C   . HIS A 1 43  ? 13.364  0.898   -2.704  1.00 39.05 ? 43  HIS A C   1 
ATOM   341  O  O   . HIS A 1 43  ? 12.319  1.161   -2.113  1.00 40.62 ? 43  HIS A O   1 
ATOM   342  C  CB  . HIS A 1 43  ? 14.847  1.549   -0.821  1.00 45.07 ? 43  HIS A CB  1 
ATOM   343  C  CG  . HIS A 1 43  ? 16.211  1.956   -0.356  1.00 49.63 ? 43  HIS A CG  1 
ATOM   344  N  ND1 . HIS A 1 43  ? 17.355  1.280   -0.726  1.00 51.04 ? 43  HIS A ND1 1 
ATOM   345  C  CD2 . HIS A 1 43  ? 16.612  2.956   0.465   1.00 51.38 ? 43  HIS A CD2 1 
ATOM   346  C  CE1 . HIS A 1 43  ? 18.402  1.847   -0.151  1.00 52.29 ? 43  HIS A CE1 1 
ATOM   347  N  NE2 . HIS A 1 43  ? 17.979  2.865   0.577   1.00 52.31 ? 43  HIS A NE2 1 
ATOM   348  N  N   . ILE A 1 44  ? 13.427  -0.012  -3.672  1.00 36.46 ? 44  ILE A N   1 
ATOM   349  C  CA  . ILE A 1 44  ? 12.230  -0.753  -4.055  1.00 35.10 ? 44  ILE A CA  1 
ATOM   350  C  C   . ILE A 1 44  ? 11.773  -1.605  -2.877  1.00 32.35 ? 44  ILE A C   1 
ATOM   351  O  O   . ILE A 1 44  ? 12.454  -2.548  -2.476  1.00 33.19 ? 44  ILE A O   1 
ATOM   352  C  CB  . ILE A 1 44  ? 12.476  -1.678  -5.266  1.00 35.65 ? 44  ILE A CB  1 
ATOM   353  C  CG1 . ILE A 1 44  ? 12.712  -0.836  -6.523  1.00 36.27 ? 44  ILE A CG1 1 
ATOM   354  C  CG2 . ILE A 1 44  ? 11.274  -2.595  -5.473  1.00 35.71 ? 44  ILE A CG2 1 
ATOM   355  C  CD1 . ILE A 1 44  ? 12.909  -1.656  -7.778  1.00 36.65 ? 44  ILE A CD1 1 
ATOM   356  N  N   . PRO A 1 45  ? 10.607  -1.277  -2.306  1.00 29.12 ? 45  PRO A N   1 
ATOM   357  C  CA  . PRO A 1 45  ? 10.069  -2.023  -1.168  1.00 26.03 ? 45  PRO A CA  1 
ATOM   358  C  C   . PRO A 1 45  ? 9.626   -3.429  -1.551  1.00 24.62 ? 45  PRO A C   1 
ATOM   359  O  O   . PRO A 1 45  ? 9.369   -3.720  -2.722  1.00 23.94 ? 45  PRO A O   1 
ATOM   360  C  CB  . PRO A 1 45  ? 8.902   -1.150  -0.713  1.00 26.40 ? 45  PRO A CB  1 
ATOM   361  C  CG  . PRO A 1 45  ? 8.403   -0.586  -2.013  1.00 26.00 ? 45  PRO A CG  1 
ATOM   362  C  CD  . PRO A 1 45  ? 9.688   -0.193  -2.705  1.00 28.47 ? 45  PRO A CD  1 
ATOM   363  N  N   . ASP A 1 46  ? 9.548   -4.304  -0.559  1.00 21.28 ? 46  ASP A N   1 
ATOM   364  C  CA  . ASP A 1 46  ? 9.119   -5.669  -0.798  1.00 22.62 ? 46  ASP A CA  1 
ATOM   365  C  C   . ASP A 1 46  ? 7.600   -5.690  -0.932  1.00 21.76 ? 46  ASP A C   1 
ATOM   366  O  O   . ASP A 1 46  ? 7.036   -6.558  -1.593  1.00 22.00 ? 46  ASP A O   1 
ATOM   367  C  CB  . ASP A 1 46  ? 9.565   -6.570  0.356   1.00 25.08 ? 46  ASP A CB  1 
ATOM   368  C  CG  . ASP A 1 46  ? 11.078  -6.583  0.531   1.00 26.86 ? 46  ASP A CG  1 
ATOM   369  O  OD1 . ASP A 1 46  ? 11.786  -6.885  -0.448  1.00 29.42 ? 46  ASP A OD1 1 
ATOM   370  O  OD2 . ASP A 1 46  ? 11.560  -6.286  1.642   1.00 28.59 ? 46  ASP A OD2 1 
ATOM   371  N  N   . ILE A 1 47  ? 6.944   -4.714  -0.310  1.00 20.02 ? 47  ILE A N   1 
ATOM   372  C  CA  . ILE A 1 47  ? 5.490   -4.613  -0.356  1.00 19.19 ? 47  ILE A CA  1 
ATOM   373  C  C   . ILE A 1 47  ? 5.049   -3.178  -0.085  1.00 18.64 ? 47  ILE A C   1 
ATOM   374  O  O   . ILE A 1 47  ? 5.713   -2.442  0.646   1.00 17.20 ? 47  ILE A O   1 
ATOM   375  C  CB  . ILE A 1 47  ? 4.839   -5.531  0.700   1.00 20.10 ? 47  ILE A CB  1 
ATOM   376  C  CG1 . ILE A 1 47  ? 3.313   -5.392  0.657   1.00 21.76 ? 47  ILE A CG1 1 
ATOM   377  C  CG2 . ILE A 1 47  ? 5.364   -5.172  2.078   1.00 19.70 ? 47  ILE A CG2 1 
ATOM   378  C  CD1 . ILE A 1 47  ? 2.574   -6.444  1.464   1.00 22.95 ? 47  ILE A CD1 1 
ATOM   379  N  N   . ALA A 1 48  ? 3.926   -2.785  -0.673  1.00 17.32 ? 48  ALA A N   1 
ATOM   380  C  CA  . ALA A 1 48  ? 3.412   -1.439  -0.471  1.00 18.59 ? 48  ALA A CA  1 
ATOM   381  C  C   . ALA A 1 48  ? 1.958   -1.441  -0.019  1.00 19.07 ? 48  ALA A C   1 
ATOM   382  O  O   . ALA A 1 48  ? 1.152   -2.239  -0.495  1.00 19.38 ? 48  ALA A O   1 
ATOM   383  C  CB  . ALA A 1 48  ? 3.557   -0.630  -1.752  1.00 17.37 ? 48  ALA A CB  1 
ATOM   384  N  N   . ILE A 1 49  ? 1.640   -0.556  0.922   1.00 18.24 ? 49  ILE A N   1 
ATOM   385  C  CA  . ILE A 1 49  ? 0.281   -0.398  1.420   1.00 16.32 ? 49  ILE A CA  1 
ATOM   386  C  C   . ILE A 1 49  ? -0.114  0.928   0.792   1.00 17.28 ? 49  ILE A C   1 
ATOM   387  O  O   . ILE A 1 49  ? 0.516   1.952   1.061   1.00 17.57 ? 49  ILE A O   1 
ATOM   388  C  CB  . ILE A 1 49  ? 0.239   -0.258  2.946   1.00 17.38 ? 49  ILE A CB  1 
ATOM   389  C  CG1 . ILE A 1 49  ? 1.002   -1.413  3.596   1.00 19.40 ? 49  ILE A CG1 1 
ATOM   390  C  CG2 . ILE A 1 49  ? -1.218  -0.214  3.417   1.00 17.02 ? 49  ILE A CG2 1 
ATOM   391  C  CD1 . ILE A 1 49  ? 0.530   -2.793  3.180   1.00 20.50 ? 49  ILE A CD1 1 
ATOM   392  N  N   . VAL A 1 50  ? -1.150  0.915   -0.037  1.00 16.69 ? 50  VAL A N   1 
ATOM   393  C  CA  . VAL A 1 50  ? -1.543  2.120   -0.750  1.00 16.68 ? 50  VAL A CA  1 
ATOM   394  C  C   . VAL A 1 50  ? -2.959  2.626   -0.519  1.00 17.78 ? 50  VAL A C   1 
ATOM   395  O  O   . VAL A 1 50  ? -3.940  1.890   -0.640  1.00 17.51 ? 50  VAL A O   1 
ATOM   396  C  CB  . VAL A 1 50  ? -1.328  1.913   -2.269  1.00 17.06 ? 50  VAL A CB  1 
ATOM   397  C  CG1 . VAL A 1 50  ? -1.714  3.167   -3.047  1.00 17.70 ? 50  VAL A CG1 1 
ATOM   398  C  CG2 . VAL A 1 50  ? 0.121   1.543   -2.524  1.00 18.19 ? 50  VAL A CG2 1 
ATOM   399  N  N   . ASP A 1 51  ? -3.034  3.911   -0.191  1.00 17.17 ? 51  ASP A N   1 
ATOM   400  C  CA  . ASP A 1 51  ? -4.290  4.608   0.042   1.00 17.37 ? 51  ASP A CA  1 
ATOM   401  C  C   . ASP A 1 51  ? -4.739  5.119   -1.331  1.00 17.32 ? 51  ASP A C   1 
ATOM   402  O  O   . ASP A 1 51  ? -3.895  5.464   -2.156  1.00 16.64 ? 51  ASP A O   1 
ATOM   403  C  CB  . ASP A 1 51  ? -4.018  5.773   0.980   1.00 19.31 ? 51  ASP A CB  1 
ATOM   404  C  CG  . ASP A 1 51  ? -5.229  6.597   1.237   1.00 21.08 ? 51  ASP A CG  1 
ATOM   405  O  OD1 . ASP A 1 51  ? -6.341  6.036   1.254   1.00 19.12 ? 51  ASP A OD1 1 
ATOM   406  O  OD2 . ASP A 1 51  ? -5.056  7.809   1.435   1.00 19.83 ? 51  ASP A OD2 1 
ATOM   407  N  N   . LEU A 1 52  ? -6.045  5.175   -1.588  1.00 16.90 ? 52  LEU A N   1 
ATOM   408  C  CA  . LEU A 1 52  ? -6.518  5.632   -2.894  1.00 16.68 ? 52  LEU A CA  1 
ATOM   409  C  C   . LEU A 1 52  ? -6.726  7.145   -3.016  1.00 18.27 ? 52  LEU A C   1 
ATOM   410  O  O   . LEU A 1 52  ? -6.389  7.744   -4.041  1.00 17.34 ? 52  LEU A O   1 
ATOM   411  C  CB  . LEU A 1 52  ? -7.816  4.905   -3.272  1.00 16.53 ? 52  LEU A CB  1 
ATOM   412  C  CG  . LEU A 1 52  ? -7.694  3.377   -3.397  1.00 17.35 ? 52  LEU A CG  1 
ATOM   413  C  CD1 . LEU A 1 52  ? -9.039  2.787   -3.782  1.00 16.13 ? 52  LEU A CD1 1 
ATOM   414  C  CD2 . LEU A 1 52  ? -6.646  3.025   -4.443  1.00 16.72 ? 52  LEU A CD2 1 
ATOM   415  N  N   . GLY A 1 53  ? -7.290  7.753   -1.979  1.00 17.20 ? 53  GLY A N   1 
ATOM   416  C  CA  . GLY A 1 53  ? -7.524  9.187   -2.010  1.00 18.69 ? 53  GLY A CA  1 
ATOM   417  C  C   . GLY A 1 53  ? -6.268  9.957   -1.651  1.00 18.65 ? 53  GLY A C   1 
ATOM   418  O  O   . GLY A 1 53  ? -5.904  10.041  -0.485  1.00 17.85 ? 53  GLY A O   1 
ATOM   419  N  N   . LEU A 1 54  ? -5.596  10.517  -2.649  1.00 20.03 ? 54  LEU A N   1 
ATOM   420  C  CA  . LEU A 1 54  ? -4.372  11.275  -2.404  1.00 22.22 ? 54  LEU A CA  1 
ATOM   421  C  C   . LEU A 1 54  ? -4.517  12.687  -2.978  1.00 24.07 ? 54  LEU A C   1 
ATOM   422  O  O   . LEU A 1 54  ? -5.244  12.893  -3.947  1.00 24.68 ? 54  LEU A O   1 
ATOM   423  C  CB  . LEU A 1 54  ? -3.175  10.543  -3.022  1.00 20.21 ? 54  LEU A CB  1 
ATOM   424  C  CG  . LEU A 1 54  ? -2.976  9.105   -2.508  1.00 20.14 ? 54  LEU A CG  1 
ATOM   425  C  CD1 . LEU A 1 54  ? -1.825  8.438   -3.261  1.00 18.14 ? 54  LEU A CD1 1 
ATOM   426  C  CD2 . LEU A 1 54  ? -2.705  9.116   -1.005  1.00 16.06 ? 54  LEU A CD2 1 
ATOM   427  N  N   . PRO A 1 55  ? -3.821  13.673  -2.384  1.00 27.13 ? 55  PRO A N   1 
ATOM   428  C  CA  . PRO A 1 55  ? -3.862  15.078  -2.809  1.00 29.54 ? 55  PRO A CA  1 
ATOM   429  C  C   . PRO A 1 55  ? -3.741  15.364  -4.300  1.00 31.97 ? 55  PRO A C   1 
ATOM   430  O  O   . PRO A 1 55  ? -4.425  16.244  -4.819  1.00 33.54 ? 55  PRO A O   1 
ATOM   431  C  CB  . PRO A 1 55  ? -2.747  15.730  -1.985  1.00 27.99 ? 55  PRO A CB  1 
ATOM   432  C  CG  . PRO A 1 55  ? -1.835  14.594  -1.660  1.00 30.80 ? 55  PRO A CG  1 
ATOM   433  C  CD  . PRO A 1 55  ? -2.793  13.480  -1.350  1.00 26.84 ? 55  PRO A CD  1 
ATOM   434  N  N   . ASP A 1 56  ? -2.871  14.651  -4.997  1.00 33.48 ? 56  ASP A N   1 
ATOM   435  C  CA  . ASP A 1 56  ? -2.753  14.882  -6.427  1.00 37.31 ? 56  ASP A CA  1 
ATOM   436  C  C   . ASP A 1 56  ? -3.174  13.633  -7.185  1.00 36.28 ? 56  ASP A C   1 
ATOM   437  O  O   . ASP A 1 56  ? -4.368  13.379  -7.349  1.00 38.16 ? 56  ASP A O   1 
ATOM   438  C  CB  . ASP A 1 56  ? -1.329  15.306  -6.793  1.00 40.46 ? 56  ASP A CB  1 
ATOM   439  C  CG  . ASP A 1 56  ? -0.998  16.703  -6.288  1.00 45.30 ? 56  ASP A CG  1 
ATOM   440  O  OD1 . ASP A 1 56  ? -0.548  16.835  -5.129  1.00 47.92 ? 56  ASP A OD1 1 
ATOM   441  O  OD2 . ASP A 1 56  ? -1.211  17.675  -7.047  1.00 47.12 ? 56  ASP A OD2 1 
ATOM   442  N  N   . GLU A 1 57  ? -2.211  12.849  -7.645  1.00 34.66 ? 57  GLU A N   1 
ATOM   443  C  CA  . GLU A 1 57  ? -2.542  11.628  -8.363  1.00 32.11 ? 57  GLU A CA  1 
ATOM   444  C  C   . GLU A 1 57  ? -3.163  10.648  -7.370  1.00 30.19 ? 57  GLU A C   1 
ATOM   445  O  O   . GLU A 1 57  ? -2.667  10.489  -6.256  1.00 30.26 ? 57  GLU A O   1 
ATOM   446  C  CB  . GLU A 1 57  ? -1.283  11.032  -8.985  1.00 31.67 ? 57  GLU A CB  1 
ATOM   447  C  CG  . GLU A 1 57  ? -1.496  9.682   -9.636  1.00 32.30 ? 57  GLU A CG  1 
ATOM   448  C  CD  . GLU A 1 57  ? -0.225  9.136   -10.239 1.00 30.94 ? 57  GLU A CD  1 
ATOM   449  O  OE1 . GLU A 1 57  ? 0.842   9.310   -9.615  1.00 33.72 ? 57  GLU A OE1 1 
ATOM   450  O  OE2 . GLU A 1 57  ? -0.291  8.528   -11.324 1.00 30.27 ? 57  GLU A OE2 1 
ATOM   451  N  N   . ASP A 1 58  ? -4.253  9.999   -7.760  1.00 28.25 ? 58  ASP A N   1 
ATOM   452  C  CA  . ASP A 1 58  ? -4.903  9.054   -6.861  1.00 27.73 ? 58  ASP A CA  1 
ATOM   453  C  C   . ASP A 1 58  ? -4.230  7.684   -6.883  1.00 24.93 ? 58  ASP A C   1 
ATOM   454  O  O   . ASP A 1 58  ? -3.513  7.349   -7.829  1.00 23.40 ? 58  ASP A O   1 
ATOM   455  C  CB  . ASP A 1 58  ? -6.386  8.928   -7.207  1.00 32.35 ? 58  ASP A CB  1 
ATOM   456  C  CG  . ASP A 1 58  ? -6.621  8.331   -8.570  1.00 36.58 ? 58  ASP A CG  1 
ATOM   457  O  OD1 . ASP A 1 58  ? -5.655  7.848   -9.193  1.00 41.88 ? 58  ASP A OD1 1 
ATOM   458  O  OD2 . ASP A 1 58  ? -7.783  8.340   -9.018  1.00 43.15 ? 58  ASP A OD2 1 
ATOM   459  N  N   . GLY A 1 59  ? -4.469  6.904   -5.832  1.00 23.03 ? 59  GLY A N   1 
ATOM   460  C  CA  . GLY A 1 59  ? -3.868  5.584   -5.709  1.00 21.59 ? 59  GLY A CA  1 
ATOM   461  C  C   . GLY A 1 59  ? -4.049  4.654   -6.893  1.00 20.73 ? 59  GLY A C   1 
ATOM   462  O  O   . GLY A 1 59  ? -3.128  3.914   -7.251  1.00 20.74 ? 59  GLY A O   1 
ATOM   463  N  N   . LEU A 1 60  ? -5.236  4.667   -7.491  1.00 19.24 ? 60  LEU A N   1 
ATOM   464  C  CA  . LEU A 1 60  ? -5.503  3.811   -8.641  1.00 19.92 ? 60  LEU A CA  1 
ATOM   465  C  C   . LEU A 1 60  ? -4.566  4.189   -9.787  1.00 20.15 ? 60  LEU A C   1 
ATOM   466  O  O   . LEU A 1 60  ? -3.986  3.323   -10.440 1.00 19.38 ? 60  LEU A O   1 
ATOM   467  C  CB  . LEU A 1 60  ? -6.965  3.947   -9.081  1.00 19.38 ? 60  LEU A CB  1 
ATOM   468  C  CG  . LEU A 1 60  ? -7.407  3.155   -10.326 1.00 21.32 ? 60  LEU A CG  1 
ATOM   469  C  CD1 . LEU A 1 60  ? -7.060  1.679   -10.178 1.00 21.38 ? 60  LEU A CD1 1 
ATOM   470  C  CD2 . LEU A 1 60  ? -8.903  3.331   -10.529 1.00 22.02 ? 60  LEU A CD2 1 
ATOM   471  N  N   . SER A 1 61  ? -4.412  5.489   -10.021 1.00 20.44 ? 61  SER A N   1 
ATOM   472  C  CA  . SER A 1 61  ? -3.533  5.958   -11.087 1.00 21.02 ? 61  SER A CA  1 
ATOM   473  C  C   . SER A 1 61  ? -2.092  5.552   -10.792 1.00 20.81 ? 61  SER A C   1 
ATOM   474  O  O   . SER A 1 61  ? -1.359  5.129   -11.687 1.00 20.90 ? 61  SER A O   1 
ATOM   475  C  CB  . SER A 1 61  ? -3.637  7.482   -11.228 1.00 22.41 ? 61  SER A CB  1 
ATOM   476  O  OG  . SER A 1 61  ? -2.746  7.960   -12.223 1.00 26.38 ? 61  SER A OG  1 
ATOM   477  N  N   . LEU A 1 62  ? -1.686  5.675   -9.531  1.00 20.36 ? 62  LEU A N   1 
ATOM   478  C  CA  . LEU A 1 62  ? -0.330  5.308   -9.142  1.00 20.87 ? 62  LEU A CA  1 
ATOM   479  C  C   . LEU A 1 62  ? -0.087  3.823   -9.399  1.00 19.65 ? 62  LEU A C   1 
ATOM   480  O  O   . LEU A 1 62  ? 0.939   3.443   -9.960  1.00 19.63 ? 62  LEU A O   1 
ATOM   481  C  CB  . LEU A 1 62  ? -0.093  5.641   -7.664  1.00 22.55 ? 62  LEU A CB  1 
ATOM   482  C  CG  . LEU A 1 62  ? 1.250   5.226   -7.052  1.00 25.50 ? 62  LEU A CG  1 
ATOM   483  C  CD1 . LEU A 1 62  ? 1.542   6.070   -5.818  1.00 27.01 ? 62  LEU A CD1 1 
ATOM   484  C  CD2 . LEU A 1 62  ? 1.216   3.744   -6.691  1.00 27.49 ? 62  LEU A CD2 1 
ATOM   485  N  N   . ILE A 1 63  ? -1.036  2.986   -8.994  1.00 19.46 ? 63  ILE A N   1 
ATOM   486  C  CA  . ILE A 1 63  ? -0.907  1.546   -9.188  1.00 19.38 ? 63  ILE A CA  1 
ATOM   487  C  C   . ILE A 1 63  ? -0.801  1.189   -10.673 1.00 19.63 ? 63  ILE A C   1 
ATOM   488  O  O   . ILE A 1 63  ? 0.061   0.406   -11.066 1.00 19.37 ? 63  ILE A O   1 
ATOM   489  C  CB  . ILE A 1 63  ? -2.100  0.803   -8.548  1.00 18.64 ? 63  ILE A CB  1 
ATOM   490  C  CG1 . ILE A 1 63  ? -2.052  0.981   -7.029  1.00 19.48 ? 63  ILE A CG1 1 
ATOM   491  C  CG2 . ILE A 1 63  ? -2.062  -0.677  -8.918  1.00 17.47 ? 63  ILE A CG2 1 
ATOM   492  C  CD1 . ILE A 1 63  ? -3.273  0.435   -6.300  1.00 19.66 ? 63  ILE A CD1 1 
ATOM   493  N  N   . ARG A 1 64  ? -1.667  1.765   -11.497 1.00 21.10 ? 64  ARG A N   1 
ATOM   494  C  CA  . ARG A 1 64  ? -1.631  1.498   -12.931 1.00 21.70 ? 64  ARG A CA  1 
ATOM   495  C  C   . ARG A 1 64  ? -0.289  1.901   -13.532 1.00 23.46 ? 64  ARG A C   1 
ATOM   496  O  O   . ARG A 1 64  ? 0.297   1.162   -14.324 1.00 23.63 ? 64  ARG A O   1 
ATOM   497  C  CB  . ARG A 1 64  ? -2.763  2.246   -13.639 1.00 23.14 ? 64  ARG A CB  1 
ATOM   498  C  CG  . ARG A 1 64  ? -4.116  1.556   -13.511 1.00 24.18 ? 64  ARG A CG  1 
ATOM   499  C  CD  . ARG A 1 64  ? -5.266  2.428   -14.003 1.00 25.33 ? 64  ARG A CD  1 
ATOM   500  N  NE  . ARG A 1 64  ? -6.506  1.657   -14.102 1.00 25.72 ? 64  ARG A NE  1 
ATOM   501  C  CZ  . ARG A 1 64  ? -7.729  2.184   -14.099 1.00 26.78 ? 64  ARG A CZ  1 
ATOM   502  N  NH1 . ARG A 1 64  ? -7.896  3.499   -13.994 1.00 24.44 ? 64  ARG A NH1 1 
ATOM   503  N  NH2 . ARG A 1 64  ? -8.788  1.394   -14.208 1.00 27.24 ? 64  ARG A NH2 1 
ATOM   504  N  N   . ARG A 1 65  ? 0.193   3.076   -13.145 1.00 22.36 ? 65  ARG A N   1 
ATOM   505  C  CA  . ARG A 1 65  ? 1.464   3.584   -13.640 1.00 23.25 ? 65  ARG A CA  1 
ATOM   506  C  C   . ARG A 1 65  ? 2.600   2.634   -13.255 1.00 22.00 ? 65  ARG A C   1 
ATOM   507  O  O   . ARG A 1 65  ? 3.398   2.230   -14.101 1.00 21.44 ? 65  ARG A O   1 
ATOM   508  C  CB  . ARG A 1 65  ? 1.702   4.989   -13.070 1.00 24.48 ? 65  ARG A CB  1 
ATOM   509  C  CG  . ARG A 1 65  ? 2.946   5.694   -13.579 1.00 29.20 ? 65  ARG A CG  1 
ATOM   510  C  CD  . ARG A 1 65  ? 2.809   7.207   -13.408 1.00 28.72 ? 65  ARG A CD  1 
ATOM   511  N  NE  . ARG A 1 65  ? 2.551   7.595   -12.023 1.00 27.18 ? 65  ARG A NE  1 
ATOM   512  C  CZ  . ARG A 1 65  ? 3.450   7.525   -11.045 1.00 26.87 ? 65  ARG A CZ  1 
ATOM   513  N  NH1 . ARG A 1 65  ? 4.676   7.080   -11.294 1.00 25.96 ? 65  ARG A NH1 1 
ATOM   514  N  NH2 . ARG A 1 65  ? 3.125   7.906   -9.817  1.00 27.16 ? 65  ARG A NH2 1 
ATOM   515  N  N   . TRP A 1 66  ? 2.661   2.266   -11.979 1.00 20.70 ? 66  TRP A N   1 
ATOM   516  C  CA  . TRP A 1 66  ? 3.702   1.360   -11.505 1.00 21.16 ? 66  TRP A CA  1 
ATOM   517  C  C   . TRP A 1 66  ? 3.693   0.019   -12.236 1.00 20.59 ? 66  TRP A C   1 
ATOM   518  O  O   . TRP A 1 66  ? 4.742   -0.458  -12.679 1.00 18.23 ? 66  TRP A O   1 
ATOM   519  C  CB  . TRP A 1 66  ? 3.556   1.131   -9.999  1.00 21.15 ? 66  TRP A CB  1 
ATOM   520  C  CG  . TRP A 1 66  ? 4.010   2.292   -9.177  1.00 21.80 ? 66  TRP A CG  1 
ATOM   521  C  CD1 . TRP A 1 66  ? 4.398   3.519   -9.634  1.00 22.34 ? 66  TRP A CD1 1 
ATOM   522  C  CD2 . TRP A 1 66  ? 4.141   2.336   -7.752  1.00 22.66 ? 66  TRP A CD2 1 
ATOM   523  N  NE1 . TRP A 1 66  ? 4.765   4.324   -8.581  1.00 22.10 ? 66  TRP A NE1 1 
ATOM   524  C  CE2 . TRP A 1 66  ? 4.616   3.623   -7.414  1.00 22.22 ? 66  TRP A CE2 1 
ATOM   525  C  CE3 . TRP A 1 66  ? 3.903   1.413   -6.725  1.00 22.80 ? 66  TRP A CE3 1 
ATOM   526  C  CZ2 . TRP A 1 66  ? 4.858   4.010   -6.094  1.00 24.17 ? 66  TRP A CZ2 1 
ATOM   527  C  CZ3 . TRP A 1 66  ? 4.143   1.800   -5.408  1.00 24.85 ? 66  TRP A CZ3 1 
ATOM   528  C  CH2 . TRP A 1 66  ? 4.616   3.089   -5.107  1.00 23.66 ? 66  TRP A CH2 1 
ATOM   529  N  N   . ARG A 1 67  ? 2.513   -0.584  -12.370 1.00 20.18 ? 67  ARG A N   1 
ATOM   530  C  CA  . ARG A 1 67  ? 2.405   -1.868  -13.055 1.00 20.46 ? 67  ARG A CA  1 
ATOM   531  C  C   . ARG A 1 67  ? 2.831   -1.758  -14.516 1.00 23.04 ? 67  ARG A C   1 
ATOM   532  O  O   . ARG A 1 67  ? 3.454   -2.672  -15.059 1.00 22.74 ? 67  ARG A O   1 
ATOM   533  C  CB  . ARG A 1 67  ? 0.970   -2.410  -12.974 1.00 19.58 ? 67  ARG A CB  1 
ATOM   534  C  CG  . ARG A 1 67  ? 0.508   -2.806  -11.564 1.00 21.68 ? 67  ARG A CG  1 
ATOM   535  C  CD  . ARG A 1 67  ? 1.463   -3.802  -10.915 1.00 21.55 ? 67  ARG A CD  1 
ATOM   536  N  NE  . ARG A 1 67  ? 0.929   -4.397  -9.687  1.00 20.10 ? 67  ARG A NE  1 
ATOM   537  C  CZ  . ARG A 1 67  ? 1.637   -4.566  -8.575  1.00 19.31 ? 67  ARG A CZ  1 
ATOM   538  N  NH1 . ARG A 1 67  ? 2.903   -4.173  -8.534  1.00 17.53 ? 67  ARG A NH1 1 
ATOM   539  N  NH2 . ARG A 1 67  ? 1.092   -5.146  -7.511  1.00 18.20 ? 67  ARG A NH2 1 
ATOM   540  N  N   . SER A 1 68  ? 2.505   -0.635  -15.151 1.00 23.49 ? 68  SER A N   1 
ATOM   541  C  CA  . SER A 1 68  ? 2.857   -0.431  -16.552 1.00 24.51 ? 68  SER A CA  1 
ATOM   542  C  C   . SER A 1 68  ? 4.364   -0.271  -16.726 1.00 25.27 ? 68  SER A C   1 
ATOM   543  O  O   . SER A 1 68  ? 4.887   -0.409  -17.833 1.00 24.66 ? 68  SER A O   1 
ATOM   544  C  CB  . SER A 1 68  ? 2.150   0.807   -17.108 1.00 25.91 ? 68  SER A CB  1 
ATOM   545  O  OG  . SER A 1 68  ? 2.692   1.994   -16.554 1.00 27.20 ? 68  SER A OG  1 
ATOM   546  N  N   . ASN A 1 69  ? 5.058   0.033   -15.632 1.00 25.53 ? 69  ASN A N   1 
ATOM   547  C  CA  . ASN A 1 69  ? 6.506   0.206   -15.673 1.00 26.66 ? 69  ASN A CA  1 
ATOM   548  C  C   . ASN A 1 69  ? 7.252   -0.974  -15.072 1.00 25.89 ? 69  ASN A C   1 
ATOM   549  O  O   . ASN A 1 69  ? 8.394   -0.840  -14.632 1.00 23.63 ? 69  ASN A O   1 
ATOM   550  C  CB  . ASN A 1 69  ? 6.907   1.494   -14.956 1.00 29.27 ? 69  ASN A CB  1 
ATOM   551  C  CG  . ASN A 1 69  ? 6.648   2.725   -15.798 1.00 32.69 ? 69  ASN A CG  1 
ATOM   552  O  OD1 . ASN A 1 69  ? 7.282   2.922   -16.838 1.00 36.39 ? 69  ASN A OD1 1 
ATOM   553  N  ND2 . ASN A 1 69  ? 5.711   3.556   -15.361 1.00 33.47 ? 69  ASN A ND2 1 
ATOM   554  N  N   . ASP A 1 70  ? 6.592   -2.126  -15.044 1.00 25.52 ? 70  ASP A N   1 
ATOM   555  C  CA  . ASP A 1 70  ? 7.196   -3.351  -14.537 1.00 27.04 ? 70  ASP A CA  1 
ATOM   556  C  C   . ASP A 1 70  ? 7.417   -3.412  -13.026 1.00 25.59 ? 70  ASP A C   1 
ATOM   557  O  O   . ASP A 1 70  ? 8.167   -4.261  -12.547 1.00 25.10 ? 70  ASP A O   1 
ATOM   558  C  CB  . ASP A 1 70  ? 8.525   -3.607  -15.265 1.00 31.32 ? 70  ASP A CB  1 
ATOM   559  C  CG  . ASP A 1 70  ? 9.118   -4.966  -14.943 1.00 37.07 ? 70  ASP A CG  1 
ATOM   560  O  OD1 . ASP A 1 70  ? 8.459   -5.986  -15.240 1.00 37.90 ? 70  ASP A OD1 1 
ATOM   561  O  OD2 . ASP A 1 70  ? 10.243  -5.011  -14.393 1.00 41.20 ? 70  ASP A OD2 1 
ATOM   562  N  N   . VAL A 1 71  ? 6.795   -2.513  -12.269 1.00 24.14 ? 71  VAL A N   1 
ATOM   563  C  CA  . VAL A 1 71  ? 6.937   -2.564  -10.813 1.00 23.84 ? 71  VAL A CA  1 
ATOM   564  C  C   . VAL A 1 71  ? 5.928   -3.633  -10.407 1.00 22.26 ? 71  VAL A C   1 
ATOM   565  O  O   . VAL A 1 71  ? 4.720   -3.410  -10.467 1.00 24.00 ? 71  VAL A O   1 
ATOM   566  C  CB  . VAL A 1 71  ? 6.582   -1.211  -10.156 1.00 24.20 ? 71  VAL A CB  1 
ATOM   567  C  CG1 . VAL A 1 71  ? 6.629   -1.336  -8.639  1.00 24.28 ? 71  VAL A CG1 1 
ATOM   568  C  CG2 . VAL A 1 71  ? 7.566   -0.145  -10.619 1.00 25.22 ? 71  VAL A CG2 1 
ATOM   569  N  N   . SER A 1 72  ? 6.430   -4.793  -9.999  1.00 22.18 ? 72  SER A N   1 
ATOM   570  C  CA  . SER A 1 72  ? 5.574   -5.925  -9.662  1.00 20.38 ? 72  SER A CA  1 
ATOM   571  C  C   . SER A 1 72  ? 5.430   -6.329  -8.192  1.00 19.98 ? 72  SER A C   1 
ATOM   572  O  O   . SER A 1 72  ? 4.834   -7.363  -7.897  1.00 20.00 ? 72  SER A O   1 
ATOM   573  C  CB  . SER A 1 72  ? 6.045   -7.140  -10.461 1.00 20.89 ? 72  SER A CB  1 
ATOM   574  O  OG  . SER A 1 72  ? 7.413   -7.402  -10.192 1.00 22.64 ? 72  SER A OG  1 
ATOM   575  N  N   . LEU A 1 73  ? 5.958   -5.533  -7.272  1.00 18.45 ? 73  LEU A N   1 
ATOM   576  C  CA  . LEU A 1 73  ? 5.861   -5.881  -5.858  1.00 18.45 ? 73  LEU A CA  1 
ATOM   577  C  C   . LEU A 1 73  ? 4.408   -5.961  -5.393  1.00 18.12 ? 73  LEU A C   1 
ATOM   578  O  O   . LEU A 1 73  ? 3.532   -5.299  -5.948  1.00 19.19 ? 73  LEU A O   1 
ATOM   579  C  CB  . LEU A 1 73  ? 6.631   -4.864  -5.018  1.00 21.34 ? 73  LEU A CB  1 
ATOM   580  C  CG  . LEU A 1 73  ? 6.204   -3.401  -5.136  1.00 23.77 ? 73  LEU A CG  1 
ATOM   581  C  CD1 . LEU A 1 73  ? 5.421   -2.998  -3.899  1.00 22.03 ? 73  LEU A CD1 1 
ATOM   582  C  CD2 . LEU A 1 73  ? 7.446   -2.525  -5.276  1.00 26.34 ? 73  LEU A CD2 1 
ATOM   583  N  N   . PRO A 1 74  ? 4.131   -6.788  -4.372  1.00 17.02 ? 74  PRO A N   1 
ATOM   584  C  CA  . PRO A 1 74  ? 2.760   -6.923  -3.865  1.00 17.13 ? 74  PRO A CA  1 
ATOM   585  C  C   . PRO A 1 74  ? 2.220   -5.589  -3.350  1.00 18.18 ? 74  PRO A C   1 
ATOM   586  O  O   . PRO A 1 74  ? 2.921   -4.854  -2.646  1.00 17.99 ? 74  PRO A O   1 
ATOM   587  C  CB  . PRO A 1 74  ? 2.901   -7.949  -2.745  1.00 17.29 ? 74  PRO A CB  1 
ATOM   588  C  CG  . PRO A 1 74  ? 4.091   -8.773  -3.179  1.00 18.08 ? 74  PRO A CG  1 
ATOM   589  C  CD  . PRO A 1 74  ? 5.042   -7.715  -3.677  1.00 16.26 ? 74  PRO A CD  1 
ATOM   590  N  N   . ILE A 1 75  ? 0.975   -5.281  -3.703  1.00 15.50 ? 75  ILE A N   1 
ATOM   591  C  CA  . ILE A 1 75  ? 0.348   -4.043  -3.262  1.00 15.49 ? 75  ILE A CA  1 
ATOM   592  C  C   . ILE A 1 75  ? -0.985  -4.312  -2.573  1.00 16.03 ? 75  ILE A C   1 
ATOM   593  O  O   . ILE A 1 75  ? -1.877  -4.943  -3.145  1.00 15.89 ? 75  ILE A O   1 
ATOM   594  C  CB  . ILE A 1 75  ? 0.093   -3.079  -4.444  1.00 17.76 ? 75  ILE A CB  1 
ATOM   595  C  CG1 . ILE A 1 75  ? 1.422   -2.654  -5.073  1.00 17.03 ? 75  ILE A CG1 1 
ATOM   596  C  CG2 . ILE A 1 75  ? -0.681  -1.848  -3.955  1.00 16.58 ? 75  ILE A CG2 1 
ATOM   597  C  CD1 . ILE A 1 75  ? 1.262   -1.770  -6.292  1.00 17.66 ? 75  ILE A CD1 1 
ATOM   598  N  N   . LEU A 1 76  ? -1.109  -3.841  -1.336  1.00 14.37 ? 76  LEU A N   1 
ATOM   599  C  CA  . LEU A 1 76  ? -2.345  -3.999  -0.587  1.00 14.82 ? 76  LEU A CA  1 
ATOM   600  C  C   . LEU A 1 76  ? -2.939  -2.608  -0.433  1.00 16.13 ? 76  LEU A C   1 
ATOM   601  O  O   . LEU A 1 76  ? -2.295  -1.703  0.102   1.00 16.27 ? 76  LEU A O   1 
ATOM   602  C  CB  . LEU A 1 76  ? -2.084  -4.625  0.792   1.00 16.72 ? 76  LEU A CB  1 
ATOM   603  C  CG  . LEU A 1 76  ? -3.301  -4.808  1.717   1.00 18.37 ? 76  LEU A CG  1 
ATOM   604  C  CD1 . LEU A 1 76  ? -3.036  -5.933  2.704   1.00 17.02 ? 76  LEU A CD1 1 
ATOM   605  C  CD2 . LEU A 1 76  ? -3.599  -3.508  2.460   1.00 15.61 ? 76  LEU A CD2 1 
ATOM   606  N  N   . VAL A 1 77  ? -4.156  -2.433  -0.931  1.00 14.19 ? 77  VAL A N   1 
ATOM   607  C  CA  . VAL A 1 77  ? -4.834  -1.146  -0.842  1.00 14.17 ? 77  VAL A CA  1 
ATOM   608  C  C   . VAL A 1 77  ? -5.658  -1.067  0.443   1.00 14.25 ? 77  VAL A C   1 
ATOM   609  O  O   . VAL A 1 77  ? -6.346  -2.018  0.810   1.00 13.37 ? 77  VAL A O   1 
ATOM   610  C  CB  . VAL A 1 77  ? -5.744  -0.931  -2.072  1.00 14.65 ? 77  VAL A CB  1 
ATOM   611  C  CG1 . VAL A 1 77  ? -6.648  0.290   -1.871  1.00 16.18 ? 77  VAL A CG1 1 
ATOM   612  C  CG2 . VAL A 1 77  ? -4.880  -0.745  -3.309  1.00 13.55 ? 77  VAL A CG2 1 
ATOM   613  N  N   . LEU A 1 78  ? -5.556  0.069   1.130   1.00 14.90 ? 78  LEU A N   1 
ATOM   614  C  CA  . LEU A 1 78  ? -6.276  0.321   2.379   1.00 15.24 ? 78  LEU A CA  1 
ATOM   615  C  C   . LEU A 1 78  ? -6.929  1.671   2.137   1.00 16.78 ? 78  LEU A C   1 
ATOM   616  O  O   . LEU A 1 78  ? -6.253  2.703   2.124   1.00 15.70 ? 78  LEU A O   1 
ATOM   617  C  CB  . LEU A 1 78  ? -5.291  0.393   3.548   1.00 14.84 ? 78  LEU A CB  1 
ATOM   618  C  CG  . LEU A 1 78  ? -5.869  0.665   4.941   1.00 13.96 ? 78  LEU A CG  1 
ATOM   619  C  CD1 . LEU A 1 78  ? -6.918  -0.388  5.297   1.00 12.77 ? 78  LEU A CD1 1 
ATOM   620  C  CD2 . LEU A 1 78  ? -4.726  0.657   5.957   1.00 14.49 ? 78  LEU A CD2 1 
ATOM   621  N  N   . THR A 1 79  ? -8.248  1.662   1.969   1.00 17.98 ? 79  THR A N   1 
ATOM   622  C  CA  . THR A 1 79  ? -8.965  2.877   1.599   1.00 17.98 ? 79  THR A CA  1 
ATOM   623  C  C   . THR A 1 79  ? -10.371 3.045   2.166   1.00 17.20 ? 79  THR A C   1 
ATOM   624  O  O   . THR A 1 79  ? -10.999 2.083   2.592   1.00 18.11 ? 79  THR A O   1 
ATOM   625  C  CB  . THR A 1 79  ? -9.067  2.909   0.064   1.00 17.02 ? 79  THR A CB  1 
ATOM   626  O  OG1 . THR A 1 79  ? -9.906  3.983   -0.361  1.00 16.07 ? 79  THR A OG1 1 
ATOM   627  C  CG2 . THR A 1 79  ? -9.665  1.595   -0.437  1.00 16.56 ? 79  THR A CG2 1 
ATOM   628  N  N   . ALA A 1 80  ? -10.865 4.285   2.142   1.00 17.83 ? 80  ALA A N   1 
ATOM   629  C  CA  . ALA A 1 80  ? -12.211 4.590   2.612   1.00 17.73 ? 80  ALA A CA  1 
ATOM   630  C  C   . ALA A 1 80  ? -13.215 4.286   1.499   1.00 19.18 ? 80  ALA A C   1 
ATOM   631  O  O   . ALA A 1 80  ? -14.420 4.256   1.735   1.00 19.16 ? 80  ALA A O   1 
ATOM   632  C  CB  . ALA A 1 80  ? -12.316 6.063   3.029   1.00 20.33 ? 80  ALA A CB  1 
ATOM   633  N  N   . ARG A 1 81  ? -12.719 4.065   0.283   1.00 18.22 ? 81  ARG A N   1 
ATOM   634  C  CA  . ARG A 1 81  ? -13.603 3.741   -0.839  1.00 19.91 ? 81  ARG A CA  1 
ATOM   635  C  C   . ARG A 1 81  ? -14.088 2.309   -0.630  1.00 19.45 ? 81  ARG A C   1 
ATOM   636  O  O   . ARG A 1 81  ? -13.310 1.364   -0.739  1.00 18.20 ? 81  ARG A O   1 
ATOM   637  C  CB  . ARG A 1 81  ? -12.852 3.873   -2.167  1.00 22.39 ? 81  ARG A CB  1 
ATOM   638  C  CG  . ARG A 1 81  ? -12.354 5.284   -2.446  1.00 24.92 ? 81  ARG A CG  1 
ATOM   639  C  CD  . ARG A 1 81  ? -12.796 5.772   -3.823  1.00 30.97 ? 81  ARG A CD  1 
ATOM   640  N  NE  . ARG A 1 81  ? -11.956 5.279   -4.909  1.00 31.52 ? 81  ARG A NE  1 
ATOM   641  C  CZ  . ARG A 1 81  ? -10.836 5.872   -5.321  1.00 34.28 ? 81  ARG A CZ  1 
ATOM   642  N  NH1 . ARG A 1 81  ? -10.422 6.995   -4.747  1.00 33.16 ? 81  ARG A NH1 1 
ATOM   643  N  NH2 . ARG A 1 81  ? -10.133 5.347   -6.317  1.00 33.57 ? 81  ARG A NH2 1 
ATOM   644  N  N   . GLU A 1 82  ? -15.377 2.154   -0.342  1.00 20.08 ? 82  GLU A N   1 
ATOM   645  C  CA  . GLU A 1 82  ? -15.949 0.839   -0.050  1.00 21.20 ? 82  GLU A CA  1 
ATOM   646  C  C   . GLU A 1 82  ? -16.704 0.071   -1.130  1.00 20.93 ? 82  GLU A C   1 
ATOM   647  O  O   . GLU A 1 82  ? -16.930 -1.131  -0.974  1.00 18.19 ? 82  GLU A O   1 
ATOM   648  C  CB  . GLU A 1 82  ? -16.876 0.945   1.168   1.00 25.59 ? 82  GLU A CB  1 
ATOM   649  C  CG  . GLU A 1 82  ? -16.203 1.355   2.461   1.00 30.22 ? 82  GLU A CG  1 
ATOM   650  C  CD  . GLU A 1 82  ? -17.165 1.357   3.636   1.00 33.37 ? 82  GLU A CD  1 
ATOM   651  O  OE1 . GLU A 1 82  ? -18.079 2.211   3.668   1.00 33.76 ? 82  GLU A OE1 1 
ATOM   652  O  OE2 . GLU A 1 82  ? -17.010 0.496   4.528   1.00 36.77 ? 82  GLU A OE2 1 
ATOM   653  N  N   . SER A 1 83  ? -17.109 0.730   -2.210  1.00 19.34 ? 83  SER A N   1 
ATOM   654  C  CA  . SER A 1 83  ? -17.887 0.040   -3.238  1.00 21.37 ? 83  SER A CA  1 
ATOM   655  C  C   . SER A 1 83  ? -17.183 -1.186  -3.809  1.00 21.35 ? 83  SER A C   1 
ATOM   656  O  O   . SER A 1 83  ? -15.980 -1.158  -4.075  1.00 19.34 ? 83  SER A O   1 
ATOM   657  C  CB  . SER A 1 83  ? -18.235 0.997   -4.379  1.00 21.59 ? 83  SER A CB  1 
ATOM   658  O  OG  . SER A 1 83  ? -17.108 1.216   -5.206  1.00 26.94 ? 83  SER A OG  1 
ATOM   659  N  N   . TRP A 1 84  ? -17.937 -2.265  -4.004  1.00 19.68 ? 84  TRP A N   1 
ATOM   660  C  CA  . TRP A 1 84  ? -17.353 -3.481  -4.554  1.00 20.44 ? 84  TRP A CA  1 
ATOM   661  C  C   . TRP A 1 84  ? -16.847 -3.230  -5.969  1.00 20.46 ? 84  TRP A C   1 
ATOM   662  O  O   . TRP A 1 84  ? -15.904 -3.883  -6.419  1.00 18.93 ? 84  TRP A O   1 
ATOM   663  C  CB  . TRP A 1 84  ? -18.367 -4.639  -4.549  1.00 21.42 ? 84  TRP A CB  1 
ATOM   664  C  CG  . TRP A 1 84  ? -19.544 -4.469  -5.471  1.00 23.51 ? 84  TRP A CG  1 
ATOM   665  C  CD1 . TRP A 1 84  ? -20.774 -3.960  -5.152  1.00 24.22 ? 84  TRP A CD1 1 
ATOM   666  C  CD2 . TRP A 1 84  ? -19.609 -4.833  -6.856  1.00 24.91 ? 84  TRP A CD2 1 
ATOM   667  N  NE1 . TRP A 1 84  ? -21.600 -3.989  -6.254  1.00 24.28 ? 84  TRP A NE1 1 
ATOM   668  C  CE2 . TRP A 1 84  ? -20.910 -4.518  -7.312  1.00 25.41 ? 84  TRP A CE2 1 
ATOM   669  C  CE3 . TRP A 1 84  ? -18.692 -5.393  -7.757  1.00 26.29 ? 84  TRP A CE3 1 
ATOM   670  C  CZ2 . TRP A 1 84  ? -21.317 -4.746  -8.633  1.00 26.57 ? 84  TRP A CZ2 1 
ATOM   671  C  CZ3 . TRP A 1 84  ? -19.099 -5.620  -9.073  1.00 25.86 ? 84  TRP A CZ3 1 
ATOM   672  C  CH2 . TRP A 1 84  ? -20.400 -5.296  -9.495  1.00 26.77 ? 84  TRP A CH2 1 
ATOM   673  N  N   . GLN A 1 85  ? -17.458 -2.276  -6.672  1.00 19.50 ? 85  GLN A N   1 
ATOM   674  C  CA  . GLN A 1 85  ? -17.021 -1.972  -8.032  1.00 20.14 ? 85  GLN A CA  1 
ATOM   675  C  C   . GLN A 1 85  ? -15.614 -1.383  -8.033  1.00 19.22 ? 85  GLN A C   1 
ATOM   676  O  O   . GLN A 1 85  ? -14.817 -1.675  -8.924  1.00 19.10 ? 85  GLN A O   1 
ATOM   677  C  CB  . GLN A 1 85  ? -17.989 -1.008  -8.721  1.00 21.45 ? 85  GLN A CB  1 
ATOM   678  C  CG  . GLN A 1 85  ? -19.382 -1.585  -8.910  1.00 24.23 ? 85  GLN A CG  1 
ATOM   679  C  CD  . GLN A 1 85  ? -20.335 -1.171  -7.812  1.00 25.65 ? 85  GLN A CD  1 
ATOM   680  O  OE1 . GLN A 1 85  ? -19.954 -1.073  -6.644  1.00 25.83 ? 85  GLN A OE1 1 
ATOM   681  N  NE2 . GLN A 1 85  ? -21.591 -0.933  -8.179  1.00 25.41 ? 85  GLN A NE2 1 
ATOM   682  N  N   . ASP A 1 86  ? -15.308 -0.551  -7.040  1.00 19.25 ? 86  ASP A N   1 
ATOM   683  C  CA  . ASP A 1 86  ? -13.974 0.031   -6.946  1.00 19.52 ? 86  ASP A CA  1 
ATOM   684  C  C   . ASP A 1 86  ? -12.978 -1.077  -6.608  1.00 19.26 ? 86  ASP A C   1 
ATOM   685  O  O   . ASP A 1 86  ? -11.850 -1.079  -7.096  1.00 18.61 ? 86  ASP A O   1 
ATOM   686  C  CB  . ASP A 1 86  ? -13.925 1.125   -5.873  1.00 21.52 ? 86  ASP A CB  1 
ATOM   687  C  CG  . ASP A 1 86  ? -14.618 2.409   -6.317  1.00 25.11 ? 86  ASP A CG  1 
ATOM   688  O  OD1 . ASP A 1 86  ? -14.464 2.789   -7.495  1.00 25.19 ? 86  ASP A OD1 1 
ATOM   689  O  OD2 . ASP A 1 86  ? -15.306 3.043   -5.491  1.00 24.48 ? 86  ASP A OD2 1 
ATOM   690  N  N   . LYS A 1 87  ? -13.398 -2.018  -5.766  1.00 16.68 ? 87  LYS A N   1 
ATOM   691  C  CA  . LYS A 1 87  ? -12.535 -3.134  -5.397  1.00 16.19 ? 87  LYS A CA  1 
ATOM   692  C  C   . LYS A 1 87  ? -12.158 -3.916  -6.653  1.00 17.14 ? 87  LYS A C   1 
ATOM   693  O  O   . LYS A 1 87  ? -10.995 -4.276  -6.856  1.00 15.53 ? 87  LYS A O   1 
ATOM   694  C  CB  . LYS A 1 87  ? -13.252 -4.055  -4.402  1.00 17.03 ? 87  LYS A CB  1 
ATOM   695  C  CG  . LYS A 1 87  ? -13.536 -3.400  -3.054  1.00 17.24 ? 87  LYS A CG  1 
ATOM   696  C  CD  . LYS A 1 87  ? -14.146 -4.378  -2.055  1.00 17.79 ? 87  LYS A CD  1 
ATOM   697  C  CE  . LYS A 1 87  ? -14.525 -3.665  -0.760  1.00 16.98 ? 87  LYS A CE  1 
ATOM   698  N  NZ  . LYS A 1 87  ? -15.033 -4.614  0.273   1.00 16.54 ? 87  LYS A NZ  1 
ATOM   699  N  N   . VAL A 1 88  ? -13.149 -4.165  -7.502  1.00 17.01 ? 88  VAL A N   1 
ATOM   700  C  CA  . VAL A 1 88  ? -12.924 -4.901  -8.739  1.00 17.31 ? 88  VAL A CA  1 
ATOM   701  C  C   . VAL A 1 88  ? -11.984 -4.153  -9.675  1.00 18.07 ? 88  VAL A C   1 
ATOM   702  O  O   . VAL A 1 88  ? -11.059 -4.736  -10.239 1.00 19.17 ? 88  VAL A O   1 
ATOM   703  C  CB  . VAL A 1 88  ? -14.258 -5.165  -9.473  1.00 16.90 ? 88  VAL A CB  1 
ATOM   704  C  CG1 . VAL A 1 88  ? -13.991 -5.653  -10.899 1.00 17.75 ? 88  VAL A CG1 1 
ATOM   705  C  CG2 . VAL A 1 88  ? -15.068 -6.201  -8.703  1.00 17.36 ? 88  VAL A CG2 1 
ATOM   706  N  N   . GLU A 1 89  ? -12.220 -2.858  -9.840  1.00 18.29 ? 89  GLU A N   1 
ATOM   707  C  CA  . GLU A 1 89  ? -11.386 -2.056  -10.723 1.00 18.48 ? 89  GLU A CA  1 
ATOM   708  C  C   . GLU A 1 89  ? -9.949  -1.947  -10.226 1.00 17.96 ? 89  GLU A C   1 
ATOM   709  O  O   . GLU A 1 89  ? -9.006  -2.055  -11.006 1.00 16.76 ? 89  GLU A O   1 
ATOM   710  C  CB  . GLU A 1 89  ? -11.985 -0.657  -10.886 1.00 20.76 ? 89  GLU A CB  1 
ATOM   711  C  CG  . GLU A 1 89  ? -11.110 0.294   -11.695 1.00 23.17 ? 89  GLU A CG  1 
ATOM   712  C  CD  . GLU A 1 89  ? -11.811 1.601   -12.017 1.00 27.15 ? 89  GLU A CD  1 
ATOM   713  O  OE1 . GLU A 1 89  ? -12.506 2.144   -11.131 1.00 28.60 ? 89  GLU A OE1 1 
ATOM   714  O  OE2 . GLU A 1 89  ? -11.653 2.093   -13.154 1.00 29.61 ? 89  GLU A OE2 1 
ATOM   715  N  N   . VAL A 1 90  ? -9.785  -1.737  -8.925  1.00 16.66 ? 90  VAL A N   1 
ATOM   716  C  CA  . VAL A 1 90  ? -8.458  -1.600  -8.337  1.00 15.00 ? 90  VAL A CA  1 
ATOM   717  C  C   . VAL A 1 90  ? -7.686  -2.918  -8.354  1.00 15.26 ? 90  VAL A C   1 
ATOM   718  O  O   . VAL A 1 90  ? -6.484  -2.945  -8.638  1.00 14.43 ? 90  VAL A O   1 
ATOM   719  C  CB  . VAL A 1 90  ? -8.570  -1.048  -6.897  1.00 15.51 ? 90  VAL A CB  1 
ATOM   720  C  CG1 . VAL A 1 90  ? -7.214  -1.064  -6.215  1.00 13.05 ? 90  VAL A CG1 1 
ATOM   721  C  CG2 . VAL A 1 90  ? -9.121  0.384   -6.945  1.00 13.02 ? 90  VAL A CG2 1 
ATOM   722  N  N   . LEU A 1 91  ? -8.370  -4.014  -8.057  1.00 17.26 ? 91  LEU A N   1 
ATOM   723  C  CA  . LEU A 1 91  ? -7.720  -5.317  -8.080  1.00 16.83 ? 91  LEU A CA  1 
ATOM   724  C  C   . LEU A 1 91  ? -7.346  -5.647  -9.526  1.00 17.27 ? 91  LEU A C   1 
ATOM   725  O  O   . LEU A 1 91  ? -6.258  -6.149  -9.789  1.00 17.51 ? 91  LEU A O   1 
ATOM   726  C  CB  . LEU A 1 91  ? -8.653  -6.391  -7.513  1.00 16.66 ? 91  LEU A CB  1 
ATOM   727  C  CG  . LEU A 1 91  ? -8.903  -6.346  -6.000  1.00 16.76 ? 91  LEU A CG  1 
ATOM   728  C  CD1 . LEU A 1 91  ? -10.053 -7.279  -5.634  1.00 16.09 ? 91  LEU A CD1 1 
ATOM   729  C  CD2 . LEU A 1 91  ? -7.630  -6.738  -5.261  1.00 19.69 ? 91  LEU A CD2 1 
ATOM   730  N  N   . SER A 1 92  ? -8.241  -5.341  -10.463 1.00 18.36 ? 92  SER A N   1 
ATOM   731  C  CA  . SER A 1 92  ? -7.978  -5.617  -11.875 1.00 19.16 ? 92  SER A CA  1 
ATOM   732  C  C   . SER A 1 92  ? -6.819  -4.773  -12.391 1.00 20.24 ? 92  SER A C   1 
ATOM   733  O  O   . SER A 1 92  ? -6.119  -5.168  -13.321 1.00 19.39 ? 92  SER A O   1 
ATOM   734  C  CB  . SER A 1 92  ? -9.224  -5.335  -12.720 1.00 20.88 ? 92  SER A CB  1 
ATOM   735  O  OG  . SER A 1 92  ? -10.323 -6.115  -12.280 1.00 24.01 ? 92  SER A OG  1 
ATOM   736  N  N   . ALA A 1 93  ? -6.623  -3.608  -11.784 1.00 18.97 ? 93  ALA A N   1 
ATOM   737  C  CA  . ALA A 1 93  ? -5.546  -2.714  -12.183 1.00 20.26 ? 93  ALA A CA  1 
ATOM   738  C  C   . ALA A 1 93  ? -4.181  -3.204  -11.703 1.00 20.07 ? 93  ALA A C   1 
ATOM   739  O  O   . ALA A 1 93  ? -3.148  -2.713  -12.159 1.00 21.38 ? 93  ALA A O   1 
ATOM   740  C  CB  . ALA A 1 93  ? -5.812  -1.317  -11.652 1.00 19.45 ? 93  ALA A CB  1 
ATOM   741  N  N   . GLY A 1 94  ? -4.172  -4.166  -10.784 1.00 19.60 ? 94  GLY A N   1 
ATOM   742  C  CA  . GLY A 1 94  ? -2.903  -4.681  -10.297 1.00 17.60 ? 94  GLY A CA  1 
ATOM   743  C  C   . GLY A 1 94  ? -2.744  -4.802  -8.790  1.00 18.79 ? 94  GLY A C   1 
ATOM   744  O  O   . GLY A 1 94  ? -1.734  -5.324  -8.316  1.00 19.05 ? 94  GLY A O   1 
ATOM   745  N  N   . ALA A 1 95  ? -3.716  -4.319  -8.022  1.00 17.43 ? 95  ALA A N   1 
ATOM   746  C  CA  . ALA A 1 95  ? -3.617  -4.432  -6.566  1.00 17.98 ? 95  ALA A CA  1 
ATOM   747  C  C   . ALA A 1 95  ? -3.742  -5.912  -6.212  1.00 16.71 ? 95  ALA A C   1 
ATOM   748  O  O   . ALA A 1 95  ? -4.407  -6.663  -6.919  1.00 15.11 ? 95  ALA A O   1 
ATOM   749  C  CB  . ALA A 1 95  ? -4.726  -3.634  -5.894  1.00 16.66 ? 95  ALA A CB  1 
ATOM   750  N  N   . ASP A 1 96  ? -3.103  -6.326  -5.122  1.00 16.42 ? 96  ASP A N   1 
ATOM   751  C  CA  . ASP A 1 96  ? -3.145  -7.719  -4.695  1.00 16.87 ? 96  ASP A CA  1 
ATOM   752  C  C   . ASP A 1 96  ? -4.200  -7.987  -3.636  1.00 17.61 ? 96  ASP A C   1 
ATOM   753  O  O   . ASP A 1 96  ? -4.642  -9.121  -3.460  1.00 18.56 ? 96  ASP A O   1 
ATOM   754  C  CB  . ASP A 1 96  ? -1.772  -8.140  -4.180  1.00 17.15 ? 96  ASP A CB  1 
ATOM   755  C  CG  . ASP A 1 96  ? -0.759  -8.238  -5.291  1.00 20.04 ? 96  ASP A CG  1 
ATOM   756  O  OD1 . ASP A 1 96  ? -0.756  -9.273  -5.989  1.00 20.57 ? 96  ASP A OD1 1 
ATOM   757  O  OD2 . ASP A 1 96  ? 0.010   -7.271  -5.484  1.00 18.53 ? 96  ASP A OD2 1 
ATOM   758  N  N   . ASP A 1 97  ? -4.586  -6.946  -2.914  1.00 15.04 ? 97  ASP A N   1 
ATOM   759  C  CA  . ASP A 1 97  ? -5.610  -7.085  -1.892  1.00 14.74 ? 97  ASP A CA  1 
ATOM   760  C  C   . ASP A 1 97  ? -6.210  -5.704  -1.701  1.00 15.50 ? 97  ASP A C   1 
ATOM   761  O  O   . ASP A 1 97  ? -5.619  -4.701  -2.104  1.00 15.64 ? 97  ASP A O   1 
ATOM   762  C  CB  . ASP A 1 97  ? -5.023  -7.624  -0.583  1.00 14.31 ? 97  ASP A CB  1 
ATOM   763  C  CG  . ASP A 1 97  ? -6.076  -8.290  0.305   1.00 16.17 ? 97  ASP A CG  1 
ATOM   764  O  OD1 . ASP A 1 97  ? -7.286  -8.073  0.087   1.00 15.14 ? 97  ASP A OD1 1 
ATOM   765  O  OD2 . ASP A 1 97  ? -5.694  -9.031  1.231   1.00 15.38 ? 97  ASP A OD2 1 
ATOM   766  N  N   . TYR A 1 98  ? -7.381  -5.659  -1.088  1.00 14.83 ? 98  TYR A N   1 
ATOM   767  C  CA  . TYR A 1 98  ? -8.094  -4.408  -0.899  1.00 15.83 ? 98  TYR A CA  1 
ATOM   768  C  C   . TYR A 1 98  ? -8.850  -4.485  0.422   1.00 15.61 ? 98  TYR A C   1 
ATOM   769  O  O   . TYR A 1 98  ? -9.702  -5.357  0.607   1.00 15.72 ? 98  TYR A O   1 
ATOM   770  C  CB  . TYR A 1 98  ? -9.025  -4.235  -2.060  1.00 16.31 ? 98  TYR A CB  1 
ATOM   771  C  CG  . TYR A 1 98  ? -9.761  -2.910  -2.252  1.00 15.68 ? 98  TYR A CG  1 
ATOM   772  C  CD1 . TYR A 1 98  ? -10.611 -2.405  -1.270  1.00 15.47 ? 98  TYR A CD1 1 
ATOM   773  C  CD2 . TYR A 1 98  ? -9.553  -2.155  -3.402  1.00 14.66 ? 98  TYR A CD2 1 
ATOM   774  C  CE1 . TYR A 1 98  ? -11.307 -1.207  -1.470  1.00 15.80 ? 98  TYR A CE1 1 
ATOM   775  C  CE2 . TYR A 1 98  ? -10.242 -0.961  -3.616  1.00 16.55 ? 98  TYR A CE2 1 
ATOM   776  C  CZ  . TYR A 1 98  ? -11.118 -0.495  -2.649  1.00 16.66 ? 98  TYR A CZ  1 
ATOM   777  O  OH  . TYR A 1 98  ? -11.813 0.669   -2.875  1.00 17.42 ? 98  TYR A OH  1 
ATOM   778  N  N   . VAL A 1 99  ? -8.510  -3.586  1.342   1.00 14.96 ? 99  VAL A N   1 
ATOM   779  C  CA  . VAL A 1 99  ? -9.144  -3.530  2.657   1.00 15.36 ? 99  VAL A CA  1 
ATOM   780  C  C   . VAL A 1 99  ? -9.775  -2.154  2.843   1.00 15.91 ? 99  VAL A C   1 
ATOM   781  O  O   . VAL A 1 99  ? -9.189  -1.138  2.469   1.00 16.53 ? 99  VAL A O   1 
ATOM   782  C  CB  . VAL A 1 99  ? -8.110  -3.771  3.777   1.00 15.85 ? 99  VAL A CB  1 
ATOM   783  C  CG1 . VAL A 1 99  ? -8.781  -3.677  5.152   1.00 14.98 ? 99  VAL A CG1 1 
ATOM   784  C  CG2 . VAL A 1 99  ? -7.468  -5.135  3.593   1.00 15.85 ? 99  VAL A CG2 1 
ATOM   785  N  N   . THR A 1 100 ? -10.975 -2.120  3.414   1.00 15.35 ? 100 THR A N   1 
ATOM   786  C  CA  . THR A 1 100 ? -11.665 -0.854  3.621   1.00 15.35 ? 100 THR A CA  1 
ATOM   787  C  C   . THR A 1 100 ? -11.469 -0.286  5.020   1.00 16.25 ? 100 THR A C   1 
ATOM   788  O  O   . THR A 1 100 ? -11.221 -1.024  5.975   1.00 16.20 ? 100 THR A O   1 
ATOM   789  C  CB  . THR A 1 100 ? -13.185 -1.004  3.382   1.00 15.39 ? 100 THR A CB  1 
ATOM   790  O  OG1 . THR A 1 100 ? -13.704 -2.039  4.229   1.00 18.00 ? 100 THR A OG1 1 
ATOM   791  C  CG2 . THR A 1 100 ? -13.468 -1.360  1.933   1.00 17.08 ? 100 THR A CG2 1 
ATOM   792  N  N   . LYS A 1 101 ? -11.571 1.037   5.127   1.00 15.81 ? 101 LYS A N   1 
ATOM   793  C  CA  . LYS A 1 101 ? -11.475 1.730   6.416   1.00 17.79 ? 101 LYS A CA  1 
ATOM   794  C  C   . LYS A 1 101 ? -12.929 1.967   6.832   1.00 19.03 ? 101 LYS A C   1 
ATOM   795  O  O   . LYS A 1 101 ? -13.777 2.219   5.976   1.00 20.49 ? 101 LYS A O   1 
ATOM   796  C  CB  . LYS A 1 101 ? -10.791 3.094   6.260   1.00 17.75 ? 101 LYS A CB  1 
ATOM   797  C  CG  . LYS A 1 101 ? -9.364  3.072   5.730   1.00 17.36 ? 101 LYS A CG  1 
ATOM   798  C  CD  . LYS A 1 101 ? -8.892  4.502   5.491   1.00 18.88 ? 101 LYS A CD  1 
ATOM   799  C  CE  . LYS A 1 101 ? -7.463  4.564   4.976   1.00 18.14 ? 101 LYS A CE  1 
ATOM   800  N  NZ  . LYS A 1 101 ? -7.082  5.967   4.634   1.00 16.32 ? 101 LYS A NZ  1 
ATOM   801  N  N   . PRO A 1 102 ? -13.243 1.885   8.137   1.00 19.21 ? 102 PRO A N   1 
ATOM   802  C  CA  . PRO A 1 102 ? -12.348 1.582   9.257   1.00 19.40 ? 102 PRO A CA  1 
ATOM   803  C  C   . PRO A 1 102 ? -11.909 0.129   9.161   1.00 19.04 ? 102 PRO A C   1 
ATOM   804  O  O   . PRO A 1 102 ? -12.623 -0.707  8.598   1.00 17.41 ? 102 PRO A O   1 
ATOM   805  C  CB  . PRO A 1 102 ? -13.222 1.855   10.481  1.00 20.34 ? 102 PRO A CB  1 
ATOM   806  C  CG  . PRO A 1 102 ? -14.574 1.459   9.999   1.00 22.43 ? 102 PRO A CG  1 
ATOM   807  C  CD  . PRO A 1 102 ? -14.621 2.088   8.619   1.00 21.13 ? 102 PRO A CD  1 
ATOM   808  N  N   . PHE A 1 103 ? -10.741 -0.166  9.718   1.00 18.87 ? 103 PHE A N   1 
ATOM   809  C  CA  . PHE A 1 103 ? -10.178 -1.508  9.652   1.00 19.56 ? 103 PHE A CA  1 
ATOM   810  C  C   . PHE A 1 103 ? -9.653  -1.986  10.995  1.00 20.38 ? 103 PHE A C   1 
ATOM   811  O  O   . PHE A 1 103 ? -9.594  -1.231  11.966  1.00 20.24 ? 103 PHE A O   1 
ATOM   812  C  CB  . PHE A 1 103 ? -9.009  -1.514  8.663   1.00 18.10 ? 103 PHE A CB  1 
ATOM   813  C  CG  . PHE A 1 103 ? -7.895  -0.571  9.052   1.00 19.44 ? 103 PHE A CG  1 
ATOM   814  C  CD1 . PHE A 1 103 ? -7.987  0.790   8.776   1.00 19.19 ? 103 PHE A CD1 1 
ATOM   815  C  CD2 . PHE A 1 103 ? -6.799  -1.034  9.774   1.00 18.32 ? 103 PHE A CD2 1 
ATOM   816  C  CE1 . PHE A 1 103 ? -7.006  1.682   9.220   1.00 18.80 ? 103 PHE A CE1 1 
ATOM   817  C  CE2 . PHE A 1 103 ? -5.812  -0.156  10.223  1.00 21.91 ? 103 PHE A CE2 1 
ATOM   818  C  CZ  . PHE A 1 103 ? -5.915  1.208   9.947   1.00 18.90 ? 103 PHE A CZ  1 
ATOM   819  N  N   . HIS A 1 104 ? -9.262  -3.256  11.026  1.00 19.96 ? 104 HIS A N   1 
ATOM   820  C  CA  . HIS A 1 104 ? -8.678  -3.869  12.209  1.00 19.20 ? 104 HIS A CA  1 
ATOM   821  C  C   . HIS A 1 104 ? -7.227  -4.109  11.820  1.00 20.45 ? 104 HIS A C   1 
ATOM   822  O  O   . HIS A 1 104 ? -6.950  -4.838  10.866  1.00 17.28 ? 104 HIS A O   1 
ATOM   823  C  CB  . HIS A 1 104 ? -9.365  -5.200  12.520  1.00 20.63 ? 104 HIS A CB  1 
ATOM   824  C  CG  . HIS A 1 104 ? -10.798 -5.051  12.920  1.00 22.17 ? 104 HIS A CG  1 
ATOM   825  N  ND1 . HIS A 1 104 ? -11.179 -4.614  14.171  1.00 23.33 ? 104 HIS A ND1 1 
ATOM   826  C  CD2 . HIS A 1 104 ? -11.941 -5.217  12.214  1.00 21.92 ? 104 HIS A CD2 1 
ATOM   827  C  CE1 . HIS A 1 104 ? -12.495 -4.516  14.217  1.00 24.56 ? 104 HIS A CE1 1 
ATOM   828  N  NE2 . HIS A 1 104 ? -12.981 -4.876  13.043  1.00 24.20 ? 104 HIS A NE2 1 
ATOM   829  N  N   . ILE A 1 105 ? -6.307  -3.480  12.544  1.00 19.44 ? 105 ILE A N   1 
ATOM   830  C  CA  . ILE A 1 105 ? -4.889  -3.627  12.246  1.00 20.51 ? 105 ILE A CA  1 
ATOM   831  C  C   . ILE A 1 105 ? -4.488  -5.102  12.183  1.00 20.03 ? 105 ILE A C   1 
ATOM   832  O  O   . ILE A 1 105 ? -3.632  -5.488  11.382  1.00 20.13 ? 105 ILE A O   1 
ATOM   833  C  CB  . ILE A 1 105 ? -4.022  -2.885  13.300  1.00 21.83 ? 105 ILE A CB  1 
ATOM   834  C  CG1 . ILE A 1 105 ? -2.548  -2.913  12.881  1.00 25.38 ? 105 ILE A CG1 1 
ATOM   835  C  CG2 . ILE A 1 105 ? -4.206  -3.519  14.671  1.00 21.98 ? 105 ILE A CG2 1 
ATOM   836  C  CD1 . ILE A 1 105 ? -2.276  -2.246  11.536  1.00 27.36 ? 105 ILE A CD1 1 
ATOM   837  N  N   . GLU A 1 106 ? -5.116  -5.929  13.013  1.00 19.51 ? 106 GLU A N   1 
ATOM   838  C  CA  . GLU A 1 106 ? -4.803  -7.353  13.026  1.00 18.85 ? 106 GLU A CA  1 
ATOM   839  C  C   . GLU A 1 106 ? -5.089  -8.021  11.679  1.00 18.30 ? 106 GLU A C   1 
ATOM   840  O  O   . GLU A 1 106 ? -4.352  -8.918  11.262  1.00 17.58 ? 106 GLU A O   1 
ATOM   841  C  CB  . GLU A 1 106 ? -5.582  -8.071  14.133  1.00 22.16 ? 106 GLU A CB  1 
ATOM   842  C  CG  . GLU A 1 106 ? -5.255  -7.582  15.536  1.00 23.77 ? 106 GLU A CG  1 
ATOM   843  C  CD  . GLU A 1 106 ? -6.173  -6.473  16.003  1.00 25.21 ? 106 GLU A CD  1 
ATOM   844  O  OE1 . GLU A 1 106 ? -6.737  -5.755  15.148  1.00 25.57 ? 106 GLU A OE1 1 
ATOM   845  O  OE2 . GLU A 1 106 ? -6.325  -6.313  17.231  1.00 28.68 ? 106 GLU A OE2 1 
ATOM   846  N  N   . GLU A 1 107 ? -6.151  -7.593  11.000  1.00 17.86 ? 107 GLU A N   1 
ATOM   847  C  CA  . GLU A 1 107 ? -6.483  -8.182  9.704   1.00 17.72 ? 107 GLU A CA  1 
ATOM   848  C  C   . GLU A 1 107 ? -5.540  -7.686  8.613   1.00 17.69 ? 107 GLU A C   1 
ATOM   849  O  O   . GLU A 1 107 ? -5.128  -8.452  7.743   1.00 15.05 ? 107 GLU A O   1 
ATOM   850  C  CB  . GLU A 1 107 ? -7.924  -7.863  9.297   1.00 17.62 ? 107 GLU A CB  1 
ATOM   851  C  CG  . GLU A 1 107 ? -8.310  -8.529  7.978   1.00 14.70 ? 107 GLU A CG  1 
ATOM   852  C  CD  . GLU A 1 107 ? -9.702  -8.160  7.490   1.00 17.77 ? 107 GLU A CD  1 
ATOM   853  O  OE1 . GLU A 1 107 ? -10.499 -7.604  8.280   1.00 15.86 ? 107 GLU A OE1 1 
ATOM   854  O  OE2 . GLU A 1 107 ? -9.998  -8.442  6.307   1.00 17.41 ? 107 GLU A OE2 1 
ATOM   855  N  N   . VAL A 1 108 ? -5.205  -6.399  8.657   1.00 17.38 ? 108 VAL A N   1 
ATOM   856  C  CA  . VAL A 1 108 ? -4.303  -5.830  7.666   1.00 18.12 ? 108 VAL A CA  1 
ATOM   857  C  C   . VAL A 1 108 ? -2.961  -6.533  7.781   1.00 18.54 ? 108 VAL A C   1 
ATOM   858  O  O   . VAL A 1 108 ? -2.349  -6.907  6.780   1.00 18.63 ? 108 VAL A O   1 
ATOM   859  C  CB  . VAL A 1 108 ? -4.097  -4.322  7.895   1.00 19.42 ? 108 VAL A CB  1 
ATOM   860  C  CG1 . VAL A 1 108 ? -3.035  -3.783  6.929   1.00 19.13 ? 108 VAL A CG1 1 
ATOM   861  C  CG2 . VAL A 1 108 ? -5.419  -3.587  7.699   1.00 18.87 ? 108 VAL A CG2 1 
HETATM 862  N  N   . MSE A 1 109 ? -2.521  -6.712  9.019   1.00 19.42 ? 109 MSE A N   1 
HETATM 863  C  CA  . MSE A 1 109 ? -1.254  -7.368  9.321   1.00 21.54 ? 109 MSE A CA  1 
HETATM 864  C  C   . MSE A 1 109 ? -1.290  -8.806  8.772   1.00 19.22 ? 109 MSE A C   1 
HETATM 865  O  O   . MSE A 1 109 ? -0.341  -9.265  8.133   1.00 18.04 ? 109 MSE A O   1 
HETATM 866  C  CB  . MSE A 1 109 ? -1.052  -7.379  10.842  1.00 23.74 ? 109 MSE A CB  1 
HETATM 867  C  CG  . MSE A 1 109 ? 0.386   -7.444  11.320  1.00 33.29 ? 109 MSE A CG  1 
HETATM 868  SE SE  . MSE A 1 109 ? 1.385   -5.800  11.051  1.00 35.76 ? 109 MSE A SE  1 
HETATM 869  C  CE  . MSE A 1 109 ? 0.568   -4.691  12.395  1.00 36.83 ? 109 MSE A CE  1 
ATOM   870  N  N   . ALA A 1 110 ? -2.386  -9.516  9.022   1.00 17.97 ? 110 ALA A N   1 
ATOM   871  C  CA  . ALA A 1 110 ? -2.519  -10.890 8.538   1.00 16.81 ? 110 ALA A CA  1 
ATOM   872  C  C   . ALA A 1 110 ? -2.529  -10.927 7.010   1.00 16.83 ? 110 ALA A C   1 
ATOM   873  O  O   . ALA A 1 110 ? -2.004  -11.858 6.403   1.00 17.24 ? 110 ALA A O   1 
ATOM   874  C  CB  . ALA A 1 110 ? -3.799  -11.521 9.083   1.00 17.59 ? 110 ALA A CB  1 
ATOM   875  N  N   . ARG A 1 111 ? -3.123  -9.916  6.386   1.00 14.13 ? 111 ARG A N   1 
ATOM   876  C  CA  . ARG A 1 111 ? -3.164  -9.884  4.930   1.00 16.13 ? 111 ARG A CA  1 
ATOM   877  C  C   . ARG A 1 111 ? -1.806  -9.540  4.338   1.00 16.08 ? 111 ARG A C   1 
ATOM   878  O  O   . ARG A 1 111 ? -1.457  -10.011 3.257   1.00 17.33 ? 111 ARG A O   1 
ATOM   879  C  CB  . ARG A 1 111 ? -4.240  -8.910  4.452   1.00 15.79 ? 111 ARG A CB  1 
ATOM   880  C  CG  . ARG A 1 111 ? -5.643  -9.474  4.664   1.00 18.46 ? 111 ARG A CG  1 
ATOM   881  C  CD  . ARG A 1 111 ? -6.733  -8.498  4.265   1.00 15.82 ? 111 ARG A CD  1 
ATOM   882  N  NE  . ARG A 1 111 ? -8.053  -9.103  4.414   1.00 16.56 ? 111 ARG A NE  1 
ATOM   883  C  CZ  . ARG A 1 111 ? -8.593  -9.968  3.559   1.00 16.89 ? 111 ARG A CZ  1 
ATOM   884  N  NH1 . ARG A 1 111 ? -7.934  -10.345 2.470   1.00 14.16 ? 111 ARG A NH1 1 
ATOM   885  N  NH2 . ARG A 1 111 ? -9.798  -10.468 3.803   1.00 15.72 ? 111 ARG A NH2 1 
HETATM 886  N  N   . MSE A 1 112 ? -1.034  -8.726  5.051   1.00 17.61 ? 112 MSE A N   1 
HETATM 887  C  CA  . MSE A 1 112 ? 0.308   -8.374  4.592   1.00 19.03 ? 112 MSE A CA  1 
HETATM 888  C  C   . MSE A 1 112 ? 1.183   -9.624  4.675   1.00 19.27 ? 112 MSE A C   1 
HETATM 889  O  O   . MSE A 1 112 ? 1.980   -9.905  3.780   1.00 17.81 ? 112 MSE A O   1 
HETATM 890  C  CB  . MSE A 1 112 ? 0.915   -7.278  5.474   1.00 20.57 ? 112 MSE A CB  1 
HETATM 891  C  CG  . MSE A 1 112 ? 0.386   -5.891  5.199   1.00 25.33 ? 112 MSE A CG  1 
HETATM 892  SE SE  . MSE A 1 112 ? 1.281   -4.577  6.302   1.00 34.10 ? 112 MSE A SE  1 
HETATM 893  C  CE  . MSE A 1 112 ? 3.095   -4.886  5.728   1.00 24.64 ? 112 MSE A CE  1 
ATOM   894  N  N   . GLN A 1 113 ? 1.027   -10.371 5.762   1.00 21.01 ? 113 GLN A N   1 
ATOM   895  C  CA  . GLN A 1 113 ? 1.799   -11.590 5.961   1.00 22.06 ? 113 GLN A CA  1 
ATOM   896  C  C   . GLN A 1 113 ? 1.463   -12.626 4.899   1.00 21.12 ? 113 GLN A C   1 
ATOM   897  O  O   . GLN A 1 113 ? 2.342   -13.354 4.439   1.00 19.23 ? 113 GLN A O   1 
ATOM   898  C  CB  . GLN A 1 113 ? 1.537   -12.151 7.360   1.00 26.02 ? 113 GLN A CB  1 
ATOM   899  C  CG  . GLN A 1 113 ? 2.036   -11.234 8.467   1.00 32.77 ? 113 GLN A CG  1 
ATOM   900  C  CD  . GLN A 1 113 ? 1.666   -11.715 9.856   1.00 37.05 ? 113 GLN A CD  1 
ATOM   901  O  OE1 . GLN A 1 113 ? 1.959   -11.048 10.853  1.00 39.76 ? 113 GLN A OE1 1 
ATOM   902  N  NE2 . GLN A 1 113 ? 1.019   -12.875 9.933   1.00 39.14 ? 113 GLN A NE2 1 
ATOM   903  N  N   . ALA A 1 114 ? 0.193   -12.696 4.506   1.00 19.57 ? 114 ALA A N   1 
ATOM   904  C  CA  . ALA A 1 114 ? -0.213  -13.644 3.473   1.00 19.54 ? 114 ALA A CA  1 
ATOM   905  C  C   . ALA A 1 114 ? 0.527   -13.310 2.176   1.00 18.72 ? 114 ALA A C   1 
ATOM   906  O  O   . ALA A 1 114 ? 1.051   -14.199 1.511   1.00 19.78 ? 114 ALA A O   1 
ATOM   907  C  CB  . ALA A 1 114 ? -1.722  -13.579 3.252   1.00 18.45 ? 114 ALA A CB  1 
ATOM   908  N  N   . LEU A 1 115 ? 0.574   -12.027 1.823   1.00 17.27 ? 115 LEU A N   1 
ATOM   909  C  CA  . LEU A 1 115 ? 1.269   -11.604 0.607   1.00 18.14 ? 115 LEU A CA  1 
ATOM   910  C  C   . LEU A 1 115 ? 2.777   -11.854 0.715   1.00 20.75 ? 115 LEU A C   1 
ATOM   911  O  O   . LEU A 1 115 ? 3.387   -12.408 -0.202  1.00 19.12 ? 115 LEU A O   1 
ATOM   912  C  CB  . LEU A 1 115 ? 1.009   -10.119 0.327   1.00 18.46 ? 115 LEU A CB  1 
ATOM   913  C  CG  . LEU A 1 115 ? -0.397  -9.744  -0.159  1.00 18.93 ? 115 LEU A CG  1 
ATOM   914  C  CD1 . LEU A 1 115 ? -0.576  -8.231  -0.136  1.00 18.66 ? 115 LEU A CD1 1 
ATOM   915  C  CD2 . LEU A 1 115 ? -0.616  -10.289 -1.564  1.00 20.08 ? 115 LEU A CD2 1 
HETATM 916  N  N   . MSE A 1 116 ? 3.369   -11.453 1.837   1.00 21.77 ? 116 MSE A N   1 
HETATM 917  C  CA  . MSE A 1 116 ? 4.803   -11.629 2.051   1.00 27.36 ? 116 MSE A CA  1 
HETATM 918  C  C   . MSE A 1 116 ? 5.153   -13.112 2.121   1.00 27.22 ? 116 MSE A C   1 
HETATM 919  O  O   . MSE A 1 116 ? 6.122   -13.565 1.515   1.00 26.68 ? 116 MSE A O   1 
HETATM 920  C  CB  . MSE A 1 116 ? 5.231   -10.907 3.339   1.00 32.57 ? 116 MSE A CB  1 
HETATM 921  C  CG  . MSE A 1 116 ? 4.932   -9.401  3.307   1.00 41.51 ? 116 MSE A CG  1 
HETATM 922  SE SE  . MSE A 1 116 ? 5.319   -8.378  4.931   1.00 55.62 ? 116 MSE A SE  1 
HETATM 923  C  CE  . MSE A 1 116 ? 6.981   -7.557  4.382   1.00 49.55 ? 116 MSE A CE  1 
ATOM   924  N  N   . ARG A 1 117 ? 4.335   -13.862 2.845   1.00 27.60 ? 117 ARG A N   1 
ATOM   925  C  CA  . ARG A 1 117 ? 4.520   -15.296 3.013   1.00 29.51 ? 117 ARG A CA  1 
ATOM   926  C  C   . ARG A 1 117 ? 4.682   -15.995 1.666   1.00 29.39 ? 117 ARG A C   1 
ATOM   927  O  O   . ARG A 1 117 ? 5.606   -16.783 1.475   1.00 29.60 ? 117 ARG A O   1 
ATOM   928  C  CB  . ARG A 1 117 ? 3.312   -15.869 3.762   1.00 30.35 ? 117 ARG A CB  1 
ATOM   929  C  CG  . ARG A 1 117 ? 3.374   -17.335 4.105   1.00 31.77 ? 117 ARG A CG  1 
ATOM   930  C  CD  . ARG A 1 117 ? 2.216   -17.683 5.033   1.00 31.54 ? 117 ARG A CD  1 
ATOM   931  N  NE  . ARG A 1 117 ? 0.913   -17.513 4.388   1.00 29.88 ? 117 ARG A NE  1 
ATOM   932  C  CZ  . ARG A 1 117 ? -0.177  -17.069 5.011   1.00 30.33 ? 117 ARG A CZ  1 
ATOM   933  N  NH1 . ARG A 1 117 ? -0.121  -16.738 6.295   1.00 29.58 ? 117 ARG A NH1 1 
ATOM   934  N  NH2 . ARG A 1 117 ? -1.325  -16.966 4.356   1.00 25.20 ? 117 ARG A NH2 1 
ATOM   935  N  N   . ARG A 1 118 ? 3.792   -15.694 0.730   1.00 28.86 ? 118 ARG A N   1 
ATOM   936  C  CA  . ARG A 1 118 ? 3.848   -16.318 -0.583  1.00 30.65 ? 118 ARG A CA  1 
ATOM   937  C  C   . ARG A 1 118 ? 4.923   -15.703 -1.477  1.00 31.77 ? 118 ARG A C   1 
ATOM   938  O  O   . ARG A 1 118 ? 5.596   -16.412 -2.224  1.00 31.85 ? 118 ARG A O   1 
ATOM   939  C  CB  . ARG A 1 118 ? 2.479   -16.225 -1.266  1.00 30.82 ? 118 ARG A CB  1 
ATOM   940  C  CG  . ARG A 1 118 ? 2.407   -16.930 -2.610  1.00 29.17 ? 118 ARG A CG  1 
ATOM   941  C  CD  . ARG A 1 118 ? 0.971   -17.056 -3.078  1.00 29.01 ? 118 ARG A CD  1 
ATOM   942  N  NE  . ARG A 1 118 ? 0.199   -17.960 -2.229  1.00 24.15 ? 118 ARG A NE  1 
ATOM   943  C  CZ  . ARG A 1 118 ? 0.249   -19.286 -2.304  1.00 24.82 ? 118 ARG A CZ  1 
ATOM   944  N  NH1 . ARG A 1 118 ? 1.035   -19.879 -3.198  1.00 22.37 ? 118 ARG A NH1 1 
ATOM   945  N  NH2 . ARG A 1 118 ? -0.487  -20.021 -1.482  1.00 20.41 ? 118 ARG A NH2 1 
ATOM   946  N  N   . ASN A 1 119 ? 5.085   -14.386 -1.385  1.00 31.70 ? 119 ASN A N   1 
ATOM   947  C  CA  . ASN A 1 119 ? 6.070   -13.663 -2.184  1.00 33.05 ? 119 ASN A CA  1 
ATOM   948  C  C   . ASN A 1 119 ? 7.496   -14.159 -1.934  1.00 34.49 ? 119 ASN A C   1 
ATOM   949  O  O   . ASN A 1 119 ? 8.356   -14.060 -2.809  1.00 34.94 ? 119 ASN A O   1 
ATOM   950  C  CB  . ASN A 1 119 ? 5.997   -12.165 -1.866  1.00 34.84 ? 119 ASN A CB  1 
ATOM   951  C  CG  . ASN A 1 119 ? 6.765   -11.308 -2.864  1.00 37.30 ? 119 ASN A CG  1 
ATOM   952  O  OD1 . ASN A 1 119 ? 7.245   -10.223 -2.527  1.00 39.40 ? 119 ASN A OD1 1 
ATOM   953  N  ND2 . ASN A 1 119 ? 6.864   -11.779 -4.100  1.00 37.06 ? 119 ASN A ND2 1 
ATOM   954  N  N   . SER A 1 120 ? 7.750   -14.696 -0.744  1.00 34.59 ? 120 SER A N   1 
ATOM   955  C  CA  . SER A 1 120 ? 9.091   -15.165 -0.415  1.00 35.72 ? 120 SER A CA  1 
ATOM   956  C  C   . SER A 1 120 ? 9.174   -16.606 0.080   1.00 35.54 ? 120 SER A C   1 
ATOM   957  O  O   . SER A 1 120 ? 10.140  -16.971 0.751   1.00 35.42 ? 120 SER A O   1 
ATOM   958  C  CB  . SER A 1 120 ? 9.710   -14.248 0.639   1.00 35.68 ? 120 SER A CB  1 
ATOM   959  O  OG  . SER A 1 120 ? 9.010   -14.356 1.866   1.00 38.08 ? 120 SER A OG  1 
ATOM   960  N  N   . GLN A 1 121 ? 8.181   -17.429 -0.242  1.00 35.34 ? 121 GLN A N   1 
ATOM   961  C  CA  . GLN A 1 121 ? 8.218   -18.819 0.207   1.00 36.55 ? 121 GLN A CA  1 
ATOM   962  C  C   . GLN A 1 121 ? 9.387   -19.548 -0.453  1.00 35.99 ? 121 GLN A C   1 
ATOM   963  O  O   . GLN A 1 121 ? 9.851   -19.074 -1.512  1.00 35.04 ? 121 GLN A O   1 
ATOM   964  C  CB  . GLN A 1 121 ? 6.911   -19.536 -0.137  1.00 37.80 ? 121 GLN A CB  1 
ATOM   965  C  CG  . GLN A 1 121 ? 6.603   -19.592 -1.624  1.00 41.10 ? 121 GLN A CG  1 
ATOM   966  C  CD  . GLN A 1 121 ? 5.397   -20.460 -1.943  1.00 43.44 ? 121 GLN A CD  1 
ATOM   967  O  OE1 . GLN A 1 121 ? 4.897   -20.455 -3.068  1.00 44.98 ? 121 GLN A OE1 1 
ATOM   968  N  NE2 . GLN A 1 121 ? 4.930   -21.218 -0.956  1.00 43.34 ? 121 GLN A NE2 1 
ATOM   969  O  OXT . GLN A 1 121 ? 9.811   -20.588 0.088   1.00 34.04 ? 121 GLN A OXT 1 
HETATM 970  PT PT  . PT  B 2 .   ? -4.315  5.026   14.100  0.50 26.94 ? 201 PT  A PT  1 
HETATM 971  PT PT  . PT  C 2 .   ? 1.462   -5.296  8.640   0.50 22.05 ? 202 PT  A PT  1 
HETATM 972  PT PT  . PT  D 2 .   ? 6.568   -8.960  7.217   0.50 49.78 ? 203 PT  A PT  1 
HETATM 973  MG MG  . MG  E 3 .   ? -6.356  9.540   1.695   1.00 26.13 ? 204 MG  A MG  1 
HETATM 974  BE BE  . BEF F 4 .   ? -8.148  6.807   1.163   1.00 20.76 ? 205 BEF A BE  1 
HETATM 975  F  F1  . BEF F 4 .   ? -8.246  8.285   1.030   1.00 21.02 ? 205 BEF A F1  1 
HETATM 976  F  F2  . BEF F 4 .   ? -8.751  6.156   -0.045  1.00 19.32 ? 205 BEF A F2  1 
HETATM 977  F  F3  . BEF F 4 .   ? -8.845  6.361   2.412   1.00 17.57 ? 205 BEF A F3  1 
HETATM 978  O  O   . HOH G 5 .   ? -3.422  -10.509 1.218   1.00 18.49 ? 206 HOH A O   1 
HETATM 979  O  O   . HOH G 5 .   ? 1.433   13.311  -5.825  1.00 23.40 ? 207 HOH A O   1 
HETATM 980  O  O   . HOH G 5 .   ? 10.035  7.318   5.504   1.00 24.94 ? 208 HOH A O   1 
HETATM 981  O  O   . HOH G 5 .   ? -4.313  -11.633 -3.099  1.00 25.49 ? 209 HOH A O   1 
HETATM 982  O  O   . HOH G 5 .   ? -0.778  12.325  -4.897  1.00 28.42 ? 210 HOH A O   1 
HETATM 983  O  O   . HOH G 5 .   ? 11.859  2.026   9.350   1.00 31.31 ? 211 HOH A O   1 
HETATM 984  O  O   . HOH G 5 .   ? 0.126   13.959  5.465   1.00 44.67 ? 212 HOH A O   1 
HETATM 985  O  O   . HOH G 5 .   ? -13.048 -7.259  7.745   1.00 20.86 ? 213 HOH A O   1 
HETATM 986  O  O   . HOH G 5 .   ? 10.249  -5.936  -4.361  1.00 32.92 ? 214 HOH A O   1 
HETATM 987  O  O   . HOH G 5 .   ? -10.151 -4.839  8.779   1.00 23.66 ? 215 HOH A O   1 
HETATM 988  O  O   . HOH G 5 .   ? -11.900 -3.437  7.018   1.00 19.41 ? 216 HOH A O   1 
HETATM 989  O  O   . HOH G 5 .   ? -2.592  -10.333 12.829  1.00 31.39 ? 217 HOH A O   1 
HETATM 990  O  O   . HOH G 5 .   ? 8.537   -7.907  -4.021  1.00 35.42 ? 218 HOH A O   1 
HETATM 991  O  O   . HOH G 5 .   ? 9.698   -4.418  -9.469  1.00 28.60 ? 219 HOH A O   1 
HETATM 992  O  O   . HOH G 5 .   ? -17.191 4.408   -0.287  1.00 20.37 ? 220 HOH A O   1 
HETATM 993  O  O   . HOH G 5 .   ? 5.033   11.081  -9.981  1.00 44.92 ? 221 HOH A O   1 
HETATM 994  O  O   . HOH G 5 .   ? -8.914  -1.707  -13.746 1.00 23.13 ? 222 HOH A O   1 
HETATM 995  O  O   . HOH G 5 .   ? -10.056 -7.817  1.813   1.00 22.04 ? 223 HOH A O   1 
HETATM 996  O  O   . HOH G 5 .   ? 2.368   -12.559 -2.901  1.00 22.46 ? 224 HOH A O   1 
HETATM 997  O  O   . HOH G 5 .   ? 5.894   11.822  4.820   1.00 40.06 ? 225 HOH A O   1 
HETATM 998  O  O   . HOH G 5 .   ? 0.896   16.381  -0.465  1.00 30.87 ? 226 HOH A O   1 
HETATM 999  O  O   . HOH G 5 .   ? -8.846  8.547   -5.996  1.00 48.18 ? 227 HOH A O   1 
HETATM 1000 O  O   . HOH G 5 .   ? -9.849  2.064   11.335  1.00 20.76 ? 228 HOH A O   1 
HETATM 1001 O  O   . HOH G 5 .   ? -1.109  -0.397  -15.779 1.00 30.02 ? 229 HOH A O   1 
HETATM 1002 O  O   . HOH G 5 .   ? -7.936  7.803   6.741   1.00 22.77 ? 230 HOH A O   1 
HETATM 1003 O  O   . HOH G 5 .   ? 13.377  4.038   0.111   1.00 34.03 ? 231 HOH A O   1 
HETATM 1004 O  O   . HOH G 5 .   ? 9.637   6.002   12.727  1.00 32.77 ? 232 HOH A O   1 
HETATM 1005 O  O   . HOH G 5 .   ? -7.492  10.871  -4.910  1.00 27.44 ? 233 HOH A O   1 
HETATM 1006 O  O   . HOH G 5 .   ? 9.692   -21.306 2.639   1.00 30.51 ? 234 HOH A O   1 
HETATM 1007 O  O   . HOH G 5 .   ? 10.516  -1.644  -12.946 1.00 48.32 ? 235 HOH A O   1 
HETATM 1008 O  O   . HOH G 5 .   ? -3.153  13.661  11.019  1.00 28.32 ? 236 HOH A O   1 
HETATM 1009 O  O   . HOH G 5 .   ? 13.487  2.948   5.836   1.00 54.50 ? 237 HOH A O   1 
HETATM 1010 O  O   . HOH G 5 .   ? -3.972  3.442   3.952   1.00 17.41 ? 238 HOH A O   1 
HETATM 1011 O  O   . HOH G 5 .   ? -6.178  5.802   -13.601 1.00 35.27 ? 239 HOH A O   1 
HETATM 1012 O  O   . HOH G 5 .   ? -12.526 -5.255  1.268   1.00 30.32 ? 240 HOH A O   1 
HETATM 1013 O  O   . HOH G 5 .   ? -6.742  13.011  -6.427  1.00 40.78 ? 241 HOH A O   1 
HETATM 1014 O  O   . HOH G 5 .   ? -3.577  10.467  -13.231 1.00 46.92 ? 242 HOH A O   1 
HETATM 1015 O  O   . HOH G 5 .   ? 12.197  5.225   10.500  1.00 44.55 ? 243 HOH A O   1 
HETATM 1016 O  O   . HOH G 5 .   ? -5.447  10.825  -10.282 1.00 42.69 ? 244 HOH A O   1 
HETATM 1017 O  O   . HOH G 5 .   ? 11.729  9.048   -10.479 1.00 52.02 ? 245 HOH A O   1 
HETATM 1018 O  O   . HOH G 5 .   ? 12.202  -2.119  12.795  1.00 58.48 ? 246 HOH A O   1 
HETATM 1019 O  O   . HOH G 5 .   ? -10.183 10.470  0.925   1.00 50.10 ? 247 HOH A O   1 
HETATM 1020 O  O   . HOH G 5 .   ? -1.469  -14.365 7.387   1.00 20.29 ? 248 HOH A O   1 
HETATM 1021 O  O   . HOH G 5 .   ? -12.131 -4.834  4.158   1.00 18.49 ? 249 HOH A O   1 
HETATM 1022 O  O   . HOH G 5 .   ? -2.142  -11.804 -4.762  1.00 26.16 ? 250 HOH A O   1 
HETATM 1023 O  O   . HOH G 5 .   ? -3.036  -1.906  -14.690 1.00 30.71 ? 251 HOH A O   1 
HETATM 1024 O  O   . HOH G 5 .   ? -1.485  3.107   3.195   1.00 25.56 ? 252 HOH A O   1 
HETATM 1025 O  O   . HOH G 5 .   ? -16.390 3.532   -3.250  1.00 27.85 ? 253 HOH A O   1 
HETATM 1026 O  O   . HOH G 5 .   ? -7.196  -1.707  14.556  1.00 30.67 ? 254 HOH A O   1 
HETATM 1027 O  O   . HOH G 5 .   ? 15.321  6.213   1.134   1.00 47.08 ? 255 HOH A O   1 
HETATM 1028 O  O   . HOH G 5 .   ? -14.534 -1.130  6.713   1.00 23.88 ? 256 HOH A O   1 
HETATM 1029 O  O   . HOH G 5 .   ? -7.556  7.148   -11.433 1.00 38.75 ? 257 HOH A O   1 
HETATM 1030 O  O   . HOH G 5 .   ? -9.042  -4.335  16.030  1.00 31.06 ? 258 HOH A O   1 
HETATM 1031 O  O   . HOH G 5 .   ? -0.396  14.649  1.755   1.00 28.68 ? 259 HOH A O   1 
HETATM 1032 O  O   . HOH G 5 .   ? 1.247   13.721  -8.402  1.00 46.32 ? 260 HOH A O   1 
HETATM 1033 O  O   . HOH G 5 .   ? 2.866   -18.973 -5.096  1.00 39.05 ? 261 HOH A O   1 
HETATM 1034 O  O   . HOH G 5 .   ? -11.379 -7.388  4.329   1.00 24.56 ? 262 HOH A O   1 
HETATM 1035 O  O   . HOH G 5 .   ? 7.156   -9.167  -6.006  1.00 34.35 ? 263 HOH A O   1 
HETATM 1036 O  O   . HOH G 5 .   ? -15.654 -2.203  -11.556 1.00 33.17 ? 264 HOH A O   1 
HETATM 1037 O  O   . HOH G 5 .   ? 3.312   -20.075 0.953   1.00 54.39 ? 265 HOH A O   1 
HETATM 1038 O  O   . HOH G 5 .   ? -3.244  1.647   12.803  1.00 36.88 ? 266 HOH A O   1 
HETATM 1039 O  O   . HOH G 5 .   ? -8.308  10.330  5.295   1.00 29.74 ? 267 HOH A O   1 
HETATM 1040 O  O   . HOH G 5 .   ? -2.955  14.795  7.623   1.00 25.55 ? 268 HOH A O   1 
HETATM 1041 O  O   . HOH G 5 .   ? 8.350   10.941  4.603   1.00 50.48 ? 269 HOH A O   1 
HETATM 1042 O  O   . HOH G 5 .   ? -14.927 -4.201  3.243   1.00 32.32 ? 270 HOH A O   1 
HETATM 1043 O  O   . HOH G 5 .   ? -3.637  3.259   15.017  1.00 18.31 ? 271 HOH A O   1 
HETATM 1044 O  O   . HOH G 5 .   ? -6.042  -0.739  -15.437 1.00 34.99 ? 272 HOH A O   1 
HETATM 1045 O  O   . HOH G 5 .   ? -6.940  16.656  -5.174  1.00 63.76 ? 273 HOH A O   1 
HETATM 1046 O  O   . HOH G 5 .   ? 13.702  -4.957  -1.359  1.00 64.67 ? 274 HOH A O   1 
HETATM 1047 O  O   . HOH G 5 .   ? -4.756  15.179  2.719   1.00 51.64 ? 275 HOH A O   1 
HETATM 1048 O  O   . HOH G 5 .   ? 7.368   -22.713 2.806   1.00 48.28 ? 276 HOH A O   1 
HETATM 1049 O  O   . HOH G 5 .   ? -6.583  13.334  -0.789  1.00 39.78 ? 277 HOH A O   1 
HETATM 1050 O  O   . HOH G 5 .   ? 12.581  4.491   7.951   1.00 39.46 ? 278 HOH A O   1 
HETATM 1051 O  O   . HOH G 5 .   ? 7.228   -17.818 3.335   1.00 33.73 ? 279 HOH A O   1 
HETATM 1052 O  O   . HOH G 5 .   ? 5.961   -23.693 0.159   1.00 50.52 ? 280 HOH A O   1 
HETATM 1053 O  O   . HOH G 5 .   ? 2.963   -4.367  15.156  1.00 37.82 ? 281 HOH A O   1 
HETATM 1054 O  O   . HOH G 5 .   ? -6.232  3.870   13.154  1.00 19.51 ? 282 HOH A O   1 
HETATM 1055 O  O   . HOH G 5 .   ? -4.888  7.006   13.178  1.00 20.52 ? 283 HOH A O   1 
HETATM 1056 O  O   . HOH G 5 .   ? 14.716  -4.013  -13.031 1.00 29.43 ? 284 HOH A O   1 
HETATM 1057 O  O   . HOH G 5 .   ? 14.390  -3.192  -15.328 1.00 27.65 ? 285 HOH A O   1 
HETATM 1058 O  O   . HOH G 5 .   ? 13.700  -2.580  -10.547 1.00 56.61 ? 286 HOH A O   1 
HETATM 1059 O  O   . HOH G 5 .   ? 14.887  1.552   -6.628  1.00 62.36 ? 287 HOH A O   1 
HETATM 1060 O  O   . HOH G 5 .   ? 7.349   3.761   -12.024 1.00 42.89 ? 288 HOH A O   1 
HETATM 1061 O  O   . HOH G 5 .   ? 8.501   5.594   -10.482 1.00 50.39 ? 289 HOH A O   1 
HETATM 1062 O  O   . HOH G 5 .   ? 11.091  -2.519  -10.486 1.00 43.19 ? 290 HOH A O   1 
HETATM 1063 O  O   . HOH G 5 .   ? -7.830  11.268  1.596   1.00 16.00 ? 291 HOH A O   1 
HETATM 1064 O  O   . HOH G 5 .   ? -6.756  8.838   3.845   1.00 16.19 ? 292 HOH A O   1 
HETATM 1065 O  O   . HOH G 5 .   ? -9.801  11.076  7.890   1.00 40.47 ? 293 HOH A O   1 
HETATM 1066 O  O   . HOH G 5 .   ? -10.105 8.523   4.079   1.00 35.81 ? 294 HOH A O   1 
HETATM 1067 O  O   . HOH G 5 .   ? 5.743   11.658  7.823   1.00 35.83 ? 295 HOH A O   1 
HETATM 1068 O  O   . HOH G 5 .   ? -15.439 6.211   -6.054  1.00 49.40 ? 296 HOH A O   1 
HETATM 1069 O  O   . HOH G 5 .   ? -13.701 -2.895  -13.685 1.00 36.23 ? 297 HOH A O   1 
HETATM 1070 O  O   . HOH G 5 .   ? -11.385 -8.665  -12.749 1.00 60.47 ? 298 HOH A O   1 
HETATM 1071 O  O   . HOH G 5 .   ? -8.583  12.515  -2.941  1.00 54.34 ? 299 HOH A O   1 
HETATM 1072 O  O   . HOH G 5 .   ? -10.435 11.683  -1.426  1.00 71.55 ? 300 HOH A O   1 
HETATM 1073 O  O   . HOH G 5 .   ? -19.026 2.751   -7.658  1.00 47.61 ? 301 HOH A O   1 
HETATM 1074 O  O   . HOH G 5 .   ? -19.170 2.344   -10.643 1.00 54.21 ? 302 HOH A O   1 
HETATM 1075 O  O   . HOH G 5 .   ? 1.966   18.466  3.534   1.00 44.37 ? 303 HOH A O   1 
HETATM 1076 O  O   . HOH G 5 .   ? -0.406  -13.565 -3.590  0.50 45.02 ? 304 HOH A O   1 
HETATM 1077 O  O   . HOH G 5 .   ? -1.961  -9.878  -8.322  1.00 26.31 ? 305 HOH A O   1 
HETATM 1078 O  O   . HOH G 5 .   ? -0.320  -6.548  -11.421 1.00 33.43 ? 306 HOH A O   1 
HETATM 1079 O  O   . HOH G 5 .   ? 10.283  2.013   -0.119  1.00 35.50 ? 307 HOH A O   1 
HETATM 1080 O  O   . HOH G 5 .   ? 14.549  5.272   3.310   1.00 48.81 ? 308 HOH A O   1 
HETATM 1081 O  O   . HOH G 5 .   ? 12.317  6.146   5.687   1.00 48.89 ? 309 HOH A O   1 
HETATM 1082 O  O   . HOH G 5 .   ? 7.485   1.532   18.645  1.00 38.47 ? 310 HOH A O   1 
HETATM 1083 O  O   . HOH G 5 .   ? 2.381   11.627  -9.339  1.00 52.25 ? 311 HOH A O   1 
HETATM 1084 O  O   . HOH G 5 .   ? -1.822  5.844   -14.325 1.00 29.76 ? 312 HOH A O   1 
HETATM 1085 O  O   . HOH G 5 .   ? -0.992  4.314   -16.378 1.00 41.18 ? 313 HOH A O   1 
HETATM 1086 O  O   . HOH G 5 .   ? 9.760   -5.819  -11.427 1.00 27.47 ? 314 HOH A O   1 
# 
